data_2D32
#
_entry.id   2D32
#
_cell.length_a   325.530
_cell.length_b   325.530
_cell.length_c   105.003
_cell.angle_alpha   90.00
_cell.angle_beta   90.00
_cell.angle_gamma   120.00
#
_symmetry.space_group_name_H-M   'H 3'
#
loop_
_entity.id
_entity.type
_entity.pdbx_description
1 polymer 'Glutamate--cysteine ligase'
2 non-polymer 'MAGNESIUM ION'
3 non-polymer 'GLUTAMIC ACID'
4 non-polymer CYSTEINE
5 non-polymer 'PHOSPHOAMINOPHOSPHONIC ACID-ADENYLATE ESTER'
6 water water
#
_entity_poly.entity_id   1
_entity_poly.type   'polypeptide(L)'
_entity_poly.pdbx_seq_one_letter_code
;MIPDVSQALAWLEKHPQALKGIQRGLERETLRVNADGTLATTGHPEALGSALTHKWITTDFAEALLEFITPVDGDIEHML
TFMRDLHRYTARNMGDERMWPLSMPSYIAEGQDIELAQYGTSNTGRFKTLYREGLKNRYGALMQTISGVHYNFSLPMAFW
QAKSGDISGADAKEKISAGYFRVIRNYYRFGWVIPYLFGASPAISSSFLQGKPTSLPFEKTESGMYYLPYATSLRLSDLG
YTNKSQSNLGITFNDLYEYVAGLKQAIKTPSEEYAKIGIEKDGKRLQINSNVLQIENELYAPIRPKRVTRSGESPSDALL
RGGIEYIEVRSLDINPFSPIGVDEQQVRFLDLFMVWCALADAPEMSSSELACTRVNWNRVILEGRKPGLTLGIGCETAQF
PLPQVGKDLFRDLKRVAQTLDSINGGEAYQKVCDELVACFDNPDLTFSARILRSMIDTGIGGTGKAFAEAYRNLLREEPL
EILREEDFVAEREASERRQQEMEAADTEPFAVWLEKHA
;
_entity_poly.pdbx_strand_id   A,B,C,D
#
# COMPACT_ATOMS: atom_id res chain seq x y z
N MET A 1 37.40 5.38 -2.71
CA MET A 1 35.94 5.53 -2.84
C MET A 1 35.52 5.66 -4.29
N ILE A 2 36.35 6.34 -5.08
CA ILE A 2 36.06 6.53 -6.50
C ILE A 2 36.30 5.21 -7.19
N PRO A 3 35.30 4.71 -7.93
CA PRO A 3 35.53 3.46 -8.62
C PRO A 3 36.65 3.58 -9.65
N ASP A 4 37.07 2.43 -10.17
CA ASP A 4 38.07 2.34 -11.20
C ASP A 4 37.39 2.39 -12.57
N VAL A 5 37.68 3.43 -13.34
CA VAL A 5 36.99 3.68 -14.60
C VAL A 5 38.02 3.69 -15.74
N SER A 6 39.22 3.17 -15.47
CA SER A 6 40.30 3.17 -16.47
C SER A 6 39.93 2.50 -17.80
N GLN A 7 39.12 1.45 -17.72
CA GLN A 7 38.67 0.74 -18.93
C GLN A 7 37.74 1.59 -19.80
N ALA A 8 36.74 2.24 -19.18
CA ALA A 8 35.87 3.16 -19.93
C ALA A 8 36.62 4.44 -20.40
N LEU A 9 37.58 4.91 -19.62
CA LEU A 9 38.36 6.10 -20.01
C LEU A 9 39.26 5.84 -21.23
N ALA A 10 39.91 4.68 -21.24
CA ALA A 10 40.64 4.19 -22.42
C ALA A 10 39.71 3.99 -23.60
N TRP A 11 38.53 3.42 -23.37
CA TRP A 11 37.56 3.40 -24.47
C TRP A 11 37.25 4.82 -25.03
N LEU A 12 37.03 5.78 -24.14
CA LEU A 12 36.73 7.15 -24.55
C LEU A 12 37.91 7.81 -25.28
N GLU A 13 39.12 7.59 -24.78
CA GLU A 13 40.31 8.22 -25.37
C GLU A 13 40.56 7.73 -26.80
N LYS A 14 40.06 6.53 -27.12
CA LYS A 14 40.14 5.96 -28.47
C LYS A 14 39.00 6.42 -29.38
N HIS A 15 37.87 6.77 -28.79
CA HIS A 15 36.74 7.27 -29.56
C HIS A 15 36.33 8.70 -29.17
N PRO A 16 37.23 9.69 -29.38
CA PRO A 16 36.95 11.06 -28.93
C PRO A 16 35.67 11.65 -29.53
N GLN A 17 35.36 11.28 -30.76
CA GLN A 17 34.17 11.77 -31.49
C GLN A 17 32.84 11.19 -30.99
N ALA A 18 32.90 10.21 -30.10
CA ALA A 18 31.73 9.75 -29.35
C ALA A 18 31.08 10.88 -28.50
N LEU A 19 31.85 11.92 -28.18
CA LEU A 19 31.33 13.02 -27.37
C LEU A 19 30.96 14.26 -28.16
N LYS A 20 31.19 14.23 -29.47
CA LYS A 20 30.86 15.38 -30.29
C LYS A 20 29.35 15.57 -30.32
N GLY A 21 28.90 16.76 -29.94
CA GLY A 21 27.48 17.08 -30.08
C GLY A 21 26.61 16.95 -28.83
N ILE A 22 27.20 17.06 -27.62
CA ILE A 22 26.43 17.20 -26.37
C ILE A 22 25.41 18.34 -26.51
N GLN A 23 24.16 18.08 -26.11
CA GLN A 23 23.08 19.07 -26.14
C GLN A 23 22.75 19.51 -24.70
N ARG A 24 22.50 20.81 -24.51
CA ARG A 24 22.29 21.37 -23.16
C ARG A 24 21.14 22.36 -23.12
N GLY A 25 20.54 22.52 -21.97
CA GLY A 25 19.64 23.64 -21.78
C GLY A 25 19.72 24.09 -20.34
N LEU A 26 19.39 25.35 -20.09
CA LEU A 26 19.41 25.86 -18.71
C LEU A 26 18.08 26.43 -18.33
N GLU A 27 17.69 26.23 -17.07
CA GLU A 27 16.58 27.00 -16.51
C GLU A 27 17.12 27.67 -15.30
N ARG A 28 16.71 28.91 -15.05
CA ARG A 28 17.17 29.67 -13.88
C ARG A 28 16.00 30.41 -13.32
N GLU A 29 15.78 30.28 -11.99
CA GLU A 29 14.71 31.01 -11.35
C GLU A 29 15.26 32.18 -10.54
N THR A 30 14.49 33.27 -10.45
CA THR A 30 14.84 34.39 -9.58
C THR A 30 13.58 35.13 -9.16
N LEU A 31 13.51 35.55 -7.91
CA LEU A 31 12.37 36.36 -7.47
C LEU A 31 12.48 37.79 -7.97
N ARG A 32 11.38 38.38 -8.42
CA ARG A 32 11.36 39.83 -8.64
C ARG A 32 11.25 40.49 -7.28
N VAL A 33 12.11 41.46 -7.00
CA VAL A 33 12.10 42.09 -5.69
C VAL A 33 12.15 43.61 -5.82
N ASN A 34 11.72 44.33 -4.79
CA ASN A 34 12.00 45.75 -4.72
C ASN A 34 13.44 45.99 -4.21
N ALA A 35 13.90 47.24 -4.25
CA ALA A 35 15.23 47.61 -3.80
C ALA A 35 15.48 47.14 -2.37
N ASP A 36 14.41 46.92 -1.62
CA ASP A 36 14.52 46.50 -0.25
C ASP A 36 14.61 44.99 -0.07
N GLY A 37 14.49 44.23 -1.16
CA GLY A 37 14.67 42.81 -1.07
C GLY A 37 13.39 42.06 -0.88
N THR A 38 12.28 42.77 -0.79
CA THR A 38 10.99 42.09 -0.60
C THR A 38 10.37 41.79 -1.96
N LEU A 39 9.59 40.71 -2.00
CA LEU A 39 8.96 40.21 -3.22
C LEU A 39 8.10 41.30 -3.79
N ALA A 40 8.27 41.61 -5.06
CA ALA A 40 7.38 42.51 -5.74
C ALA A 40 5.96 41.91 -5.69
N THR A 41 4.95 42.76 -5.57
CA THR A 41 3.57 42.31 -5.50
C THR A 41 2.83 42.76 -6.77
N THR A 42 3.58 43.27 -7.76
CA THR A 42 3.01 43.57 -9.09
C THR A 42 2.82 42.27 -9.91
N GLY A 43 2.05 42.32 -10.99
CA GLY A 43 1.93 41.15 -11.85
C GLY A 43 3.17 40.91 -12.71
N HIS A 44 3.25 39.72 -13.28
CA HIS A 44 4.25 39.38 -14.26
C HIS A 44 4.44 40.56 -15.23
N PRO A 45 5.67 41.09 -15.34
CA PRO A 45 5.81 42.30 -16.20
C PRO A 45 5.17 42.20 -17.60
N GLU A 46 4.44 43.24 -17.99
CA GLU A 46 3.76 43.31 -19.31
C GLU A 46 4.64 43.00 -20.51
N ALA A 47 5.84 43.56 -20.55
CA ALA A 47 6.73 43.35 -21.67
C ALA A 47 7.05 41.85 -21.86
N LEU A 48 6.79 41.03 -20.84
CA LEU A 48 7.13 39.62 -20.96
C LEU A 48 6.00 38.78 -21.50
N GLY A 49 4.82 39.40 -21.69
CA GLY A 49 3.67 38.70 -22.22
C GLY A 49 3.03 37.66 -21.31
N SER A 50 2.67 36.51 -21.90
CA SER A 50 1.95 35.46 -21.16
C SER A 50 2.92 34.44 -20.58
N ALA A 51 3.03 34.41 -19.24
CA ALA A 51 3.86 33.37 -18.58
C ALA A 51 3.41 31.96 -18.98
N LEU A 52 2.10 31.82 -19.22
CA LEU A 52 1.52 30.52 -19.59
C LEU A 52 2.11 29.96 -20.87
N THR A 53 2.28 30.81 -21.86
CA THR A 53 2.63 30.28 -23.19
C THR A 53 3.98 30.72 -23.72
N HIS A 54 4.58 31.77 -23.15
CA HIS A 54 5.86 32.31 -23.64
C HIS A 54 6.90 31.19 -23.83
N LYS A 55 7.80 31.36 -24.79
CA LYS A 55 8.84 30.38 -25.08
C LYS A 55 10.03 30.41 -24.16
N TRP A 56 10.42 31.60 -23.66
CA TRP A 56 11.72 31.64 -22.98
C TRP A 56 11.60 32.06 -21.52
N ILE A 57 10.51 32.78 -21.22
CA ILE A 57 10.33 33.41 -19.93
C ILE A 57 8.98 33.04 -19.35
N THR A 58 8.99 32.48 -18.14
CA THR A 58 7.76 32.09 -17.48
C THR A 58 7.80 32.39 -15.98
N THR A 59 6.90 31.80 -15.20
CA THR A 59 6.95 31.95 -13.75
C THR A 59 7.00 30.55 -13.21
N ASP A 60 7.59 30.37 -12.02
CA ASP A 60 7.56 29.05 -11.41
C ASP A 60 6.35 29.07 -10.42
N PHE A 61 6.58 28.86 -9.12
CA PHE A 61 5.50 28.79 -8.13
C PHE A 61 4.69 30.07 -7.89
N ALA A 62 5.42 31.19 -7.76
CA ALA A 62 4.84 32.46 -7.32
C ALA A 62 4.75 33.39 -8.52
N GLU A 63 3.85 34.35 -8.48
CA GLU A 63 3.75 35.33 -9.55
C GLU A 63 5.06 36.16 -9.63
N ALA A 64 5.78 36.33 -8.51
CA ALA A 64 7.07 37.06 -8.51
C ALA A 64 8.28 36.17 -8.85
N LEU A 65 8.08 34.87 -9.00
CA LEU A 65 9.20 33.98 -9.30
C LEU A 65 9.36 33.74 -10.82
N LEU A 66 10.26 34.52 -11.43
CA LEU A 66 10.61 34.37 -12.83
C LEU A 66 11.38 33.09 -13.08
N GLU A 67 11.20 32.56 -14.29
CA GLU A 67 12.02 31.47 -14.71
C GLU A 67 12.42 31.67 -16.19
N PHE A 68 13.69 31.48 -16.49
CA PHE A 68 14.26 31.67 -17.79
C PHE A 68 14.69 30.33 -18.29
N ILE A 69 14.42 30.06 -19.57
CA ILE A 69 14.64 28.72 -20.17
C ILE A 69 15.30 28.91 -21.51
N THR A 70 16.51 28.39 -21.65
CA THR A 70 17.15 28.38 -22.96
C THR A 70 16.66 27.18 -23.81
N PRO A 71 16.45 27.40 -25.12
CA PRO A 71 16.23 26.29 -26.10
C PRO A 71 17.43 25.35 -26.18
N VAL A 72 17.21 24.06 -26.44
CA VAL A 72 18.33 23.10 -26.40
C VAL A 72 19.39 23.60 -27.38
N ASP A 73 20.65 23.48 -26.98
CA ASP A 73 21.76 24.13 -27.69
C ASP A 73 23.01 23.28 -27.57
N GLY A 74 23.82 23.21 -28.63
CA GLY A 74 25.08 22.48 -28.52
C GLY A 74 26.26 23.39 -28.21
N ASP A 75 26.08 24.72 -28.24
CA ASP A 75 27.17 25.64 -27.91
C ASP A 75 26.94 26.32 -26.52
N ILE A 76 27.88 26.11 -25.59
CA ILE A 76 27.81 26.57 -24.20
C ILE A 76 27.73 28.12 -24.13
N GLU A 77 28.59 28.78 -24.87
CA GLU A 77 28.66 30.22 -24.91
C GLU A 77 27.41 30.83 -25.53
N HIS A 78 26.94 30.25 -26.63
CA HIS A 78 25.70 30.68 -27.22
C HIS A 78 24.54 30.56 -26.24
N MET A 79 24.52 29.47 -25.47
CA MET A 79 23.41 29.22 -24.55
C MET A 79 23.44 30.20 -23.36
N LEU A 80 24.63 30.51 -22.87
CA LEU A 80 24.81 31.47 -21.79
C LEU A 80 24.55 32.91 -22.22
N THR A 81 24.88 33.23 -23.47
CA THR A 81 24.57 34.55 -24.05
C THR A 81 23.05 34.72 -24.20
N PHE A 82 22.39 33.71 -24.71
CA PHE A 82 20.96 33.71 -24.82
C PHE A 82 20.29 33.93 -23.47
N MET A 83 20.69 33.14 -22.48
CA MET A 83 20.26 33.34 -21.10
C MET A 83 20.46 34.78 -20.64
N ARG A 84 21.64 35.34 -20.92
CA ARG A 84 21.88 36.72 -20.51
C ARG A 84 20.97 37.71 -21.22
N ASP A 85 20.71 37.50 -22.52
CA ASP A 85 19.74 38.38 -23.21
C ASP A 85 18.36 38.38 -22.51
N LEU A 86 17.92 37.21 -22.05
CA LEU A 86 16.64 37.15 -21.34
C LEU A 86 16.68 38.02 -20.09
N HIS A 87 17.79 37.94 -19.35
CA HIS A 87 17.98 38.71 -18.14
C HIS A 87 18.08 40.19 -18.50
N ARG A 88 18.81 40.52 -19.58
CA ARG A 88 18.98 41.92 -19.98
C ARG A 88 17.65 42.58 -20.34
N TYR A 89 16.87 41.92 -21.19
CA TYR A 89 15.57 42.49 -21.53
C TYR A 89 14.65 42.64 -20.31
N THR A 90 14.63 41.62 -19.46
CA THR A 90 13.78 41.64 -18.29
C THR A 90 14.24 42.72 -17.30
N ALA A 91 15.56 42.81 -17.07
CA ALA A 91 16.11 43.83 -16.19
C ALA A 91 15.64 45.26 -16.52
N ARG A 92 15.49 45.57 -17.81
CA ARG A 92 15.06 46.88 -18.21
C ARG A 92 13.55 47.01 -18.47
N ASN A 93 12.76 46.00 -18.13
CA ASN A 93 11.32 46.04 -18.39
C ASN A 93 10.54 45.56 -17.18
N MET A 94 11.06 45.85 -16.00
CA MET A 94 10.39 45.49 -14.74
C MET A 94 10.29 46.65 -13.79
N GLY A 95 10.20 47.88 -14.33
CA GLY A 95 10.05 49.04 -13.46
C GLY A 95 11.29 49.15 -12.58
N ASP A 96 11.08 49.45 -11.31
CA ASP A 96 12.11 49.58 -10.30
C ASP A 96 12.47 48.27 -9.58
N GLU A 97 11.93 47.18 -10.11
CA GLU A 97 12.21 45.86 -9.56
C GLU A 97 13.52 45.36 -10.07
N ARG A 98 14.09 44.40 -9.34
CA ARG A 98 15.32 43.77 -9.74
C ARG A 98 15.21 42.28 -9.39
N MET A 99 16.24 41.51 -9.67
CA MET A 99 16.17 40.07 -9.48
C MET A 99 16.99 39.65 -8.28
N TRP A 100 16.46 38.77 -7.43
CA TRP A 100 17.17 38.30 -6.26
C TRP A 100 18.26 37.30 -6.71
N PRO A 101 19.52 37.55 -6.30
CA PRO A 101 20.69 36.82 -6.81
C PRO A 101 21.11 35.60 -6.01
N LEU A 102 20.33 35.21 -5.01
CA LEU A 102 20.65 34.09 -4.14
C LEU A 102 19.53 33.07 -4.24
N SER A 103 19.83 31.82 -3.89
CA SER A 103 18.80 30.81 -3.70
C SER A 103 17.85 31.17 -2.56
N MET A 104 18.41 31.64 -1.45
CA MET A 104 17.66 31.95 -0.25
C MET A 104 17.22 33.40 -0.25
N PRO A 105 15.90 33.60 -0.14
CA PRO A 105 15.34 34.92 0.01
C PRO A 105 15.71 35.49 1.35
N SER A 106 15.60 36.81 1.49
CA SER A 106 15.72 37.40 2.81
C SER A 106 14.37 37.20 3.55
N TYR A 107 14.34 37.56 4.82
CA TYR A 107 13.24 37.39 5.71
C TYR A 107 11.91 37.63 5.04
N ILE A 108 10.99 36.69 5.15
CA ILE A 108 9.60 36.90 4.74
C ILE A 108 8.69 36.69 5.95
N ALA A 109 7.88 37.70 6.27
CA ALA A 109 6.98 37.64 7.44
C ALA A 109 5.75 36.78 7.28
N GLU A 110 5.16 36.77 6.08
CA GLU A 110 3.92 36.02 5.84
C GLU A 110 3.97 35.23 4.55
N GLY A 111 4.32 33.95 4.62
CA GLY A 111 4.31 33.11 3.42
C GLY A 111 2.94 33.02 2.76
N GLN A 112 1.88 33.14 3.55
CA GLN A 112 0.55 32.91 3.03
C GLN A 112 0.05 34.10 2.21
N ASP A 113 0.78 35.20 2.25
CA ASP A 113 0.48 36.38 1.45
C ASP A 113 1.09 36.32 0.05
N ILE A 114 1.99 35.38 -0.19
CA ILE A 114 2.72 35.33 -1.47
C ILE A 114 1.72 34.99 -2.55
N GLU A 115 1.56 35.88 -3.54
CA GLU A 115 0.69 35.58 -4.66
C GLU A 115 1.23 34.40 -5.50
N LEU A 116 0.39 33.42 -5.80
CA LEU A 116 0.75 32.29 -6.66
C LEU A 116 0.82 32.77 -8.11
N ALA A 117 1.57 32.07 -8.95
CA ALA A 117 1.61 32.38 -10.38
C ALA A 117 0.20 32.35 -10.94
N GLN A 118 -0.15 33.43 -11.64
CA GLN A 118 -1.45 33.67 -12.27
C GLN A 118 -1.33 33.42 -13.76
N TYR A 119 -2.24 32.63 -14.31
CA TYR A 119 -2.13 32.20 -15.71
C TYR A 119 -3.40 32.46 -16.52
N GLY A 120 -4.21 33.41 -16.10
CA GLY A 120 -5.45 33.73 -16.78
C GLY A 120 -6.57 32.73 -16.50
N THR A 121 -7.65 32.87 -17.26
CA THR A 121 -8.89 32.15 -17.00
C THR A 121 -9.12 30.87 -17.79
N SER A 122 -8.22 30.48 -18.68
CA SER A 122 -8.40 29.23 -19.39
C SER A 122 -8.32 28.09 -18.41
N ASN A 123 -8.79 26.92 -18.80
CA ASN A 123 -8.83 25.81 -17.86
C ASN A 123 -7.42 25.32 -17.55
N THR A 124 -6.57 25.34 -18.55
CA THR A 124 -5.17 24.96 -18.43
C THR A 124 -4.38 25.91 -17.46
N GLY A 125 -4.60 27.23 -17.59
CA GLY A 125 -4.12 28.24 -16.68
C GLY A 125 -4.59 28.13 -15.24
N ARG A 126 -5.83 27.72 -15.06
CA ARG A 126 -6.40 27.61 -13.71
C ARG A 126 -5.96 26.38 -13.01
N PHE A 127 -5.70 25.35 -13.80
CA PHE A 127 -5.18 24.10 -13.32
C PHE A 127 -3.75 24.30 -12.79
N LYS A 128 -2.96 25.08 -13.51
CA LYS A 128 -1.57 25.36 -13.14
C LYS A 128 -1.51 26.14 -11.81
N THR A 129 -2.38 27.15 -11.66
CA THR A 129 -2.53 27.88 -10.41
C THR A 129 -3.06 27.03 -9.23
N LEU A 130 -3.98 26.11 -9.52
CA LEU A 130 -4.56 25.21 -8.51
C LEU A 130 -3.51 24.24 -8.04
N TYR A 131 -2.66 23.82 -8.96
CA TYR A 131 -1.51 22.99 -8.61
C TYR A 131 -0.67 23.72 -7.57
N ARG A 132 -0.38 24.99 -7.83
CA ARG A 132 0.39 25.81 -6.89
C ARG A 132 -0.34 26.04 -5.56
N GLU A 133 -1.66 26.34 -5.65
CA GLU A 133 -2.53 26.35 -4.45
C GLU A 133 -2.38 25.09 -3.63
N GLY A 134 -2.31 23.94 -4.31
CA GLY A 134 -2.09 22.69 -3.63
C GLY A 134 -0.73 22.57 -2.98
N LEU A 135 0.32 23.04 -3.68
CA LEU A 135 1.67 22.98 -3.14
C LEU A 135 1.74 23.86 -1.91
N LYS A 136 1.10 25.01 -1.98
CA LYS A 136 1.05 25.91 -0.86
C LYS A 136 0.39 25.31 0.37
N ASN A 137 -0.76 24.64 0.17
CA ASN A 137 -1.50 24.05 1.29
C ASN A 137 -0.81 22.84 1.85
N ARG A 138 -0.12 22.08 1.02
CA ARG A 138 0.63 20.94 1.47
C ARG A 138 1.96 21.28 2.14
N TYR A 139 2.74 22.17 1.52
CA TYR A 139 4.08 22.39 2.02
C TYR A 139 4.34 23.83 2.51
N GLY A 140 3.38 24.75 2.32
CA GLY A 140 3.61 26.17 2.61
C GLY A 140 4.26 26.86 1.42
N ALA A 141 3.86 28.10 1.16
CA ALA A 141 4.40 28.93 0.08
C ALA A 141 5.87 29.31 0.26
N LEU A 142 6.30 29.48 1.51
CA LEU A 142 7.65 29.99 1.79
C LEU A 142 8.76 29.22 1.13
N MET A 143 8.78 27.91 1.30
CA MET A 143 9.87 27.12 0.76
C MET A 143 9.89 27.13 -0.77
N GLN A 144 8.78 27.50 -1.39
CA GLN A 144 8.68 27.43 -2.84
C GLN A 144 9.36 28.64 -3.44
N THR A 145 9.72 29.63 -2.61
CA THR A 145 10.37 30.85 -3.12
C THR A 145 11.90 30.69 -3.19
N ILE A 146 12.41 29.58 -2.67
CA ILE A 146 13.81 29.24 -2.80
C ILE A 146 14.07 28.83 -4.25
N SER A 147 15.15 29.32 -4.82
CA SER A 147 15.35 29.13 -6.24
C SER A 147 16.62 28.40 -6.58
N GLY A 148 16.67 27.89 -7.81
CA GLY A 148 17.84 27.17 -8.27
C GLY A 148 17.96 27.18 -9.79
N VAL A 149 18.95 26.43 -10.27
CA VAL A 149 19.24 26.35 -11.68
C VAL A 149 19.11 24.87 -12.05
N HIS A 150 18.49 24.59 -13.19
CA HIS A 150 18.45 23.23 -13.77
C HIS A 150 19.32 23.15 -14.98
N TYR A 151 20.12 22.12 -15.00
CA TYR A 151 20.99 21.86 -16.12
C TYR A 151 20.50 20.60 -16.83
N ASN A 152 20.06 20.77 -18.06
CA ASN A 152 19.57 19.68 -18.91
C ASN A 152 20.64 19.22 -19.87
N PHE A 153 20.83 17.91 -19.96
CA PHE A 153 22.00 17.38 -20.65
C PHE A 153 21.67 16.09 -21.40
N SER A 154 22.13 15.97 -22.64
CA SER A 154 22.01 14.69 -23.37
C SER A 154 23.28 14.41 -24.14
N LEU A 155 23.70 13.14 -24.15
CA LEU A 155 24.83 12.73 -24.99
C LEU A 155 24.40 12.61 -26.43
N PRO A 156 25.34 12.78 -27.35
CA PRO A 156 24.93 12.64 -28.75
C PRO A 156 24.67 11.17 -29.09
N MET A 157 23.94 10.90 -30.17
CA MET A 157 23.70 9.52 -30.61
C MET A 157 25.00 8.77 -30.87
N ALA A 158 25.98 9.49 -31.42
CA ALA A 158 27.30 8.91 -31.64
C ALA A 158 27.94 8.31 -30.39
N PHE A 159 27.55 8.75 -29.19
CA PHE A 159 28.10 8.16 -27.96
C PHE A 159 27.63 6.71 -27.83
N TRP A 160 26.33 6.52 -27.96
CA TRP A 160 25.72 5.23 -27.84
C TRP A 160 26.16 4.31 -28.99
N GLN A 161 26.42 4.87 -30.17
CA GLN A 161 26.75 4.08 -31.35
C GLN A 161 28.17 3.55 -31.21
N ALA A 162 29.01 4.26 -30.48
CA ALA A 162 30.38 3.83 -30.35
C ALA A 162 30.55 2.84 -29.21
N LYS A 163 29.47 2.51 -28.52
CA LYS A 163 29.57 1.60 -27.36
C LYS A 163 29.51 0.13 -27.73
N SER A 168 20.70 -1.94 -31.85
CA SER A 168 19.84 -1.96 -33.04
C SER A 168 18.36 -2.23 -32.72
N GLY A 169 17.46 -1.64 -33.49
CA GLY A 169 16.05 -1.90 -33.33
C GLY A 169 15.51 -1.40 -32.00
N ALA A 170 14.62 -2.20 -31.40
CA ALA A 170 13.97 -1.88 -30.12
C ALA A 170 14.96 -1.76 -28.98
N ASP A 171 16.12 -2.40 -29.13
CA ASP A 171 17.22 -2.32 -28.17
C ASP A 171 17.86 -0.95 -28.00
N ALA A 172 17.87 -0.12 -29.03
CA ALA A 172 18.59 1.15 -29.00
C ALA A 172 18.04 2.08 -27.90
N LYS A 173 16.74 2.30 -27.89
CA LYS A 173 16.18 3.14 -26.89
C LYS A 173 16.20 2.51 -25.50
N GLU A 174 16.36 1.19 -25.42
CA GLU A 174 16.48 0.55 -24.11
C GLU A 174 17.90 0.68 -23.56
N LYS A 175 18.89 0.68 -24.45
CA LYS A 175 20.25 0.81 -24.04
C LYS A 175 20.55 2.26 -23.59
N ILE A 176 19.96 3.22 -24.30
CA ILE A 176 20.04 4.63 -23.96
C ILE A 176 19.38 4.89 -22.58
N SER A 177 18.20 4.31 -22.34
CA SER A 177 17.60 4.38 -21.05
C SER A 177 18.48 3.80 -19.95
N ALA A 178 19.12 2.67 -20.20
CA ALA A 178 19.98 2.02 -19.20
C ALA A 178 21.22 2.88 -18.92
N GLY A 179 21.72 3.55 -19.97
CA GLY A 179 22.83 4.50 -19.84
C GLY A 179 22.46 5.69 -18.97
N TYR A 180 21.29 6.29 -19.22
CA TYR A 180 20.83 7.40 -18.38
C TYR A 180 20.54 6.98 -16.95
N PHE A 181 20.02 5.76 -16.72
CA PHE A 181 19.78 5.30 -15.36
C PHE A 181 21.08 5.03 -14.66
N ARG A 182 22.08 4.62 -15.42
CA ARG A 182 23.42 4.52 -14.88
C ARG A 182 23.98 5.90 -14.42
N VAL A 183 23.84 6.92 -15.28
CA VAL A 183 24.17 8.30 -14.92
C VAL A 183 23.49 8.69 -13.58
N ILE A 184 22.18 8.43 -13.44
CA ILE A 184 21.44 8.75 -12.24
C ILE A 184 21.95 8.04 -10.99
N ARG A 185 22.25 6.75 -11.12
CA ARG A 185 22.82 6.00 -9.98
C ARG A 185 24.15 6.56 -9.58
N ASN A 186 25.00 6.89 -10.54
CA ASN A 186 26.29 7.53 -10.22
C ASN A 186 26.14 8.98 -9.64
N TYR A 187 25.15 9.72 -10.11
CA TYR A 187 24.89 11.00 -9.56
C TYR A 187 24.54 10.88 -8.06
N TYR A 188 23.72 9.88 -7.72
CA TYR A 188 23.37 9.61 -6.30
C TYR A 188 24.59 9.26 -5.48
N ARG A 189 25.47 8.45 -6.04
CA ARG A 189 26.67 8.05 -5.33
C ARG A 189 27.64 9.21 -5.15
N PHE A 190 27.83 10.02 -6.20
CA PHE A 190 28.97 10.93 -6.25
C PHE A 190 28.60 12.41 -6.48
N GLY A 191 27.31 12.70 -6.61
CA GLY A 191 26.83 14.02 -7.01
C GLY A 191 27.06 15.06 -5.94
N TRP A 192 27.40 14.63 -4.71
CA TRP A 192 27.66 15.54 -3.60
C TRP A 192 28.84 16.52 -3.92
N VAL A 193 29.57 16.26 -4.99
CA VAL A 193 30.67 17.13 -5.39
C VAL A 193 30.09 18.45 -5.92
N ILE A 194 28.87 18.42 -6.44
CA ILE A 194 28.22 19.64 -6.91
C ILE A 194 27.95 20.68 -5.79
N PRO A 195 27.16 20.31 -4.73
CA PRO A 195 27.07 21.29 -3.65
C PRO A 195 28.41 21.62 -3.03
N TYR A 196 29.37 20.69 -3.00
CA TYR A 196 30.69 21.01 -2.45
C TYR A 196 31.28 22.22 -3.18
N LEU A 197 31.34 22.13 -4.51
CA LEU A 197 31.96 23.16 -5.32
C LEU A 197 31.10 24.41 -5.44
N PHE A 198 29.79 24.24 -5.66
CA PHE A 198 28.92 25.33 -6.10
C PHE A 198 27.73 25.62 -5.22
N GLY A 199 27.57 24.88 -4.12
CA GLY A 199 26.50 25.20 -3.21
C GLY A 199 26.78 26.58 -2.72
N ALA A 200 25.73 27.37 -2.55
CA ALA A 200 25.84 28.78 -2.19
C ALA A 200 24.63 29.21 -1.34
N SER A 201 24.34 28.40 -0.34
CA SER A 201 23.26 28.73 0.60
C SER A 201 23.60 28.21 2.01
N PRO A 202 24.72 28.66 2.56
CA PRO A 202 25.09 28.21 3.93
C PRO A 202 24.31 28.90 5.04
N ALA A 203 23.41 29.81 4.69
CA ALA A 203 22.63 30.60 5.62
C ALA A 203 21.18 30.60 5.17
N ILE A 204 20.28 30.76 6.13
CA ILE A 204 18.86 30.76 5.87
C ILE A 204 18.27 31.75 6.90
N SER A 205 17.20 32.46 6.50
CA SER A 205 16.48 33.30 7.42
C SER A 205 15.66 32.44 8.38
N SER A 206 15.62 32.87 9.63
CA SER A 206 14.88 32.16 10.65
C SER A 206 13.40 32.20 10.30
N SER A 207 12.99 33.19 9.51
CA SER A 207 11.58 33.24 9.14
C SER A 207 11.15 32.01 8.33
N PHE A 208 12.11 31.25 7.81
CA PHE A 208 11.81 30.08 6.95
C PHE A 208 11.76 28.81 7.79
N LEU A 209 12.13 28.87 9.07
CA LEU A 209 12.20 27.64 9.87
C LEU A 209 10.84 27.39 10.52
N THR A 214 14.70 22.43 14.89
CA THR A 214 15.95 21.73 14.50
C THR A 214 16.89 21.63 15.68
N SER A 215 17.78 20.65 15.60
CA SER A 215 18.86 20.57 16.55
C SER A 215 20.18 20.97 15.91
N LEU A 216 20.13 21.53 14.69
CA LEU A 216 21.37 21.93 13.98
C LEU A 216 22.05 23.05 14.78
N PRO A 217 23.39 23.00 14.90
CA PRO A 217 24.13 24.01 15.65
C PRO A 217 24.31 25.39 14.93
N PHE A 218 23.20 26.05 14.62
CA PHE A 218 23.21 27.29 13.88
C PHE A 218 23.92 28.38 14.68
N GLU A 219 24.71 29.20 13.98
CA GLU A 219 25.10 30.50 14.48
C GLU A 219 23.94 31.44 14.09
N LYS A 220 23.70 32.44 14.91
CA LYS A 220 22.55 33.30 14.72
C LYS A 220 22.88 34.76 14.79
N THR A 221 22.28 35.59 13.94
CA THR A 221 22.43 37.01 14.14
C THR A 221 21.09 37.57 14.57
N GLU A 222 21.08 38.82 15.03
CA GLU A 222 19.87 39.47 15.54
C GLU A 222 18.82 39.74 14.47
N SER A 223 19.17 39.69 13.19
CA SER A 223 18.17 39.91 12.19
C SER A 223 17.48 38.60 11.81
N GLY A 224 17.92 37.51 12.43
CA GLY A 224 17.35 36.21 12.12
C GLY A 224 18.09 35.37 11.10
N MET A 225 19.24 35.84 10.64
CA MET A 225 20.07 35.02 9.75
C MET A 225 20.72 33.87 10.53
N TYR A 226 20.37 32.65 10.15
CA TYR A 226 20.96 31.44 10.73
C TYR A 226 21.96 30.84 9.75
N TYR A 227 23.09 30.40 10.26
CA TYR A 227 24.03 29.76 9.34
C TYR A 227 24.81 28.67 10.01
N LEU A 228 25.38 27.79 9.21
CA LEU A 228 26.28 26.77 9.72
C LEU A 228 27.67 27.06 9.17
N PRO A 229 28.69 27.02 10.03
CA PRO A 229 30.08 27.42 9.67
C PRO A 229 30.64 26.68 8.44
N TYR A 230 30.24 25.42 8.22
CA TYR A 230 30.81 24.62 7.13
C TYR A 230 29.78 24.17 6.08
N ALA A 231 28.55 24.68 6.18
CA ALA A 231 27.53 24.23 5.26
C ALA A 231 27.80 24.70 3.85
N THR A 232 27.26 23.97 2.88
CA THR A 232 27.42 24.35 1.49
C THR A 232 26.08 24.79 0.90
N SER A 233 25.03 24.02 1.15
CA SER A 233 23.76 24.20 0.48
C SER A 233 22.59 23.77 1.37
N LEU A 234 22.13 24.66 2.25
CA LEU A 234 20.90 24.49 2.99
C LEU A 234 19.66 24.38 2.09
N ARG A 235 19.72 24.92 0.88
CA ARG A 235 18.63 24.68 -0.09
C ARG A 235 18.33 23.17 -0.33
N LEU A 236 19.36 22.34 -0.35
CA LEU A 236 19.26 20.91 -0.57
C LEU A 236 19.03 20.15 0.72
N SER A 237 19.16 20.81 1.87
CA SER A 237 18.86 20.17 3.15
C SER A 237 17.34 20.03 3.38
N ASP A 238 16.98 19.42 4.49
CA ASP A 238 15.58 19.28 4.83
C ASP A 238 14.91 20.58 5.19
N LEU A 239 15.71 21.60 5.51
CA LEU A 239 15.19 22.96 5.68
C LEU A 239 14.91 23.73 4.38
N GLY A 240 15.44 23.24 3.25
CA GLY A 240 15.43 23.99 2.00
C GLY A 240 14.38 23.52 1.02
N TYR A 241 13.57 22.60 1.46
CA TYR A 241 12.51 22.10 0.61
C TYR A 241 11.57 21.24 1.47
N THR A 242 10.48 20.87 0.82
CA THR A 242 9.23 20.59 1.50
C THR A 242 8.63 19.23 1.12
N ASN A 243 8.78 18.84 -0.17
CA ASN A 243 8.22 17.60 -0.70
C ASN A 243 8.94 16.33 -0.24
N LYS A 244 8.27 15.19 -0.46
CA LYS A 244 8.87 13.84 -0.30
C LYS A 244 9.79 13.51 -1.49
N SER A 245 10.99 12.99 -1.17
CA SER A 245 11.99 12.54 -2.16
C SER A 245 11.52 11.30 -2.92
N GLN A 246 11.97 11.17 -4.18
CA GLN A 246 11.84 9.89 -4.91
C GLN A 246 12.44 8.76 -4.07
N SER A 247 13.72 8.94 -3.74
CA SER A 247 14.46 8.18 -2.71
C SER A 247 13.57 7.74 -1.52
N ASN A 248 12.96 8.69 -0.81
CA ASN A 248 12.09 8.41 0.36
C ASN A 248 10.77 7.69 0.08
N LEU A 249 10.23 7.95 -1.12
CA LEU A 249 8.95 7.38 -1.61
C LEU A 249 9.02 5.95 -2.16
N GLY A 250 10.22 5.39 -2.33
CA GLY A 250 10.36 3.99 -2.81
C GLY A 250 10.73 3.80 -4.28
N ILE A 251 10.96 4.91 -4.97
CA ILE A 251 11.24 4.92 -6.39
C ILE A 251 12.71 4.67 -6.66
N THR A 252 13.02 3.76 -7.59
CA THR A 252 14.39 3.37 -7.87
C THR A 252 14.80 3.66 -9.31
N PHE A 253 16.08 3.47 -9.62
CA PHE A 253 16.63 3.88 -10.92
C PHE A 253 17.43 2.75 -11.55
N ASN A 254 16.81 1.57 -11.59
CA ASN A 254 17.43 0.38 -12.15
C ASN A 254 16.79 0.01 -13.48
N ASP A 255 15.54 0.40 -13.66
CA ASP A 255 14.80 -0.06 -14.83
C ASP A 255 13.71 0.94 -15.10
N LEU A 256 13.51 1.25 -16.37
CA LEU A 256 12.55 2.29 -16.79
C LEU A 256 11.10 2.05 -16.42
N TYR A 257 10.62 0.86 -16.71
CA TYR A 257 9.26 0.51 -16.41
C TYR A 257 9.02 0.55 -14.89
N GLU A 258 10.02 0.08 -14.17
CA GLU A 258 9.94 0.02 -12.71
C GLU A 258 9.81 1.45 -12.18
N TYR A 259 10.65 2.35 -12.71
CA TYR A 259 10.65 3.75 -12.34
C TYR A 259 9.30 4.36 -12.68
N VAL A 260 8.86 4.22 -13.94
CA VAL A 260 7.55 4.76 -14.34
C VAL A 260 6.36 4.23 -13.50
N ALA A 261 6.35 2.93 -13.21
CA ALA A 261 5.28 2.36 -12.39
C ALA A 261 5.23 2.94 -10.97
N GLY A 262 6.39 3.15 -10.36
CA GLY A 262 6.44 3.78 -9.01
C GLY A 262 5.90 5.22 -8.99
N LEU A 263 6.28 6.00 -9.99
CA LEU A 263 5.82 7.38 -10.18
C LEU A 263 4.34 7.43 -10.43
N LYS A 264 3.87 6.68 -11.43
CA LYS A 264 2.43 6.59 -11.69
C LYS A 264 1.66 6.09 -10.47
N GLN A 265 2.26 5.21 -9.67
CA GLN A 265 1.56 4.75 -8.49
C GLN A 265 1.42 5.88 -7.43
N ALA A 266 2.43 6.73 -7.30
CA ALA A 266 2.41 7.83 -6.32
C ALA A 266 1.31 8.82 -6.68
N ILE A 267 1.12 9.04 -7.99
CA ILE A 267 0.03 9.88 -8.48
C ILE A 267 -1.34 9.32 -8.19
N LYS A 268 -1.40 8.02 -7.93
CA LYS A 268 -2.68 7.38 -7.82
C LYS A 268 -2.96 7.04 -6.37
N THR A 269 -1.96 7.16 -5.50
CA THR A 269 -2.14 6.84 -4.09
C THR A 269 -2.77 7.97 -3.25
N PRO A 270 -3.95 7.71 -2.63
CA PRO A 270 -4.53 8.76 -1.77
C PRO A 270 -3.67 9.01 -0.54
N SER A 271 -3.77 10.21 0.04
CA SER A 271 -2.96 10.60 1.20
C SER A 271 -3.90 11.03 2.32
N GLU A 272 -3.72 10.47 3.52
CA GLU A 272 -4.58 10.93 4.63
C GLU A 272 -4.11 12.30 5.08
N GLU A 273 -2.79 12.46 5.20
CA GLU A 273 -2.25 13.83 5.40
C GLU A 273 -2.97 14.89 4.54
N TYR A 274 -3.07 14.68 3.22
CA TYR A 274 -3.68 15.71 2.35
C TYR A 274 -5.20 15.69 2.25
N ALA A 275 -5.84 14.57 2.61
CA ALA A 275 -7.31 14.62 2.77
C ALA A 275 -7.66 15.50 3.95
N LYS A 276 -6.88 15.41 5.03
CA LYS A 276 -7.09 16.35 6.15
C LYS A 276 -7.15 17.84 5.70
N ILE A 277 -6.36 18.23 4.69
CA ILE A 277 -6.40 19.58 4.17
C ILE A 277 -7.77 19.85 3.59
N GLY A 278 -8.35 18.84 2.94
CA GLY A 278 -9.62 18.98 2.23
C GLY A 278 -9.38 19.35 0.78
N ILE A 279 -10.35 19.10 -0.08
CA ILE A 279 -10.18 19.45 -1.48
C ILE A 279 -10.74 20.85 -1.76
N GLU A 280 -11.79 21.24 -1.03
CA GLU A 280 -12.41 22.56 -1.14
C GLU A 280 -12.55 23.15 0.25
N LYS A 281 -12.84 24.44 0.34
CA LYS A 281 -13.04 25.08 1.64
C LYS A 281 -13.63 26.46 1.42
N ASP A 282 -14.96 26.51 1.58
CA ASP A 282 -15.75 27.73 1.41
C ASP A 282 -15.96 27.96 -0.07
N GLY A 283 -16.10 26.89 -0.84
CA GLY A 283 -16.22 27.00 -2.30
C GLY A 283 -14.91 27.42 -2.99
N LYS A 284 -13.80 27.37 -2.26
CA LYS A 284 -12.49 27.59 -2.87
C LYS A 284 -11.70 26.30 -2.91
N ARG A 285 -11.42 25.84 -4.12
CA ARG A 285 -10.64 24.63 -4.32
C ARG A 285 -9.19 24.81 -3.76
N LEU A 286 -8.70 23.83 -2.99
CA LEU A 286 -7.43 23.93 -2.29
C LEU A 286 -6.26 23.10 -2.88
N GLN A 287 -6.59 22.10 -3.70
CA GLN A 287 -5.61 21.19 -4.26
C GLN A 287 -6.28 20.64 -5.51
N ILE A 288 -5.50 19.99 -6.36
CA ILE A 288 -6.11 19.31 -7.49
C ILE A 288 -6.84 18.03 -7.00
N ASN A 289 -6.20 17.33 -6.08
CA ASN A 289 -6.72 16.12 -5.52
C ASN A 289 -5.99 15.93 -4.19
N SER A 290 -6.21 14.79 -3.54
CA SER A 290 -5.57 14.58 -2.28
C SER A 290 -4.66 13.38 -2.31
N ASN A 291 -4.12 13.08 -3.50
CA ASN A 291 -3.14 12.02 -3.63
C ASN A 291 -1.74 12.48 -3.28
N VAL A 292 -0.83 11.53 -3.16
CA VAL A 292 0.51 11.80 -2.67
C VAL A 292 1.19 12.84 -3.57
N LEU A 293 1.00 12.71 -4.89
CA LEU A 293 1.48 13.68 -5.88
C LEU A 293 0.25 14.14 -6.64
N GLN A 294 -0.04 15.43 -6.65
CA GLN A 294 -1.13 15.91 -7.48
C GLN A 294 -0.83 15.62 -8.94
N ILE A 295 0.43 15.84 -9.34
CA ILE A 295 0.90 15.56 -10.69
C ILE A 295 2.35 15.11 -10.56
N GLU A 296 2.96 14.64 -11.64
CA GLU A 296 4.29 14.07 -11.55
C GLU A 296 5.42 15.05 -11.17
N ASN A 297 5.27 16.33 -11.51
CA ASN A 297 6.31 17.33 -11.24
C ASN A 297 6.44 17.58 -9.76
N GLU A 298 5.45 17.15 -8.99
CA GLU A 298 5.42 17.35 -7.57
C GLU A 298 6.46 16.46 -6.86
N LEU A 299 6.97 15.45 -7.56
CA LEU A 299 8.01 14.58 -6.98
C LEU A 299 9.32 15.32 -6.79
N TYR A 300 9.78 15.44 -5.54
CA TYR A 300 11.10 16.04 -5.30
C TYR A 300 12.18 15.14 -5.89
N ALA A 301 13.03 15.71 -6.73
CA ALA A 301 14.07 14.93 -7.40
C ALA A 301 15.31 15.78 -7.64
N PRO A 302 16.44 15.43 -7.06
CA PRO A 302 17.70 16.09 -7.38
C PRO A 302 18.14 15.88 -8.86
N ILE A 303 17.66 14.81 -9.48
CA ILE A 303 17.99 14.50 -10.87
C ILE A 303 16.82 13.75 -11.48
N ARG A 304 16.45 14.11 -12.69
CA ARG A 304 15.24 13.60 -13.26
C ARG A 304 15.47 13.10 -14.69
N PRO A 305 14.98 11.89 -15.02
CA PRO A 305 15.04 11.46 -16.40
C PRO A 305 13.92 12.10 -17.20
N LYS A 306 14.23 12.52 -18.43
CA LYS A 306 13.25 13.23 -19.23
C LYS A 306 13.14 12.79 -20.66
N ARG A 307 11.95 13.00 -21.22
CA ARG A 307 11.77 12.99 -22.65
C ARG A 307 10.74 14.08 -22.93
N VAL A 308 11.02 14.96 -23.90
CA VAL A 308 10.02 15.95 -24.34
C VAL A 308 8.65 15.31 -24.60
N THR A 309 7.58 15.85 -24.03
CA THR A 309 6.25 15.24 -24.20
C THR A 309 5.57 15.69 -25.51
N ARG A 310 4.65 14.85 -26.01
CA ARG A 310 3.75 15.23 -27.08
C ARG A 310 2.45 15.63 -26.44
N SER A 311 1.56 16.26 -27.19
CA SER A 311 0.37 16.85 -26.56
C SER A 311 -0.52 15.74 -25.96
N GLY A 312 -0.91 15.93 -24.70
CA GLY A 312 -1.70 14.91 -23.96
C GLY A 312 -0.83 14.05 -23.05
N GLU A 313 0.40 13.84 -23.51
CA GLU A 313 1.33 12.96 -22.84
C GLU A 313 1.80 13.52 -21.50
N SER A 314 1.72 12.70 -20.47
CA SER A 314 2.34 13.04 -19.21
C SER A 314 3.87 12.80 -19.36
N PRO A 315 4.65 13.37 -18.45
CA PRO A 315 6.09 13.12 -18.46
C PRO A 315 6.45 11.62 -18.45
N SER A 316 5.78 10.83 -17.62
CA SER A 316 6.10 9.42 -17.51
C SER A 316 5.57 8.62 -18.74
N ASP A 317 4.46 9.06 -19.34
CA ASP A 317 3.95 8.52 -20.63
C ASP A 317 5.01 8.61 -21.71
N ALA A 318 5.65 9.78 -21.81
CA ALA A 318 6.67 9.98 -22.81
C ALA A 318 7.88 9.12 -22.57
N LEU A 319 8.21 8.90 -21.31
CA LEU A 319 9.34 8.04 -20.95
C LEU A 319 9.03 6.59 -21.35
N LEU A 320 7.79 6.16 -21.10
CA LEU A 320 7.37 4.83 -21.40
C LEU A 320 7.38 4.61 -22.90
N ARG A 321 6.84 5.57 -23.64
CA ARG A 321 6.80 5.54 -25.10
C ARG A 321 8.19 5.48 -25.73
N GLY A 322 9.04 6.46 -25.44
CA GLY A 322 10.32 6.60 -26.14
C GLY A 322 11.58 6.37 -25.33
N GLY A 323 11.45 6.04 -24.05
CA GLY A 323 12.61 5.84 -23.21
C GLY A 323 13.18 7.18 -22.78
N ILE A 324 14.30 7.14 -22.07
CA ILE A 324 14.93 8.39 -21.64
C ILE A 324 15.65 9.12 -22.77
N GLU A 325 15.33 10.40 -22.93
CA GLU A 325 15.93 11.25 -23.94
C GLU A 325 17.07 12.09 -23.39
N TYR A 326 16.90 12.61 -22.18
CA TYR A 326 17.91 13.45 -21.59
C TYR A 326 17.74 13.52 -20.07
N ILE A 327 18.73 14.02 -19.36
CA ILE A 327 18.58 14.16 -17.93
C ILE A 327 18.61 15.62 -17.46
N GLU A 328 17.86 15.89 -16.41
CA GLU A 328 17.81 17.20 -15.79
C GLU A 328 18.48 17.15 -14.45
N VAL A 329 19.60 17.86 -14.32
CA VAL A 329 20.24 17.97 -13.02
C VAL A 329 19.64 19.16 -12.25
N ARG A 330 19.16 18.96 -11.03
CA ARG A 330 18.38 20.04 -10.36
C ARG A 330 19.01 20.59 -9.10
N SER A 331 20.21 20.13 -8.79
CA SER A 331 20.85 20.41 -7.54
C SER A 331 21.64 21.72 -7.44
N LEU A 332 21.76 22.48 -8.52
CA LEU A 332 22.57 23.70 -8.50
C LEU A 332 21.86 24.86 -7.82
N ASP A 333 22.50 25.41 -6.78
CA ASP A 333 22.03 26.63 -6.19
C ASP A 333 22.25 27.73 -7.25
N ILE A 334 21.55 28.86 -7.11
CA ILE A 334 21.92 30.07 -7.83
C ILE A 334 23.38 30.48 -7.54
N ASN A 335 24.13 30.76 -8.61
CA ASN A 335 25.48 31.32 -8.52
C ASN A 335 25.33 32.82 -8.18
N PRO A 336 25.66 33.21 -6.95
CA PRO A 336 25.50 34.62 -6.58
C PRO A 336 26.51 35.56 -7.23
N PHE A 337 27.53 34.98 -7.86
CA PHE A 337 28.64 35.71 -8.44
C PHE A 337 28.45 35.85 -9.95
N SER A 338 27.25 35.56 -10.45
CA SER A 338 26.93 35.80 -11.82
C SER A 338 25.56 36.46 -11.89
N PRO A 339 25.42 37.52 -12.70
CA PRO A 339 24.08 38.14 -12.91
C PRO A 339 23.01 37.21 -13.46
N ILE A 340 23.42 36.14 -14.14
CA ILE A 340 22.49 35.18 -14.66
C ILE A 340 22.36 33.91 -13.81
N GLY A 341 22.99 33.90 -12.64
CA GLY A 341 22.80 32.81 -11.71
C GLY A 341 23.53 31.52 -12.05
N VAL A 342 24.37 31.56 -13.10
CA VAL A 342 25.07 30.36 -13.58
C VAL A 342 26.18 30.82 -14.52
N ASP A 343 27.32 30.11 -14.50
CA ASP A 343 28.43 30.46 -15.35
C ASP A 343 29.03 29.25 -16.13
N GLU A 344 29.90 29.56 -17.06
CA GLU A 344 30.57 28.62 -17.92
C GLU A 344 31.38 27.54 -17.19
N GLN A 345 32.04 27.92 -16.11
CA GLN A 345 32.79 26.99 -15.31
C GLN A 345 31.88 25.90 -14.77
N GLN A 346 30.67 26.29 -14.33
CA GLN A 346 29.73 25.31 -13.82
C GLN A 346 29.21 24.42 -14.91
N VAL A 347 28.86 25.00 -16.05
CA VAL A 347 28.33 24.20 -17.16
C VAL A 347 29.35 23.17 -17.63
N ARG A 348 30.60 23.60 -17.82
CA ARG A 348 31.67 22.72 -18.19
C ARG A 348 32.01 21.66 -17.16
N PHE A 349 31.97 22.00 -15.87
CA PHE A 349 32.17 21.00 -14.88
C PHE A 349 31.11 19.90 -15.01
N LEU A 350 29.85 20.30 -15.22
CA LEU A 350 28.76 19.35 -15.27
C LEU A 350 28.83 18.45 -16.48
N ASP A 351 29.31 18.97 -17.63
CA ASP A 351 29.62 18.17 -18.83
C ASP A 351 30.58 17.05 -18.44
N LEU A 352 31.71 17.41 -17.85
CA LEU A 352 32.71 16.43 -17.41
C LEU A 352 32.12 15.43 -16.46
N PHE A 353 31.40 15.89 -15.44
CA PHE A 353 30.84 15.00 -14.45
C PHE A 353 29.74 14.10 -14.99
N MET A 354 28.86 14.59 -15.84
CA MET A 354 27.81 13.76 -16.39
C MET A 354 28.39 12.67 -17.32
N VAL A 355 29.35 13.08 -18.16
CA VAL A 355 30.06 12.15 -19.01
C VAL A 355 30.73 11.04 -18.16
N TRP A 356 31.44 11.42 -17.10
CA TRP A 356 31.99 10.45 -16.15
C TRP A 356 30.91 9.54 -15.55
N CYS A 357 29.73 10.07 -15.23
CA CYS A 357 28.67 9.27 -14.67
C CYS A 357 28.16 8.23 -15.67
N ALA A 358 28.29 8.52 -16.96
CA ALA A 358 27.89 7.59 -18.03
C ALA A 358 28.94 6.48 -18.27
N LEU A 359 30.18 6.74 -17.87
CA LEU A 359 31.27 5.81 -18.10
C LEU A 359 31.46 4.86 -16.94
N ALA A 360 31.19 5.32 -15.74
CA ALA A 360 31.50 4.54 -14.57
C ALA A 360 30.45 3.48 -14.39
N ASP A 361 30.87 2.25 -14.08
CA ASP A 361 29.91 1.17 -13.83
C ASP A 361 29.13 1.47 -12.57
N ALA A 362 27.81 1.24 -12.63
CA ALA A 362 26.97 1.51 -11.49
C ALA A 362 26.02 0.33 -11.24
N PRO A 363 26.33 -0.47 -10.22
CA PRO A 363 25.47 -1.55 -9.77
C PRO A 363 24.07 -1.03 -9.45
N GLU A 364 23.06 -1.88 -9.66
CA GLU A 364 21.70 -1.51 -9.30
C GLU A 364 21.58 -1.31 -7.80
N MET A 365 20.60 -0.50 -7.41
CA MET A 365 20.47 -0.15 -6.01
C MET A 365 19.00 -0.20 -5.62
N SER A 366 18.71 -0.81 -4.47
CA SER A 366 17.37 -0.86 -3.90
C SER A 366 17.08 0.49 -3.24
N SER A 367 15.86 0.67 -2.77
CA SER A 367 15.51 1.87 -2.06
C SER A 367 16.45 2.20 -0.92
N SER A 368 16.93 1.19 -0.22
CA SER A 368 17.68 1.47 0.96
C SER A 368 19.18 1.73 0.63
N GLU A 369 19.65 1.17 -0.48
CA GLU A 369 20.98 1.47 -0.97
C GLU A 369 21.00 2.89 -1.48
N LEU A 370 19.88 3.32 -2.07
CA LEU A 370 19.74 4.71 -2.54
C LEU A 370 19.74 5.68 -1.37
N ALA A 371 18.95 5.36 -0.35
CA ALA A 371 18.91 6.14 0.87
C ALA A 371 20.33 6.26 1.48
N CYS A 372 21.10 5.18 1.42
CA CYS A 372 22.48 5.20 1.92
C CYS A 372 23.41 6.15 1.19
N THR A 373 23.19 6.36 -0.12
CA THR A 373 24.04 7.30 -0.87
C THR A 373 23.90 8.75 -0.36
N ARG A 374 22.78 9.03 0.30
CA ARG A 374 22.45 10.37 0.83
C ARG A 374 23.20 10.72 2.11
N VAL A 375 23.84 9.73 2.71
CA VAL A 375 24.63 9.96 3.89
C VAL A 375 25.77 10.92 3.58
N ASN A 376 26.51 10.66 2.52
CA ASN A 376 27.57 11.58 2.05
C ASN A 376 27.05 12.95 1.61
N TRP A 377 25.90 12.99 0.92
CA TRP A 377 25.25 14.25 0.56
C TRP A 377 24.97 15.11 1.78
N ASN A 378 24.40 14.52 2.82
CA ASN A 378 24.10 15.27 4.04
C ASN A 378 25.36 15.78 4.73
N ARG A 379 26.43 15.01 4.72
CA ARG A 379 27.67 15.48 5.27
C ARG A 379 28.15 16.71 4.49
N VAL A 380 28.08 16.66 3.16
CA VAL A 380 28.54 17.76 2.33
C VAL A 380 27.61 19.00 2.47
N ILE A 381 26.31 18.74 2.50
CA ILE A 381 25.32 19.79 2.60
C ILE A 381 25.47 20.61 3.87
N LEU A 382 25.67 19.93 5.01
CA LEU A 382 25.66 20.60 6.30
C LEU A 382 27.03 20.95 6.80
N GLU A 383 28.05 20.24 6.33
CA GLU A 383 29.40 20.56 6.79
C GLU A 383 30.48 20.14 5.82
N GLY A 384 30.23 20.33 4.53
CA GLY A 384 31.15 19.89 3.48
C GLY A 384 32.51 20.55 3.59
N ARG A 385 32.59 21.70 4.26
CA ARG A 385 33.86 22.43 4.33
C ARG A 385 34.59 22.24 5.65
N LYS A 386 34.10 21.34 6.51
CA LYS A 386 34.73 21.07 7.82
C LYS A 386 36.15 20.47 7.62
N PRO A 387 37.19 21.12 8.18
CA PRO A 387 38.50 20.46 8.08
C PRO A 387 38.48 19.03 8.66
N GLY A 388 38.99 18.06 7.88
CA GLY A 388 39.04 16.63 8.31
C GLY A 388 37.77 15.81 8.02
N LEU A 389 36.79 16.38 7.32
CA LEU A 389 35.59 15.62 6.95
C LEU A 389 35.96 14.36 6.15
N THR A 390 35.41 13.22 6.54
CA THR A 390 35.64 11.99 5.82
C THR A 390 34.30 11.48 5.31
N LEU A 391 34.33 10.83 4.14
CA LEU A 391 33.17 10.23 3.53
C LEU A 391 33.27 8.67 3.54
N GLY A 392 32.17 7.98 3.26
CA GLY A 392 32.20 6.53 3.27
C GLY A 392 31.47 5.97 2.09
N ILE A 393 31.52 4.66 1.91
CA ILE A 393 30.72 4.00 0.88
C ILE A 393 29.33 3.74 1.46
N GLY A 394 28.31 4.35 0.83
CA GLY A 394 26.95 4.25 1.32
C GLY A 394 26.94 4.54 2.81
N CYS A 395 26.44 3.57 3.58
CA CYS A 395 26.27 3.69 5.04
C CYS A 395 27.48 3.24 5.86
N GLU A 396 28.53 2.73 5.22
CA GLU A 396 29.67 2.21 5.98
C GLU A 396 30.41 3.33 6.71
N THR A 397 31.16 2.98 7.75
CA THR A 397 31.88 4.00 8.54
C THR A 397 32.73 4.87 7.60
N ALA A 398 32.67 6.19 7.80
CA ALA A 398 33.38 7.13 6.96
C ALA A 398 34.90 6.97 7.17
N GLN A 399 35.64 6.83 6.09
CA GLN A 399 37.08 6.67 6.23
C GLN A 399 37.87 7.36 5.15
N PHE A 400 37.19 7.93 4.16
CA PHE A 400 37.89 8.59 3.06
C PHE A 400 37.90 10.12 3.19
N PRO A 401 39.07 10.73 3.46
CA PRO A 401 39.16 12.19 3.51
C PRO A 401 38.58 12.83 2.25
N LEU A 402 37.68 13.79 2.42
CA LEU A 402 37.02 14.40 1.27
C LEU A 402 37.98 14.89 0.16
N PRO A 403 39.05 15.63 0.53
CA PRO A 403 40.02 16.18 -0.45
C PRO A 403 40.60 15.13 -1.39
N GLN A 404 41.04 14.01 -0.81
CA GLN A 404 41.56 12.92 -1.61
C GLN A 404 40.47 12.30 -2.50
N VAL A 405 39.26 12.18 -2.00
CA VAL A 405 38.20 11.69 -2.89
C VAL A 405 37.96 12.63 -4.08
N GLY A 406 38.08 13.95 -3.86
CA GLY A 406 37.83 14.88 -4.95
C GLY A 406 38.97 14.84 -5.92
N LYS A 407 40.19 14.75 -5.38
CA LYS A 407 41.36 14.65 -6.23
C LYS A 407 41.32 13.41 -7.17
N ASP A 408 40.90 12.27 -6.64
CA ASP A 408 40.71 11.04 -7.43
C ASP A 408 39.68 11.16 -8.55
N LEU A 409 38.53 11.79 -8.28
CA LEU A 409 37.54 12.02 -9.30
C LEU A 409 38.08 12.96 -10.37
N PHE A 410 38.80 13.98 -9.95
CA PHE A 410 39.28 14.97 -10.89
C PHE A 410 40.37 14.46 -11.81
N ARG A 411 41.08 13.42 -11.36
CA ARG A 411 41.98 12.67 -12.23
C ARG A 411 41.28 12.06 -13.42
N ASP A 412 40.11 11.50 -13.19
CA ASP A 412 39.29 10.98 -14.28
C ASP A 412 38.66 12.10 -15.11
N LEU A 413 38.06 13.10 -14.44
CA LEU A 413 37.45 14.24 -15.15
C LEU A 413 38.49 14.94 -16.02
N LYS A 414 39.72 15.02 -15.55
CA LYS A 414 40.80 15.54 -16.39
C LYS A 414 41.06 14.77 -17.72
N ARG A 415 40.95 13.45 -17.69
CA ARG A 415 41.01 12.68 -18.94
C ARG A 415 39.82 12.95 -19.87
N VAL A 416 38.63 13.14 -19.31
CA VAL A 416 37.44 13.48 -20.09
C VAL A 416 37.62 14.86 -20.70
N ALA A 417 38.22 15.77 -19.94
CA ALA A 417 38.46 17.15 -20.40
C ALA A 417 39.45 17.18 -21.57
N GLN A 418 40.51 16.37 -21.47
CA GLN A 418 41.47 16.19 -22.59
C GLN A 418 40.79 15.74 -23.85
N THR A 419 39.95 14.73 -23.76
CA THR A 419 39.10 14.32 -24.88
C THR A 419 38.16 15.41 -25.40
N LEU A 420 37.41 16.08 -24.51
CA LEU A 420 36.47 17.09 -24.99
C LEU A 420 37.23 18.26 -25.58
N ASP A 421 38.36 18.62 -24.97
CA ASP A 421 39.20 19.69 -25.51
C ASP A 421 39.82 19.32 -26.86
N SER A 422 40.16 18.06 -27.07
CA SER A 422 40.79 17.73 -28.34
C SER A 422 39.78 17.85 -29.48
N ILE A 423 38.50 17.58 -29.21
CA ILE A 423 37.52 17.64 -30.28
C ILE A 423 36.94 19.02 -30.49
N ASN A 424 36.87 19.82 -29.42
CA ASN A 424 36.36 21.20 -29.54
C ASN A 424 37.49 22.17 -29.91
N GLY A 425 38.73 21.77 -29.65
CA GLY A 425 39.89 22.67 -29.76
C GLY A 425 40.06 23.50 -28.49
N GLY A 426 41.29 23.92 -28.18
CA GLY A 426 41.53 24.74 -27.03
C GLY A 426 41.78 23.95 -25.74
N GLU A 427 41.72 24.65 -24.61
CA GLU A 427 42.06 24.05 -23.31
C GLU A 427 40.98 24.31 -22.23
N ALA A 428 39.79 24.69 -22.66
CA ALA A 428 38.76 25.24 -21.77
C ALA A 428 38.32 24.23 -20.68
N TYR A 429 38.11 22.97 -21.05
CA TYR A 429 37.68 21.99 -20.07
C TYR A 429 38.80 21.64 -19.10
N GLN A 430 40.04 21.69 -19.58
CA GLN A 430 41.17 21.40 -18.72
C GLN A 430 41.42 22.46 -17.68
N LYS A 431 41.24 23.74 -18.05
CA LYS A 431 41.42 24.83 -17.12
C LYS A 431 40.39 24.69 -16.03
N VAL A 432 39.16 24.34 -16.40
CA VAL A 432 38.11 24.17 -15.40
C VAL A 432 38.48 23.11 -14.35
N CYS A 433 39.03 21.96 -14.80
CA CYS A 433 39.53 20.95 -13.86
C CYS A 433 40.57 21.50 -12.90
N ASP A 434 41.54 22.25 -13.39
CA ASP A 434 42.57 22.82 -12.54
C ASP A 434 42.06 23.87 -11.60
N GLU A 435 41.11 24.68 -12.04
CA GLU A 435 40.52 25.70 -11.18
C GLU A 435 39.78 25.03 -10.04
N LEU A 436 38.98 24.03 -10.36
CA LEU A 436 38.07 23.40 -9.41
C LEU A 436 38.74 22.41 -8.46
N VAL A 437 39.74 21.68 -8.93
CA VAL A 437 40.42 20.71 -8.08
C VAL A 437 41.05 21.42 -6.88
N ALA A 438 41.38 22.69 -7.05
CA ALA A 438 42.04 23.47 -6.01
C ALA A 438 41.12 23.68 -4.79
N CYS A 439 39.80 23.67 -5.00
CA CYS A 439 38.81 23.76 -3.93
C CYS A 439 38.86 22.59 -2.95
N PHE A 440 39.48 21.49 -3.37
CA PHE A 440 39.65 20.39 -2.42
C PHE A 440 40.75 20.62 -1.46
N ASP A 441 41.80 21.33 -1.84
CA ASP A 441 42.83 21.64 -0.83
C ASP A 441 42.54 22.91 -0.06
N ASN A 442 41.69 23.77 -0.64
CA ASN A 442 41.26 24.99 -0.01
C ASN A 442 39.76 25.22 -0.14
N PRO A 443 39.00 24.79 0.89
CA PRO A 443 37.55 24.94 0.85
C PRO A 443 37.11 26.39 0.84
N ASP A 444 38.00 27.30 1.23
CA ASP A 444 37.73 28.73 1.13
C ASP A 444 37.58 29.26 -0.29
N LEU A 445 37.88 28.42 -1.28
CA LEU A 445 37.62 28.78 -2.69
C LEU A 445 36.22 28.43 -3.18
N THR A 446 35.49 27.60 -2.42
CA THR A 446 34.17 27.16 -2.87
C THR A 446 33.15 28.30 -2.86
N PHE A 447 32.04 28.15 -3.60
CA PHE A 447 31.00 29.18 -3.60
C PHE A 447 30.48 29.46 -2.19
N SER A 448 30.33 28.42 -1.37
CA SER A 448 29.67 28.59 -0.07
C SER A 448 30.54 29.31 0.95
N ALA A 449 31.85 29.11 0.87
CA ALA A 449 32.75 29.88 1.73
C ALA A 449 32.74 31.35 1.33
N ARG A 450 32.78 31.62 0.03
CA ARG A 450 32.74 32.97 -0.48
C ARG A 450 31.43 33.70 -0.11
N ILE A 451 30.30 33.05 -0.26
CA ILE A 451 29.03 33.71 0.02
C ILE A 451 28.75 33.83 1.51
N LEU A 452 29.26 32.89 2.30
CA LEU A 452 29.17 33.02 3.77
C LEU A 452 29.94 34.22 4.26
N ARG A 453 31.14 34.47 3.74
CA ARG A 453 31.88 35.69 4.17
C ARG A 453 31.07 36.96 3.88
N SER A 454 30.51 36.98 2.69
CA SER A 454 29.64 38.03 2.30
C SER A 454 28.44 38.18 3.24
N MET A 455 27.73 37.07 3.51
CA MET A 455 26.58 37.14 4.40
C MET A 455 26.90 37.43 5.87
N ILE A 456 28.07 37.06 6.35
CA ILE A 456 28.49 37.54 7.68
C ILE A 456 28.70 39.05 7.71
N ASP A 457 29.30 39.58 6.65
CA ASP A 457 29.53 41.01 6.54
C ASP A 457 28.24 41.84 6.41
N THR A 458 27.29 41.38 5.61
CA THR A 458 26.12 42.17 5.29
C THR A 458 24.77 41.42 5.39
N GLY A 459 24.75 40.19 5.92
CA GLY A 459 23.49 39.42 5.99
C GLY A 459 23.08 38.85 4.63
N ILE A 460 22.08 37.97 4.63
CA ILE A 460 21.40 37.56 3.40
C ILE A 460 20.81 38.79 2.73
N GLY A 461 20.12 39.60 3.54
CA GLY A 461 19.48 40.78 3.04
C GLY A 461 20.42 41.74 2.36
N GLY A 462 21.47 42.20 3.05
CA GLY A 462 22.36 43.21 2.51
C GLY A 462 23.12 42.65 1.32
N THR A 463 23.54 41.38 1.41
CA THR A 463 24.27 40.68 0.34
C THR A 463 23.43 40.59 -0.93
N GLY A 464 22.20 40.08 -0.81
CA GLY A 464 21.28 40.06 -1.96
C GLY A 464 20.88 41.41 -2.49
N LYS A 465 20.57 42.36 -1.60
CA LYS A 465 20.24 43.71 -2.07
C LYS A 465 21.40 44.32 -2.83
N ALA A 466 22.64 44.11 -2.37
CA ALA A 466 23.77 44.80 -3.02
C ALA A 466 24.09 44.13 -4.38
N PHE A 467 24.08 42.78 -4.42
CA PHE A 467 24.26 42.10 -5.72
C PHE A 467 23.11 42.37 -6.71
N ALA A 468 21.88 42.34 -6.21
CA ALA A 468 20.71 42.63 -7.05
C ALA A 468 20.79 44.03 -7.71
N GLU A 469 21.28 45.03 -6.98
CA GLU A 469 21.47 46.38 -7.56
C GLU A 469 22.58 46.40 -8.63
N ALA A 470 23.74 45.85 -8.27
CA ALA A 470 24.88 45.77 -9.16
C ALA A 470 24.48 45.02 -10.42
N TYR A 471 23.79 43.88 -10.27
CA TYR A 471 23.45 43.07 -11.45
C TYR A 471 22.39 43.75 -12.29
N ARG A 472 21.41 44.41 -11.65
CA ARG A 472 20.44 45.20 -12.37
C ARG A 472 21.14 46.25 -13.22
N ASN A 473 22.15 46.92 -12.68
CA ASN A 473 22.79 47.96 -13.44
C ASN A 473 23.63 47.44 -14.58
N LEU A 474 24.24 46.27 -14.42
CA LEU A 474 24.91 45.61 -15.55
C LEU A 474 23.89 45.24 -16.60
N LEU A 475 22.87 44.49 -16.20
CA LEU A 475 21.91 43.91 -17.15
C LEU A 475 21.12 44.91 -17.94
N ARG A 476 20.69 45.99 -17.31
CA ARG A 476 19.89 47.01 -17.98
C ARG A 476 20.71 47.89 -18.96
N GLU A 477 22.04 47.84 -18.88
CA GLU A 477 22.91 48.63 -19.78
C GLU A 477 23.50 47.82 -20.93
N GLU A 478 23.78 46.54 -20.71
CA GLU A 478 24.34 45.70 -21.75
C GLU A 478 23.42 45.54 -22.96
N PRO A 479 23.99 45.77 -24.15
CA PRO A 479 23.30 45.53 -25.42
C PRO A 479 22.91 44.04 -25.56
N LEU A 480 21.69 43.78 -26.01
CA LEU A 480 21.30 42.45 -26.49
C LEU A 480 22.26 41.92 -27.57
N GLU A 481 22.60 40.63 -27.51
CA GLU A 481 23.56 40.04 -28.44
C GLU A 481 22.99 39.05 -29.43
N ILE A 482 22.03 38.22 -29.02
CA ILE A 482 21.43 37.24 -29.94
C ILE A 482 19.98 37.67 -30.25
N LEU A 483 19.12 37.66 -29.25
CA LEU A 483 17.78 38.21 -29.39
C LEU A 483 17.84 39.71 -29.47
N ARG A 484 16.95 40.34 -30.23
CA ARG A 484 16.93 41.77 -30.27
C ARG A 484 15.61 42.16 -29.62
N GLU A 485 15.45 43.44 -29.36
CA GLU A 485 14.25 43.91 -28.73
C GLU A 485 12.99 43.47 -29.47
N GLU A 486 13.05 43.45 -30.81
CA GLU A 486 11.90 43.16 -31.65
C GLU A 486 11.52 41.67 -31.50
N ASP A 487 12.48 40.83 -31.12
CA ASP A 487 12.21 39.41 -30.84
C ASP A 487 11.43 39.25 -29.54
N PHE A 488 11.68 40.12 -28.56
CA PHE A 488 10.93 40.08 -27.32
C PHE A 488 9.55 40.62 -27.52
N VAL A 489 9.43 41.67 -28.31
CA VAL A 489 8.13 42.26 -28.59
C VAL A 489 7.23 41.28 -29.35
N ALA A 490 7.82 40.57 -30.30
CA ALA A 490 7.09 39.57 -31.07
C ALA A 490 6.66 38.38 -30.21
N GLU A 491 7.55 37.92 -29.34
CA GLU A 491 7.21 36.80 -28.48
C GLU A 491 6.16 37.18 -27.42
N ARG A 492 6.17 38.45 -27.01
CA ARG A 492 5.16 38.98 -26.13
C ARG A 492 3.77 38.91 -26.78
N GLU A 493 3.68 39.39 -28.02
CA GLU A 493 2.43 39.39 -28.79
C GLU A 493 1.98 37.98 -29.08
N ALA A 494 2.90 37.13 -29.51
CA ALA A 494 2.55 35.78 -29.88
C ALA A 494 2.09 34.99 -28.65
N SER A 495 2.76 35.22 -27.49
CA SER A 495 2.41 34.48 -26.30
C SER A 495 1.06 34.92 -25.77
N GLU A 496 0.78 36.22 -25.89
CA GLU A 496 -0.49 36.76 -25.39
C GLU A 496 -1.64 36.20 -26.25
N ARG A 497 -1.36 36.11 -27.55
CA ARG A 497 -2.29 35.58 -28.52
C ARG A 497 -2.59 34.11 -28.27
N ARG A 498 -1.56 33.29 -28.07
CA ARG A 498 -1.79 31.88 -27.69
C ARG A 498 -2.62 31.71 -26.43
N GLN A 499 -2.38 32.55 -25.43
CA GLN A 499 -3.21 32.53 -24.24
C GLN A 499 -4.66 32.95 -24.52
N GLN A 500 -4.87 34.03 -25.27
CA GLN A 500 -6.22 34.44 -25.68
C GLN A 500 -6.92 33.28 -26.42
N GLU A 501 -6.21 32.58 -27.28
CA GLU A 501 -6.80 31.49 -28.04
C GLU A 501 -7.20 30.30 -27.17
N MET A 502 -6.40 29.96 -26.15
CA MET A 502 -6.76 28.92 -25.21
C MET A 502 -7.99 29.33 -24.39
N GLU A 503 -8.08 30.59 -24.05
CA GLU A 503 -9.22 31.05 -23.25
C GLU A 503 -10.52 30.97 -24.04
N ALA A 504 -10.46 31.29 -25.33
CA ALA A 504 -11.61 31.29 -26.22
C ALA A 504 -12.01 29.85 -26.59
N ALA A 505 -11.05 28.93 -26.67
CA ALA A 505 -11.33 27.54 -27.04
C ALA A 505 -11.96 26.70 -25.95
N ASP A 506 -11.87 27.10 -24.70
CA ASP A 506 -12.45 26.27 -23.65
C ASP A 506 -13.94 26.13 -23.98
N THR A 507 -14.52 24.96 -23.76
CA THR A 507 -15.97 24.82 -23.91
C THR A 507 -16.63 24.40 -22.62
N GLU A 508 -15.87 23.80 -21.71
CA GLU A 508 -16.40 23.35 -20.42
C GLU A 508 -15.99 24.29 -19.30
N PRO A 509 -16.91 24.59 -18.38
CA PRO A 509 -16.49 25.31 -17.18
C PRO A 509 -15.42 24.52 -16.42
N PHE A 510 -14.56 25.23 -15.69
CA PHE A 510 -13.38 24.65 -15.03
C PHE A 510 -13.72 23.46 -14.13
N ALA A 511 -14.73 23.66 -13.28
CA ALA A 511 -15.25 22.61 -12.39
C ALA A 511 -15.53 21.30 -13.14
N VAL A 512 -16.17 21.41 -14.32
CA VAL A 512 -16.51 20.24 -15.13
C VAL A 512 -15.27 19.67 -15.78
N TRP A 513 -14.53 20.53 -16.46
CA TRP A 513 -13.24 20.15 -17.06
C TRP A 513 -12.31 19.47 -16.05
N LEU A 514 -12.27 20.02 -14.84
CA LEU A 514 -11.40 19.53 -13.80
C LEU A 514 -11.71 18.08 -13.42
N GLU A 515 -13.00 17.75 -13.31
CA GLU A 515 -13.40 16.36 -13.04
C GLU A 515 -12.78 15.35 -13.99
N LYS A 516 -12.62 15.68 -15.27
CA LYS A 516 -11.93 14.75 -16.16
C LYS A 516 -10.38 14.88 -16.18
N HIS A 517 -9.80 15.67 -15.28
CA HIS A 517 -8.34 15.85 -15.22
C HIS A 517 -7.68 15.74 -13.81
N ALA A 518 -8.50 15.66 -12.76
CA ALA A 518 -8.02 15.80 -11.36
C ALA A 518 -7.20 14.63 -10.77
N MET B 1 -12.10 -16.69 -8.64
CA MET B 1 -12.74 -16.81 -9.95
C MET B 1 -11.77 -17.47 -10.93
N ILE B 2 -10.48 -17.31 -10.67
CA ILE B 2 -9.42 -17.95 -11.39
C ILE B 2 -9.29 -19.35 -10.81
N PRO B 3 -9.46 -20.40 -11.66
CA PRO B 3 -9.42 -21.77 -11.16
C PRO B 3 -8.10 -22.07 -10.49
N ASP B 4 -8.10 -23.08 -9.65
CA ASP B 4 -6.90 -23.54 -9.02
C ASP B 4 -6.11 -24.44 -9.97
N VAL B 5 -4.83 -24.15 -10.17
CA VAL B 5 -4.06 -24.79 -11.20
C VAL B 5 -2.77 -25.33 -10.58
N SER B 6 -2.78 -25.51 -9.27
CA SER B 6 -1.55 -25.88 -8.55
C SER B 6 -1.00 -27.26 -8.87
N GLN B 7 -1.87 -28.22 -9.19
CA GLN B 7 -1.39 -29.55 -9.57
C GLN B 7 -0.63 -29.49 -10.90
N ALA B 8 -1.24 -28.82 -11.88
CA ALA B 8 -0.61 -28.62 -13.19
C ALA B 8 0.68 -27.81 -13.10
N LEU B 9 0.70 -26.81 -12.22
CA LEU B 9 1.91 -25.99 -11.98
C LEU B 9 3.02 -26.78 -11.28
N ALA B 10 2.65 -27.53 -10.25
CA ALA B 10 3.59 -28.51 -9.67
C ALA B 10 4.08 -29.54 -10.71
N TRP B 11 3.19 -30.09 -11.53
CA TRP B 11 3.62 -30.96 -12.63
C TRP B 11 4.67 -30.27 -13.50
N LEU B 12 4.38 -29.03 -13.93
CA LEU B 12 5.27 -28.28 -14.79
C LEU B 12 6.63 -27.98 -14.16
N GLU B 13 6.64 -27.60 -12.89
CA GLU B 13 7.89 -27.27 -12.22
C GLU B 13 8.78 -28.53 -12.13
N LYS B 14 8.14 -29.69 -12.15
CA LYS B 14 8.82 -30.98 -12.14
C LYS B 14 9.32 -31.37 -13.56
N HIS B 15 8.71 -30.77 -14.58
CA HIS B 15 9.02 -31.12 -15.97
C HIS B 15 9.35 -29.91 -16.84
N PRO B 16 10.34 -29.09 -16.40
CA PRO B 16 10.60 -27.78 -16.99
C PRO B 16 10.90 -27.86 -18.50
N GLN B 17 11.52 -28.95 -18.92
CA GLN B 17 11.91 -29.13 -20.32
C GLN B 17 10.71 -29.44 -21.21
N ALA B 18 9.54 -29.57 -20.59
CA ALA B 18 8.28 -29.74 -21.34
C ALA B 18 7.92 -28.51 -22.16
N LEU B 19 8.53 -27.37 -21.88
CA LEU B 19 8.18 -26.15 -22.58
C LEU B 19 9.27 -25.69 -23.53
N LYS B 20 10.35 -26.47 -23.64
CA LYS B 20 11.44 -26.09 -24.54
C LYS B 20 11.03 -26.26 -26.01
N GLY B 21 11.10 -25.18 -26.80
CA GLY B 21 10.76 -25.22 -28.21
C GLY B 21 9.35 -24.73 -28.60
N ILE B 22 8.82 -23.74 -27.88
CA ILE B 22 7.57 -23.10 -28.27
C ILE B 22 7.82 -22.47 -29.64
N GLN B 23 6.82 -22.57 -30.53
CA GLN B 23 6.94 -21.96 -31.85
C GLN B 23 5.92 -20.82 -32.00
N ARG B 24 6.29 -19.81 -32.78
CA ARG B 24 5.48 -18.60 -32.90
C ARG B 24 5.52 -17.97 -34.28
N GLY B 25 4.47 -17.21 -34.59
CA GLY B 25 4.45 -16.38 -35.79
C GLY B 25 3.64 -15.15 -35.48
N LEU B 26 3.94 -14.04 -36.16
CA LEU B 26 3.19 -12.82 -36.02
C LEU B 26 2.60 -12.33 -37.36
N GLU B 27 1.35 -11.87 -37.33
CA GLU B 27 0.77 -11.14 -38.42
C GLU B 27 0.41 -9.72 -37.93
N ARG B 28 0.83 -8.70 -38.66
CA ARG B 28 0.51 -7.32 -38.33
C ARG B 28 -0.06 -6.61 -39.54
N GLU B 29 -1.23 -6.00 -39.40
CA GLU B 29 -1.82 -5.24 -40.49
C GLU B 29 -1.61 -3.72 -40.28
N THR B 30 -1.53 -2.98 -41.38
CA THR B 30 -1.41 -1.53 -41.31
C THR B 30 -1.87 -0.85 -42.60
N LEU B 31 -2.74 0.14 -42.46
CA LEU B 31 -3.11 0.98 -43.60
C LEU B 31 -1.95 1.83 -44.14
N ARG B 32 -1.77 1.78 -45.46
CA ARG B 32 -0.91 2.75 -46.19
C ARG B 32 -1.58 4.13 -46.25
N VAL B 33 -0.91 5.14 -45.69
CA VAL B 33 -1.50 6.47 -45.59
C VAL B 33 -0.53 7.54 -46.05
N ASN B 34 -1.11 8.66 -46.52
CA ASN B 34 -0.37 9.89 -46.81
C ASN B 34 -0.11 10.63 -45.50
N ALA B 35 0.78 11.63 -45.57
CA ALA B 35 1.16 12.45 -44.42
C ALA B 35 -0.03 13.15 -43.80
N ASP B 36 -1.09 13.39 -44.57
CA ASP B 36 -2.29 14.01 -44.00
C ASP B 36 -3.22 12.99 -43.36
N GLY B 37 -2.78 11.73 -43.33
CA GLY B 37 -3.58 10.67 -42.72
C GLY B 37 -4.57 9.97 -43.64
N THR B 38 -4.85 10.54 -44.82
CA THR B 38 -5.80 9.93 -45.73
C THR B 38 -5.24 8.64 -46.30
N LEU B 39 -6.17 7.77 -46.66
CA LEU B 39 -5.85 6.49 -47.21
C LEU B 39 -5.22 6.60 -48.59
N ALA B 40 -4.02 6.02 -48.74
CA ALA B 40 -3.33 5.95 -50.03
C ALA B 40 -4.18 5.18 -51.05
N THR B 41 -4.33 5.73 -52.24
CA THR B 41 -5.09 5.06 -53.29
C THR B 41 -4.15 4.57 -54.41
N THR B 42 -2.84 4.58 -54.16
CA THR B 42 -1.89 3.87 -55.01
C THR B 42 -2.04 2.36 -54.87
N GLY B 43 -1.40 1.60 -55.75
CA GLY B 43 -1.48 0.14 -55.68
C GLY B 43 -0.47 -0.43 -54.70
N HIS B 44 -0.59 -1.73 -54.41
CA HIS B 44 0.37 -2.42 -53.58
C HIS B 44 1.77 -2.02 -54.05
N PRO B 45 2.59 -1.45 -53.15
CA PRO B 45 3.94 -1.03 -53.56
C PRO B 45 4.68 -2.07 -54.43
N GLU B 46 5.27 -1.57 -55.51
CA GLU B 46 5.97 -2.38 -56.52
C GLU B 46 7.07 -3.27 -55.99
N ALA B 47 7.87 -2.74 -55.05
CA ALA B 47 8.99 -3.51 -54.49
C ALA B 47 8.53 -4.76 -53.74
N LEU B 48 7.23 -4.84 -53.39
CA LEU B 48 6.76 -5.97 -52.62
C LEU B 48 6.21 -7.09 -53.51
N GLY B 49 6.28 -6.90 -54.83
CA GLY B 49 5.83 -7.91 -55.77
C GLY B 49 4.35 -8.22 -55.66
N SER B 50 4.03 -9.52 -55.77
CA SER B 50 2.65 -10.01 -55.78
C SER B 50 2.06 -10.25 -54.37
N ALA B 51 1.05 -9.48 -53.99
CA ALA B 51 0.38 -9.71 -52.72
C ALA B 51 -0.22 -11.12 -52.67
N LEU B 52 -0.62 -11.63 -53.82
CA LEU B 52 -1.26 -12.92 -53.89
C LEU B 52 -0.38 -14.10 -53.43
N THR B 53 0.92 -14.05 -53.72
CA THR B 53 1.79 -15.22 -53.53
C THR B 53 3.00 -14.96 -52.64
N HIS B 54 3.34 -13.69 -52.42
CA HIS B 54 4.49 -13.32 -51.61
C HIS B 54 4.51 -14.10 -50.27
N LYS B 55 5.72 -14.40 -49.82
CA LYS B 55 5.93 -15.18 -48.62
C LYS B 55 5.78 -14.40 -47.29
N TRP B 56 6.10 -13.10 -47.28
CA TRP B 56 6.18 -12.36 -46.03
C TRP B 56 5.27 -11.14 -45.98
N ILE B 57 4.95 -10.59 -47.14
CA ILE B 57 4.15 -9.39 -47.21
C ILE B 57 3.02 -9.58 -48.18
N THR B 58 1.83 -9.15 -47.77
CA THR B 58 0.62 -9.30 -48.55
C THR B 58 -0.33 -8.15 -48.19
N THR B 59 -1.59 -8.28 -48.57
CA THR B 59 -2.60 -7.31 -48.18
C THR B 59 -3.74 -8.06 -47.49
N ASP B 60 -4.53 -7.35 -46.70
CA ASP B 60 -5.70 -7.99 -46.09
C ASP B 60 -6.91 -7.64 -46.96
N PHE B 61 -7.88 -6.91 -46.42
CA PHE B 61 -9.12 -6.64 -47.13
C PHE B 61 -8.96 -5.62 -48.25
N ALA B 62 -8.10 -4.64 -48.02
CA ALA B 62 -8.01 -3.47 -48.86
C ALA B 62 -6.67 -3.48 -49.56
N GLU B 63 -6.61 -2.87 -50.74
CA GLU B 63 -5.38 -2.80 -51.49
C GLU B 63 -4.40 -1.97 -50.66
N ALA B 64 -4.93 -1.04 -49.87
CA ALA B 64 -4.09 -0.19 -48.99
C ALA B 64 -3.84 -0.77 -47.60
N LEU B 65 -4.37 -1.96 -47.29
CA LEU B 65 -4.13 -2.55 -45.98
C LEU B 65 -3.03 -3.59 -46.09
N LEU B 66 -1.81 -3.20 -45.74
CA LEU B 66 -0.72 -4.15 -45.72
C LEU B 66 -0.88 -5.20 -44.63
N GLU B 67 -0.24 -6.34 -44.84
CA GLU B 67 -0.15 -7.35 -43.81
C GLU B 67 1.24 -7.97 -43.85
N PHE B 68 1.92 -8.00 -42.71
CA PHE B 68 3.23 -8.64 -42.56
C PHE B 68 3.08 -9.96 -41.83
N ILE B 69 3.79 -10.98 -42.29
CA ILE B 69 3.65 -12.30 -41.69
C ILE B 69 5.03 -12.88 -41.50
N THR B 70 5.36 -13.25 -40.27
CA THR B 70 6.64 -13.89 -40.02
C THR B 70 6.51 -15.39 -40.17
N PRO B 71 7.54 -16.03 -40.74
CA PRO B 71 7.63 -17.50 -40.85
C PRO B 71 7.77 -18.07 -39.45
N VAL B 72 7.10 -19.19 -39.16
CA VAL B 72 7.14 -19.80 -37.82
C VAL B 72 8.59 -19.86 -37.35
N ASP B 73 8.81 -19.57 -36.07
CA ASP B 73 10.12 -19.28 -35.51
C ASP B 73 10.07 -19.71 -34.05
N GLY B 74 11.22 -20.13 -33.51
CA GLY B 74 11.31 -20.52 -32.13
C GLY B 74 12.00 -19.50 -31.23
N ASP B 75 12.54 -18.44 -31.84
CA ASP B 75 13.25 -17.39 -31.08
C ASP B 75 12.49 -16.04 -31.11
N ILE B 76 12.14 -15.50 -29.95
CA ILE B 76 11.40 -14.22 -29.88
C ILE B 76 12.15 -13.03 -30.56
N GLU B 77 13.38 -12.80 -30.17
CA GLU B 77 14.17 -11.70 -30.74
C GLU B 77 14.25 -11.83 -32.28
N HIS B 78 14.56 -13.02 -32.75
CA HIS B 78 14.61 -13.30 -34.19
C HIS B 78 13.29 -12.96 -34.87
N MET B 79 12.17 -13.46 -34.34
CA MET B 79 10.85 -13.19 -34.92
C MET B 79 10.52 -11.68 -35.01
N LEU B 80 10.89 -10.93 -33.98
CA LEU B 80 10.58 -9.48 -33.94
C LEU B 80 11.52 -8.68 -34.87
N THR B 81 12.78 -9.11 -34.93
CA THR B 81 13.73 -8.52 -35.87
C THR B 81 13.32 -8.78 -37.33
N PHE B 82 12.85 -9.99 -37.61
CA PHE B 82 12.38 -10.33 -38.96
C PHE B 82 11.20 -9.47 -39.34
N MET B 83 10.21 -9.36 -38.45
CA MET B 83 9.06 -8.49 -38.68
C MET B 83 9.48 -7.02 -38.92
N ARG B 84 10.52 -6.57 -38.20
CA ARG B 84 11.01 -5.20 -38.28
C ARG B 84 11.70 -4.97 -39.62
N ASP B 85 12.48 -5.95 -40.08
CA ASP B 85 13.09 -5.90 -41.42
C ASP B 85 12.07 -5.65 -42.50
N LEU B 86 10.93 -6.33 -42.40
CA LEU B 86 9.84 -6.21 -43.37
C LEU B 86 9.26 -4.81 -43.36
N HIS B 87 9.11 -4.25 -42.16
CA HIS B 87 8.63 -2.87 -41.96
C HIS B 87 9.65 -1.84 -42.49
N ARG B 88 10.94 -2.07 -42.18
CA ARG B 88 12.05 -1.22 -42.66
C ARG B 88 12.00 -1.13 -44.17
N TYR B 89 12.03 -2.29 -44.82
CA TYR B 89 12.09 -2.34 -46.27
C TYR B 89 10.87 -1.67 -46.90
N THR B 90 9.70 -1.99 -46.37
CA THR B 90 8.46 -1.39 -46.84
C THR B 90 8.47 0.12 -46.62
N ALA B 91 9.07 0.58 -45.52
CA ALA B 91 8.98 2.01 -45.22
C ALA B 91 9.74 2.85 -46.25
N ARG B 92 10.78 2.28 -46.82
CA ARG B 92 11.63 3.03 -47.72
C ARG B 92 11.32 2.69 -49.18
N ASN B 93 10.17 2.06 -49.40
CA ASN B 93 9.73 1.66 -50.73
C ASN B 93 8.26 1.93 -50.93
N MET B 94 7.78 3.05 -50.39
CA MET B 94 6.39 3.44 -50.64
C MET B 94 6.22 4.95 -50.80
N GLY B 95 7.17 5.61 -51.49
CA GLY B 95 7.06 7.06 -51.67
C GLY B 95 6.94 7.78 -50.35
N ASP B 96 6.01 8.74 -50.25
CA ASP B 96 5.84 9.58 -49.03
C ASP B 96 4.77 8.96 -48.11
N GLU B 97 4.36 7.74 -48.43
CA GLU B 97 3.35 7.05 -47.64
C GLU B 97 3.92 6.49 -46.35
N ARG B 98 3.06 6.40 -45.35
CA ARG B 98 3.49 5.76 -44.12
C ARG B 98 2.42 4.80 -43.59
N MET B 99 2.75 4.09 -42.51
CA MET B 99 1.88 3.04 -42.00
C MET B 99 1.10 3.56 -40.82
N TRP B 100 -0.23 3.47 -40.90
CA TRP B 100 -1.05 3.96 -39.79
C TRP B 100 -0.73 3.10 -38.56
N PRO B 101 -0.47 3.74 -37.40
CA PRO B 101 0.05 3.06 -36.22
C PRO B 101 -0.98 2.64 -35.15
N LEU B 102 -2.27 2.76 -35.46
CA LEU B 102 -3.35 2.48 -34.51
C LEU B 102 -4.30 1.44 -35.10
N SER B 103 -5.07 0.73 -34.27
CA SER B 103 -6.14 -0.16 -34.77
C SER B 103 -7.22 0.62 -35.50
N MET B 104 -7.72 1.69 -34.88
CA MET B 104 -8.80 2.48 -35.48
C MET B 104 -8.24 3.53 -36.41
N PRO B 105 -8.82 3.61 -37.63
CA PRO B 105 -8.44 4.61 -38.64
C PRO B 105 -9.10 5.95 -38.29
N SER B 106 -8.59 7.03 -38.86
CA SER B 106 -9.22 8.32 -38.59
C SER B 106 -9.84 8.99 -39.82
N TYR B 107 -9.08 9.07 -40.91
CA TYR B 107 -9.52 9.91 -42.03
C TYR B 107 -10.21 9.10 -43.12
N ILE B 108 -11.02 8.13 -42.69
CA ILE B 108 -11.82 7.28 -43.57
C ILE B 108 -13.32 7.54 -43.34
N ALA B 109 -14.01 7.99 -44.38
CA ALA B 109 -15.45 8.25 -44.31
C ALA B 109 -16.23 6.95 -44.43
N GLU B 110 -17.38 6.91 -43.78
CA GLU B 110 -18.24 5.75 -43.94
C GLU B 110 -18.76 5.64 -45.40
N GLY B 111 -18.77 4.41 -45.89
CA GLY B 111 -19.16 4.13 -47.26
C GLY B 111 -18.15 4.65 -48.25
N GLN B 112 -17.02 5.16 -47.76
CA GLN B 112 -15.91 5.57 -48.63
C GLN B 112 -15.59 4.43 -49.59
N ASP B 113 -15.31 4.79 -50.84
CA ASP B 113 -14.99 3.79 -51.85
C ASP B 113 -13.54 3.31 -51.69
N ILE B 114 -13.35 2.36 -50.78
CA ILE B 114 -12.02 1.77 -50.56
C ILE B 114 -11.75 0.69 -51.61
N GLU B 115 -10.67 0.83 -52.36
CA GLU B 115 -10.25 -0.21 -53.28
C GLU B 115 -9.98 -1.55 -52.58
N LEU B 116 -10.75 -2.57 -52.96
CA LEU B 116 -10.57 -3.90 -52.39
C LEU B 116 -9.22 -4.41 -52.84
N ALA B 117 -8.64 -5.33 -52.07
CA ALA B 117 -7.34 -5.86 -52.47
C ALA B 117 -7.47 -6.49 -53.85
N GLN B 118 -6.44 -6.30 -54.66
CA GLN B 118 -6.40 -6.76 -56.05
C GLN B 118 -5.37 -7.87 -56.18
N TYR B 119 -5.79 -9.03 -56.68
CA TYR B 119 -4.86 -10.17 -56.80
C TYR B 119 -4.69 -10.73 -58.22
N GLY B 120 -4.96 -9.91 -59.22
CA GLY B 120 -4.71 -10.36 -60.58
C GLY B 120 -5.87 -11.10 -61.19
N THR B 121 -5.62 -11.75 -62.32
CA THR B 121 -6.69 -12.28 -63.16
C THR B 121 -6.99 -13.77 -62.94
N SER B 122 -6.07 -14.48 -62.28
CA SER B 122 -6.28 -15.89 -61.94
C SER B 122 -7.59 -16.13 -61.20
N ASN B 123 -8.08 -17.36 -61.29
CA ASN B 123 -9.31 -17.72 -60.63
C ASN B 123 -9.21 -17.49 -59.12
N THR B 124 -8.09 -17.91 -58.54
CA THR B 124 -7.81 -17.73 -57.14
C THR B 124 -7.86 -16.25 -56.75
N GLY B 125 -7.06 -15.43 -57.43
CA GLY B 125 -7.07 -13.99 -57.25
C GLY B 125 -8.45 -13.38 -57.33
N ARG B 126 -9.22 -13.72 -58.36
CA ARG B 126 -10.52 -13.11 -58.56
C ARG B 126 -11.47 -13.56 -57.44
N PHE B 127 -11.22 -14.74 -56.90
CA PHE B 127 -11.99 -15.29 -55.77
C PHE B 127 -11.71 -14.60 -54.40
N LYS B 128 -10.43 -14.35 -54.12
CA LYS B 128 -10.04 -13.53 -52.98
C LYS B 128 -10.68 -12.13 -53.03
N THR B 129 -10.65 -11.50 -54.21
CA THR B 129 -11.25 -10.15 -54.36
C THR B 129 -12.76 -10.17 -54.22
N LEU B 130 -13.38 -11.26 -54.66
CA LEU B 130 -14.84 -11.41 -54.59
C LEU B 130 -15.32 -11.65 -53.14
N TYR B 131 -14.55 -12.45 -52.41
CA TYR B 131 -14.76 -12.58 -50.98
C TYR B 131 -14.87 -11.20 -50.29
N ARG B 132 -13.90 -10.33 -50.58
CA ARG B 132 -13.87 -8.98 -50.02
C ARG B 132 -15.04 -8.11 -50.48
N GLU B 133 -15.43 -8.27 -51.74
CA GLU B 133 -16.64 -7.64 -52.26
C GLU B 133 -17.84 -8.09 -51.44
N GLY B 134 -17.88 -9.38 -51.12
CA GLY B 134 -18.92 -9.91 -50.22
C GLY B 134 -18.90 -9.26 -48.84
N LEU B 135 -17.73 -9.22 -48.22
CA LEU B 135 -17.52 -8.54 -46.93
C LEU B 135 -17.93 -7.08 -47.04
N LYS B 136 -17.42 -6.40 -48.06
CA LYS B 136 -17.85 -5.02 -48.27
C LYS B 136 -19.37 -4.89 -48.34
N ASN B 137 -20.04 -5.76 -49.09
CA ASN B 137 -21.49 -5.61 -49.27
C ASN B 137 -22.26 -6.04 -48.02
N ARG B 138 -21.69 -6.97 -47.26
CA ARG B 138 -22.35 -7.46 -46.03
C ARG B 138 -22.15 -6.56 -44.83
N TYR B 139 -20.91 -6.10 -44.63
CA TYR B 139 -20.58 -5.36 -43.40
C TYR B 139 -20.14 -3.92 -43.59
N GLY B 140 -19.89 -3.51 -44.83
CA GLY B 140 -19.36 -2.17 -45.13
C GLY B 140 -17.84 -2.26 -45.14
N ALA B 141 -17.20 -1.39 -45.92
CA ALA B 141 -15.74 -1.43 -46.03
C ALA B 141 -15.05 -0.73 -44.86
N LEU B 142 -15.79 0.16 -44.19
CA LEU B 142 -15.19 0.94 -43.12
C LEU B 142 -14.66 0.00 -42.03
N MET B 143 -15.53 -0.86 -41.54
CA MET B 143 -15.19 -1.82 -40.49
C MET B 143 -13.93 -2.67 -40.82
N GLN B 144 -13.65 -2.83 -42.10
CA GLN B 144 -12.62 -3.75 -42.55
C GLN B 144 -11.26 -3.08 -42.58
N THR B 145 -11.23 -1.80 -42.22
CA THR B 145 -9.97 -1.04 -42.23
C THR B 145 -9.38 -0.95 -40.81
N ILE B 146 -10.19 -1.28 -39.80
CA ILE B 146 -9.70 -1.57 -38.46
C ILE B 146 -8.66 -2.69 -38.55
N SER B 147 -7.48 -2.45 -38.00
CA SER B 147 -6.39 -3.41 -38.09
C SER B 147 -5.97 -3.99 -36.74
N GLY B 148 -5.22 -5.07 -36.78
CA GLY B 148 -4.90 -5.80 -35.56
C GLY B 148 -3.69 -6.64 -35.79
N VAL B 149 -3.23 -7.26 -34.71
CA VAL B 149 -2.08 -8.16 -34.75
C VAL B 149 -2.62 -9.55 -34.34
N HIS B 150 -2.11 -10.61 -34.97
CA HIS B 150 -2.47 -11.97 -34.59
C HIS B 150 -1.22 -12.65 -34.09
N TYR B 151 -1.38 -13.42 -33.04
CA TYR B 151 -0.21 -14.08 -32.47
C TYR B 151 -0.44 -15.59 -32.62
N ASN B 152 0.49 -16.27 -33.27
CA ASN B 152 0.34 -17.68 -33.55
C ASN B 152 1.28 -18.44 -32.66
N PHE B 153 0.75 -19.49 -32.03
CA PHE B 153 1.44 -20.15 -30.91
C PHE B 153 1.24 -21.67 -30.88
N SER B 154 2.33 -22.41 -30.77
CA SER B 154 2.21 -23.81 -30.50
C SER B 154 3.24 -24.26 -29.47
N LEU B 155 2.82 -25.22 -28.65
CA LEU B 155 3.64 -25.85 -27.63
C LEU B 155 4.48 -26.89 -28.34
N PRO B 156 5.66 -27.23 -27.78
CA PRO B 156 6.45 -28.21 -28.54
C PRO B 156 5.87 -29.62 -28.30
N MET B 157 6.33 -30.59 -29.08
CA MET B 157 5.90 -31.98 -28.90
C MET B 157 6.25 -32.47 -27.51
N ALA B 158 7.45 -32.06 -27.06
CA ALA B 158 7.90 -32.27 -25.69
C ALA B 158 6.84 -32.01 -24.63
N PHE B 159 5.92 -31.07 -24.89
CA PHE B 159 4.87 -30.75 -23.92
C PHE B 159 3.87 -31.88 -23.75
N TRP B 160 3.36 -32.37 -24.87
CA TRP B 160 2.37 -33.45 -24.90
C TRP B 160 2.95 -34.80 -24.45
N GLN B 161 4.20 -35.05 -24.83
CA GLN B 161 4.94 -36.27 -24.47
C GLN B 161 5.22 -36.34 -22.96
N ALA B 162 5.15 -35.20 -22.29
CA ALA B 162 5.43 -35.19 -20.87
C ALA B 162 4.15 -35.26 -20.04
N LYS B 163 3.00 -35.12 -20.68
CA LYS B 163 1.73 -35.03 -19.96
C LYS B 163 1.36 -36.34 -19.27
N LYS B 173 -2.27 -37.19 -30.61
CA LYS B 173 -2.75 -36.38 -31.72
C LYS B 173 -4.18 -35.90 -31.45
N GLU B 174 -4.96 -36.75 -30.78
CA GLU B 174 -6.28 -36.33 -30.32
C GLU B 174 -6.15 -35.71 -28.95
N LYS B 175 -5.03 -36.03 -28.31
CA LYS B 175 -4.62 -35.43 -27.06
C LYS B 175 -4.21 -33.97 -27.31
N ILE B 176 -3.54 -33.72 -28.44
CA ILE B 176 -3.13 -32.39 -28.87
C ILE B 176 -4.31 -31.50 -29.25
N SER B 177 -5.22 -32.00 -30.08
CA SER B 177 -6.46 -31.29 -30.35
C SER B 177 -7.23 -30.97 -29.06
N ALA B 178 -7.30 -31.92 -28.14
CA ALA B 178 -8.10 -31.72 -26.95
C ALA B 178 -7.43 -30.67 -26.06
N GLY B 179 -6.10 -30.68 -26.05
CA GLY B 179 -5.28 -29.67 -25.38
C GLY B 179 -5.52 -28.26 -25.90
N TYR B 180 -5.55 -28.08 -27.21
CA TYR B 180 -5.85 -26.78 -27.80
C TYR B 180 -7.29 -26.34 -27.66
N PHE B 181 -8.24 -27.27 -27.63
CA PHE B 181 -9.62 -26.90 -27.36
C PHE B 181 -9.77 -26.42 -25.93
N ARG B 182 -9.02 -27.05 -25.04
CA ARG B 182 -8.92 -26.60 -23.67
C ARG B 182 -8.34 -25.16 -23.63
N VAL B 183 -7.23 -24.95 -24.32
CA VAL B 183 -6.66 -23.59 -24.48
C VAL B 183 -7.75 -22.60 -24.93
N ILE B 184 -8.50 -22.96 -25.96
CA ILE B 184 -9.56 -22.10 -26.47
C ILE B 184 -10.64 -21.80 -25.45
N ARG B 185 -11.05 -22.80 -24.69
CA ARG B 185 -12.12 -22.58 -23.73
C ARG B 185 -11.67 -21.67 -22.59
N ASN B 186 -10.42 -21.83 -22.14
CA ASN B 186 -9.82 -20.96 -21.11
C ASN B 186 -9.64 -19.54 -21.66
N TYR B 187 -9.32 -19.44 -22.95
CA TYR B 187 -9.16 -18.16 -23.59
C TYR B 187 -10.50 -17.40 -23.59
N TYR B 188 -11.61 -18.10 -23.85
CA TYR B 188 -12.90 -17.45 -23.85
C TYR B 188 -13.27 -16.96 -22.42
N ARG B 189 -12.85 -17.72 -21.43
CA ARG B 189 -13.20 -17.43 -20.07
C ARG B 189 -12.36 -16.27 -19.53
N PHE B 190 -11.07 -16.25 -19.85
CA PHE B 190 -10.10 -15.40 -19.17
C PHE B 190 -9.30 -14.44 -20.08
N GLY B 191 -9.56 -14.49 -21.37
CA GLY B 191 -8.70 -13.81 -22.33
C GLY B 191 -8.95 -12.31 -22.40
N TRP B 192 -9.98 -11.83 -21.67
CA TRP B 192 -10.25 -10.41 -21.57
C TRP B 192 -9.04 -9.74 -20.90
N VAL B 193 -8.12 -10.53 -20.38
CA VAL B 193 -6.95 -9.97 -19.74
C VAL B 193 -6.08 -9.26 -20.82
N ILE B 194 -6.21 -9.67 -22.06
CA ILE B 194 -5.48 -9.09 -23.17
C ILE B 194 -5.94 -7.67 -23.55
N PRO B 195 -7.23 -7.45 -23.88
CA PRO B 195 -7.60 -6.05 -24.11
C PRO B 195 -7.40 -5.16 -22.87
N TYR B 196 -7.47 -5.72 -21.67
CA TYR B 196 -7.23 -4.92 -20.48
C TYR B 196 -5.81 -4.35 -20.52
N LEU B 197 -4.82 -5.24 -20.71
CA LEU B 197 -3.43 -4.84 -20.67
C LEU B 197 -3.00 -4.05 -21.93
N PHE B 198 -3.50 -4.47 -23.09
CA PHE B 198 -2.96 -4.08 -24.39
C PHE B 198 -4.00 -3.51 -25.34
N GLY B 199 -5.24 -3.41 -24.91
CA GLY B 199 -6.22 -2.75 -25.75
C GLY B 199 -5.73 -1.32 -25.93
N ALA B 200 -5.90 -0.79 -27.14
CA ALA B 200 -5.36 0.51 -27.57
C ALA B 200 -6.30 1.15 -28.59
N SER B 201 -7.59 1.03 -28.33
CA SER B 201 -8.62 1.70 -29.11
C SER B 201 -9.78 2.14 -28.20
N PRO B 202 -9.51 3.06 -27.24
CA PRO B 202 -10.59 3.54 -26.37
C PRO B 202 -11.46 4.62 -27.02
N ALA B 203 -11.06 5.05 -28.21
CA ALA B 203 -11.79 6.09 -28.94
C ALA B 203 -12.05 5.62 -30.37
N ILE B 204 -13.09 6.21 -30.97
CA ILE B 204 -13.57 5.82 -32.28
C ILE B 204 -13.95 7.10 -33.03
N SER B 205 -13.65 7.18 -34.32
CA SER B 205 -14.14 8.36 -35.05
C SER B 205 -15.65 8.21 -35.33
N SER B 206 -16.32 9.32 -35.60
CA SER B 206 -17.78 9.31 -35.77
C SER B 206 -18.21 8.51 -37.00
N SER B 207 -17.27 8.34 -37.93
CA SER B 207 -17.48 7.51 -39.09
C SER B 207 -18.07 6.17 -38.70
N PHE B 208 -17.59 5.60 -37.60
CA PHE B 208 -18.03 4.29 -37.16
C PHE B 208 -19.39 4.32 -36.46
N LEU B 209 -19.92 5.52 -36.26
CA LEU B 209 -21.26 5.67 -35.74
C LEU B 209 -22.20 6.17 -36.82
N THR B 214 -26.64 2.97 -31.21
CA THR B 214 -25.87 2.70 -29.98
C THR B 214 -26.44 3.43 -28.75
N SER B 215 -26.35 2.75 -27.62
CA SER B 215 -26.87 3.25 -26.36
C SER B 215 -25.73 3.44 -25.37
N LEU B 216 -24.51 3.21 -25.85
CA LEU B 216 -23.29 3.39 -25.06
C LEU B 216 -23.12 4.86 -24.69
N PRO B 217 -22.75 5.13 -23.42
CA PRO B 217 -22.60 6.47 -22.87
C PRO B 217 -21.39 7.20 -23.40
N PHE B 218 -21.19 7.18 -24.71
CA PHE B 218 -20.04 7.83 -25.33
C PHE B 218 -19.85 9.27 -24.88
N GLU B 219 -18.62 9.65 -24.55
CA GLU B 219 -18.24 11.05 -24.45
C GLU B 219 -17.86 11.50 -25.84
N LYS B 220 -17.83 12.81 -26.07
CA LYS B 220 -17.43 13.31 -27.37
C LYS B 220 -16.61 14.55 -27.16
N THR B 221 -15.44 14.64 -27.78
CA THR B 221 -14.62 15.82 -27.63
C THR B 221 -15.13 16.93 -28.54
N GLU B 222 -14.61 18.14 -28.32
CA GLU B 222 -14.99 19.30 -29.12
C GLU B 222 -14.62 19.11 -30.59
N SER B 223 -13.53 18.40 -30.84
CA SER B 223 -13.10 18.12 -32.21
C SER B 223 -13.86 16.98 -32.90
N GLY B 224 -14.77 16.33 -32.18
CA GLY B 224 -15.65 15.34 -32.80
C GLY B 224 -15.34 13.86 -32.55
N MET B 225 -14.36 13.58 -31.70
CA MET B 225 -13.97 12.19 -31.40
C MET B 225 -14.87 11.57 -30.33
N TYR B 226 -15.26 10.32 -30.52
CA TYR B 226 -16.03 9.63 -29.50
C TYR B 226 -15.11 8.75 -28.69
N TYR B 227 -15.38 8.62 -27.39
CA TYR B 227 -14.63 7.68 -26.58
C TYR B 227 -15.43 7.29 -25.39
N LEU B 228 -15.07 6.17 -24.77
CA LEU B 228 -15.60 5.85 -23.46
C LEU B 228 -14.47 6.01 -22.45
N PRO B 229 -14.76 6.66 -21.31
CA PRO B 229 -13.68 7.04 -20.43
C PRO B 229 -12.81 5.89 -19.94
N TYR B 230 -13.37 4.67 -19.81
CA TYR B 230 -12.59 3.55 -19.25
C TYR B 230 -12.40 2.39 -20.20
N ALA B 231 -12.66 2.65 -21.48
CA ALA B 231 -12.63 1.62 -22.48
C ALA B 231 -11.21 1.20 -22.76
N THR B 232 -11.09 -0.05 -23.21
CA THR B 232 -9.78 -0.61 -23.54
C THR B 232 -9.67 -0.82 -25.05
N SER B 233 -10.64 -1.53 -25.62
CA SER B 233 -10.52 -1.96 -27.02
C SER B 233 -11.88 -1.97 -27.74
N LEU B 234 -12.28 -0.82 -28.30
CA LEU B 234 -13.49 -0.71 -29.06
C LEU B 234 -13.41 -1.43 -30.40
N ARG B 235 -12.19 -1.77 -30.81
CA ARG B 235 -12.00 -2.66 -31.95
C ARG B 235 -12.72 -4.01 -31.73
N LEU B 236 -12.81 -4.43 -30.47
CA LEU B 236 -13.47 -5.68 -30.10
C LEU B 236 -14.94 -5.49 -29.69
N SER B 237 -15.45 -4.27 -29.74
CA SER B 237 -16.85 -4.01 -29.40
C SER B 237 -17.77 -4.26 -30.60
N ASP B 238 -19.09 -4.12 -30.40
CA ASP B 238 -20.05 -4.24 -31.51
C ASP B 238 -19.77 -3.30 -32.67
N LEU B 239 -19.22 -2.12 -32.36
CA LEU B 239 -18.89 -1.15 -33.39
C LEU B 239 -17.57 -1.46 -34.10
N GLY B 240 -16.86 -2.46 -33.63
CA GLY B 240 -15.52 -2.71 -34.15
C GLY B 240 -15.48 -3.78 -35.23
N TYR B 241 -14.45 -4.60 -35.17
CA TYR B 241 -14.28 -5.70 -36.10
C TYR B 241 -14.94 -6.97 -35.55
N THR B 242 -16.29 -7.04 -35.57
CA THR B 242 -17.01 -8.14 -34.88
C THR B 242 -18.27 -8.62 -35.62
N ASN B 243 -18.81 -9.76 -35.15
CA ASN B 243 -19.98 -10.49 -35.73
C ASN B 243 -20.73 -9.82 -36.89
N GLN B 246 -23.84 -13.79 -35.31
CA GLN B 246 -23.09 -15.01 -35.66
C GLN B 246 -23.01 -16.04 -34.53
N SER B 247 -23.14 -15.59 -33.29
CA SER B 247 -23.26 -16.51 -32.17
C SER B 247 -24.44 -17.46 -32.43
N ASN B 248 -25.37 -17.01 -33.28
CA ASN B 248 -26.54 -17.79 -33.66
C ASN B 248 -26.18 -19.13 -34.34
N LEU B 249 -24.90 -19.29 -34.71
CA LEU B 249 -24.41 -20.48 -35.42
C LEU B 249 -24.17 -21.67 -34.52
N GLY B 250 -24.03 -21.41 -33.22
CA GLY B 250 -23.87 -22.48 -32.23
C GLY B 250 -22.65 -23.38 -32.34
N ILE B 251 -21.53 -22.83 -32.84
CA ILE B 251 -20.22 -23.47 -32.84
C ILE B 251 -19.68 -23.53 -31.41
N THR B 252 -19.06 -24.67 -31.05
CA THR B 252 -18.60 -24.91 -29.68
C THR B 252 -17.18 -25.47 -29.76
N PHE B 253 -16.51 -25.60 -28.62
CA PHE B 253 -15.08 -25.89 -28.62
C PHE B 253 -14.71 -27.06 -27.74
N ASN B 254 -15.56 -28.08 -27.81
CA ASN B 254 -15.44 -29.25 -26.96
C ASN B 254 -14.78 -30.45 -27.65
N ASP B 255 -14.89 -30.49 -28.98
CA ASP B 255 -14.50 -31.67 -29.74
C ASP B 255 -14.22 -31.29 -31.19
N LEU B 256 -13.16 -31.83 -31.77
CA LEU B 256 -12.73 -31.54 -33.14
C LEU B 256 -13.80 -31.72 -34.24
N TYR B 257 -14.49 -32.86 -34.23
CA TYR B 257 -15.49 -33.17 -35.24
C TYR B 257 -16.75 -32.31 -35.07
N GLU B 258 -17.16 -32.13 -33.82
CA GLU B 258 -18.25 -31.20 -33.50
C GLU B 258 -17.96 -29.79 -34.01
N TYR B 259 -16.73 -29.34 -33.82
CA TYR B 259 -16.31 -28.02 -34.25
C TYR B 259 -16.34 -27.92 -35.76
N VAL B 260 -15.66 -28.85 -36.42
CA VAL B 260 -15.57 -28.84 -37.88
C VAL B 260 -16.96 -28.97 -38.53
N ALA B 261 -17.80 -29.85 -37.96
CA ALA B 261 -19.21 -29.96 -38.41
C ALA B 261 -20.01 -28.66 -38.32
N GLY B 262 -19.95 -27.98 -37.17
CA GLY B 262 -20.65 -26.69 -36.98
C GLY B 262 -20.19 -25.67 -38.00
N LEU B 263 -18.89 -25.67 -38.26
CA LEU B 263 -18.29 -24.77 -39.23
C LEU B 263 -18.69 -25.07 -40.67
N LYS B 264 -18.60 -26.34 -41.08
CA LYS B 264 -19.05 -26.74 -42.42
C LYS B 264 -20.55 -26.49 -42.59
N GLN B 265 -21.34 -26.83 -41.57
CA GLN B 265 -22.75 -26.46 -41.61
C GLN B 265 -22.97 -24.94 -41.85
N ALA B 266 -22.19 -24.08 -41.16
CA ALA B 266 -22.35 -22.61 -41.21
C ALA B 266 -22.21 -22.07 -42.62
N ILE B 267 -21.26 -22.65 -43.36
CA ILE B 267 -21.03 -22.30 -44.74
C ILE B 267 -22.20 -22.57 -45.69
N LYS B 268 -23.11 -23.47 -45.29
CA LYS B 268 -24.26 -23.81 -46.12
C LYS B 268 -25.59 -23.42 -45.47
N THR B 269 -25.52 -22.67 -44.38
CA THR B 269 -26.73 -22.11 -43.77
C THR B 269 -27.10 -20.82 -44.48
N PRO B 270 -28.29 -20.77 -45.08
CA PRO B 270 -28.66 -19.58 -45.85
C PRO B 270 -28.99 -18.37 -44.96
N SER B 271 -28.72 -17.18 -45.49
CA SER B 271 -28.99 -15.94 -44.77
C SER B 271 -30.18 -15.17 -45.38
N GLU B 272 -31.25 -15.01 -44.61
CA GLU B 272 -32.36 -14.14 -45.02
C GLU B 272 -31.78 -12.79 -45.44
N GLU B 273 -31.02 -12.17 -44.53
CA GLU B 273 -30.37 -10.88 -44.77
C GLU B 273 -29.50 -10.79 -46.03
N TYR B 274 -28.66 -11.80 -46.27
CA TYR B 274 -27.72 -11.73 -47.39
C TYR B 274 -28.35 -12.07 -48.73
N ALA B 275 -29.50 -12.74 -48.71
CA ALA B 275 -30.24 -13.02 -49.93
C ALA B 275 -30.82 -11.72 -50.49
N LYS B 276 -31.26 -10.84 -49.58
CA LYS B 276 -31.75 -9.50 -49.95
C LYS B 276 -30.66 -8.67 -50.63
N ILE B 277 -29.40 -8.92 -50.29
CA ILE B 277 -28.30 -8.29 -51.03
C ILE B 277 -28.28 -8.81 -52.47
N GLY B 278 -28.62 -10.08 -52.64
CA GLY B 278 -28.53 -10.74 -53.94
C GLY B 278 -27.14 -11.29 -54.27
N ILE B 279 -27.09 -12.29 -55.14
CA ILE B 279 -25.80 -12.83 -55.61
C ILE B 279 -25.23 -11.97 -56.72
N GLU B 280 -26.09 -11.12 -57.28
CA GLU B 280 -25.70 -10.31 -58.42
C GLU B 280 -26.65 -9.13 -58.67
N LYS B 281 -26.08 -8.03 -59.13
CA LYS B 281 -26.83 -6.90 -59.70
C LYS B 281 -25.98 -6.32 -60.84
N ASP B 282 -26.57 -6.33 -62.05
CA ASP B 282 -25.97 -5.73 -63.25
C ASP B 282 -24.68 -6.39 -63.76
N GLY B 283 -24.71 -7.72 -63.88
CA GLY B 283 -23.56 -8.46 -64.39
C GLY B 283 -22.35 -8.44 -63.47
N LYS B 284 -22.48 -7.74 -62.34
CA LYS B 284 -21.43 -7.68 -61.31
C LYS B 284 -21.75 -8.61 -60.15
N ARG B 285 -20.86 -9.54 -59.86
CA ARG B 285 -21.09 -10.41 -58.72
C ARG B 285 -20.81 -9.72 -57.36
N LEU B 286 -21.74 -9.89 -56.43
CA LEU B 286 -21.72 -9.17 -55.16
C LEU B 286 -21.15 -9.93 -53.96
N GLN B 287 -21.33 -11.25 -53.94
CA GLN B 287 -20.80 -12.11 -52.89
C GLN B 287 -20.50 -13.52 -53.43
N ILE B 288 -19.81 -14.35 -52.67
CA ILE B 288 -19.54 -15.71 -53.12
C ILE B 288 -20.82 -16.53 -53.07
N ASN B 289 -21.60 -16.34 -52.02
CA ASN B 289 -22.90 -16.97 -51.89
C ASN B 289 -23.73 -16.12 -50.94
N SER B 290 -24.90 -16.61 -50.53
CA SER B 290 -25.72 -15.82 -49.64
C SER B 290 -25.93 -16.56 -48.33
N ASN B 291 -24.97 -17.41 -47.99
CA ASN B 291 -24.98 -18.10 -46.72
C ASN B 291 -24.34 -17.25 -45.60
N VAL B 292 -24.53 -17.64 -44.34
CA VAL B 292 -24.05 -16.88 -43.20
C VAL B 292 -22.52 -16.62 -43.29
N LEU B 293 -21.78 -17.59 -43.79
CA LEU B 293 -20.35 -17.45 -44.01
C LEU B 293 -20.15 -17.75 -45.48
N GLN B 294 -19.49 -16.84 -46.20
CA GLN B 294 -19.15 -17.14 -47.60
C GLN B 294 -18.11 -18.24 -47.62
N ILE B 295 -17.07 -18.08 -46.81
CA ILE B 295 -16.08 -19.12 -46.56
C ILE B 295 -15.84 -19.20 -45.05
N GLU B 296 -15.00 -20.13 -44.60
CA GLU B 296 -14.82 -20.37 -43.18
C GLU B 296 -14.14 -19.19 -42.47
N ASN B 297 -13.32 -18.45 -43.20
CA ASN B 297 -12.56 -17.37 -42.62
C ASN B 297 -13.42 -16.16 -42.25
N GLU B 298 -14.66 -16.16 -42.70
CA GLU B 298 -15.58 -15.11 -42.35
C GLU B 298 -16.10 -15.24 -40.93
N LEU B 299 -15.84 -16.38 -40.29
CA LEU B 299 -16.28 -16.60 -38.91
C LEU B 299 -15.37 -15.78 -37.98
N TYR B 300 -15.96 -14.81 -37.31
CA TYR B 300 -15.24 -13.90 -36.43
C TYR B 300 -14.96 -14.59 -35.14
N ALA B 301 -13.75 -14.39 -34.61
CA ALA B 301 -13.36 -15.10 -33.42
C ALA B 301 -12.16 -14.43 -32.74
N PRO B 302 -12.18 -14.39 -31.40
CA PRO B 302 -11.07 -13.89 -30.62
C PRO B 302 -9.87 -14.82 -30.73
N ILE B 303 -10.13 -16.07 -31.05
CA ILE B 303 -9.07 -17.07 -31.11
C ILE B 303 -9.49 -18.14 -32.09
N ARG B 304 -8.51 -18.78 -32.73
CA ARG B 304 -8.82 -19.71 -33.81
C ARG B 304 -7.90 -20.91 -33.75
N PRO B 305 -8.49 -22.13 -33.83
CA PRO B 305 -7.69 -23.34 -34.00
C PRO B 305 -7.14 -23.38 -35.42
N LYS B 306 -5.88 -23.75 -35.60
CA LYS B 306 -5.26 -23.70 -36.91
C LYS B 306 -4.43 -24.95 -37.26
N ARG B 307 -4.35 -25.26 -38.55
CA ARG B 307 -3.31 -26.18 -39.05
C ARG B 307 -2.92 -25.62 -40.38
N VAL B 308 -1.62 -25.62 -40.69
CA VAL B 308 -1.22 -25.09 -42.00
C VAL B 308 -1.88 -25.93 -43.12
N THR B 309 -2.64 -25.26 -43.99
CA THR B 309 -3.35 -25.91 -45.08
C THR B 309 -2.46 -26.18 -46.31
N ARG B 310 -2.90 -27.10 -47.17
CA ARG B 310 -2.29 -27.33 -48.50
C ARG B 310 -3.10 -26.73 -49.66
N GLU B 313 -7.03 -27.01 -50.04
CA GLU B 313 -7.46 -27.38 -48.66
C GLU B 313 -8.11 -26.22 -47.90
N SER B 314 -9.26 -26.49 -47.31
CA SER B 314 -9.94 -25.49 -46.55
C SER B 314 -9.45 -25.64 -45.12
N PRO B 315 -9.66 -24.60 -44.29
CA PRO B 315 -9.14 -24.64 -42.91
C PRO B 315 -9.70 -25.82 -42.09
N SER B 316 -10.99 -26.10 -42.21
CA SER B 316 -11.59 -27.26 -41.55
C SER B 316 -11.15 -28.61 -42.14
N ASP B 317 -10.98 -28.72 -43.47
CA ASP B 317 -10.30 -29.91 -44.02
C ASP B 317 -8.93 -30.14 -43.37
N ALA B 318 -8.11 -29.10 -43.26
CA ALA B 318 -6.79 -29.24 -42.60
C ALA B 318 -6.90 -29.71 -41.14
N LEU B 319 -7.92 -29.29 -40.43
CA LEU B 319 -8.07 -29.70 -39.03
C LEU B 319 -8.51 -31.17 -38.89
N LEU B 320 -9.51 -31.58 -39.68
CA LEU B 320 -9.88 -33.00 -39.81
C LEU B 320 -8.69 -33.88 -40.21
N ARG B 321 -7.94 -33.45 -41.21
CA ARG B 321 -6.78 -34.22 -41.62
C ARG B 321 -5.68 -34.37 -40.56
N GLY B 322 -5.34 -33.30 -39.84
CA GLY B 322 -4.17 -33.36 -38.98
C GLY B 322 -4.45 -33.05 -37.52
N GLY B 323 -5.66 -32.61 -37.21
CA GLY B 323 -5.95 -32.06 -35.89
C GLY B 323 -5.40 -30.64 -35.74
N ILE B 324 -5.64 -30.04 -34.57
CA ILE B 324 -5.20 -28.67 -34.32
C ILE B 324 -3.71 -28.69 -34.18
N GLU B 325 -3.03 -27.91 -35.02
CA GLU B 325 -1.58 -27.80 -34.99
C GLU B 325 -1.07 -26.64 -34.09
N TYR B 326 -1.79 -25.50 -34.08
CA TYR B 326 -1.42 -24.32 -33.30
C TYR B 326 -2.68 -23.46 -33.08
N ILE B 327 -2.59 -22.44 -32.24
CA ILE B 327 -3.70 -21.51 -32.12
C ILE B 327 -3.27 -20.11 -32.57
N GLU B 328 -4.24 -19.32 -33.02
CA GLU B 328 -4.00 -17.97 -33.46
C GLU B 328 -4.79 -17.10 -32.51
N VAL B 329 -4.09 -16.30 -31.70
CA VAL B 329 -4.74 -15.30 -30.86
C VAL B 329 -5.01 -14.07 -31.74
N ARG B 330 -6.25 -13.63 -31.81
CA ARG B 330 -6.66 -12.58 -32.74
C ARG B 330 -7.07 -11.28 -32.02
N SER B 331 -7.03 -11.27 -30.70
CA SER B 331 -7.56 -10.14 -29.91
C SER B 331 -6.66 -8.92 -29.76
N LEU B 332 -5.43 -8.97 -30.22
CA LEU B 332 -4.50 -7.87 -30.04
C LEU B 332 -4.75 -6.66 -30.90
N ASP B 333 -4.93 -5.50 -30.25
CA ASP B 333 -5.00 -4.27 -30.97
C ASP B 333 -3.57 -3.96 -31.45
N ILE B 334 -3.44 -3.04 -32.41
CA ILE B 334 -2.12 -2.56 -32.73
C ILE B 334 -1.50 -1.84 -31.50
N ASN B 335 -0.25 -2.17 -31.19
CA ASN B 335 0.53 -1.50 -30.16
C ASN B 335 1.03 -0.16 -30.73
N PRO B 336 0.41 0.96 -30.32
CA PRO B 336 0.77 2.26 -30.91
C PRO B 336 2.20 2.68 -30.53
N PHE B 337 2.78 1.97 -29.58
CA PHE B 337 4.05 2.37 -29.01
C PHE B 337 5.20 1.57 -29.59
N SER B 338 4.89 0.79 -30.62
CA SER B 338 5.92 0.04 -31.34
C SER B 338 5.82 0.40 -32.78
N PRO B 339 6.96 0.65 -33.46
CA PRO B 339 6.97 0.93 -34.91
C PRO B 339 6.43 -0.26 -35.69
N ILE B 340 6.57 -1.46 -35.13
CA ILE B 340 6.00 -2.66 -35.78
C ILE B 340 4.68 -3.14 -35.19
N GLY B 341 4.07 -2.37 -34.29
CA GLY B 341 2.72 -2.72 -33.86
C GLY B 341 2.61 -3.78 -32.79
N VAL B 342 3.75 -4.32 -32.35
CA VAL B 342 3.79 -5.34 -31.33
C VAL B 342 5.16 -5.36 -30.67
N ASP B 343 5.22 -5.70 -29.39
CA ASP B 343 6.54 -5.79 -28.79
C ASP B 343 6.76 -7.06 -28.01
N GLU B 344 7.98 -7.20 -27.49
CA GLU B 344 8.44 -8.37 -26.83
C GLU B 344 7.66 -8.63 -25.56
N GLN B 345 7.21 -7.57 -24.91
CA GLN B 345 6.46 -7.69 -23.67
C GLN B 345 5.16 -8.42 -23.91
N GLN B 346 4.45 -8.03 -24.96
CA GLN B 346 3.22 -8.68 -25.36
C GLN B 346 3.47 -10.16 -25.73
N VAL B 347 4.47 -10.39 -26.58
CA VAL B 347 4.84 -11.74 -26.97
C VAL B 347 5.13 -12.63 -25.76
N ARG B 348 5.95 -12.18 -24.81
CA ARG B 348 6.20 -13.00 -23.63
C ARG B 348 4.97 -13.18 -22.76
N PHE B 349 4.15 -12.16 -22.62
CA PHE B 349 2.92 -12.33 -21.86
C PHE B 349 2.03 -13.41 -22.50
N LEU B 350 1.88 -13.35 -23.82
CA LEU B 350 1.07 -14.35 -24.51
C LEU B 350 1.60 -15.76 -24.35
N ASP B 351 2.93 -15.94 -24.40
CA ASP B 351 3.54 -17.25 -24.07
C ASP B 351 3.01 -17.73 -22.73
N LEU B 352 3.18 -16.90 -21.71
CA LEU B 352 2.81 -17.25 -20.33
C LEU B 352 1.33 -17.62 -20.24
N PHE B 353 0.49 -16.77 -20.81
CA PHE B 353 -0.96 -16.93 -20.70
C PHE B 353 -1.46 -18.13 -21.51
N MET B 354 -0.91 -18.35 -22.70
CA MET B 354 -1.28 -19.52 -23.50
C MET B 354 -0.88 -20.83 -22.80
N VAL B 355 0.35 -20.89 -22.29
CA VAL B 355 0.75 -22.02 -21.47
C VAL B 355 -0.19 -22.19 -20.29
N TRP B 356 -0.55 -21.11 -19.61
CA TRP B 356 -1.51 -21.20 -18.51
C TRP B 356 -2.85 -21.79 -18.98
N CYS B 357 -3.34 -21.31 -20.12
CA CYS B 357 -4.57 -21.84 -20.69
C CYS B 357 -4.49 -23.35 -21.03
N ALA B 358 -3.29 -23.85 -21.30
CA ALA B 358 -3.14 -25.25 -21.64
C ALA B 358 -3.12 -26.05 -20.34
N LEU B 359 -2.89 -25.39 -19.21
CA LEU B 359 -2.68 -26.11 -17.95
C LEU B 359 -3.94 -26.13 -17.09
N ALA B 360 -4.72 -25.06 -17.14
CA ALA B 360 -5.92 -24.99 -16.32
C ALA B 360 -6.96 -25.91 -16.91
N ASP B 361 -7.66 -26.63 -16.05
CA ASP B 361 -8.81 -27.47 -16.46
C ASP B 361 -9.89 -26.59 -17.02
N ALA B 362 -10.50 -27.03 -18.11
CA ALA B 362 -11.60 -26.27 -18.66
C ALA B 362 -12.77 -27.22 -18.94
N PRO B 363 -13.82 -27.15 -18.11
CA PRO B 363 -14.99 -27.98 -18.42
C PRO B 363 -15.47 -27.65 -19.84
N GLU B 364 -16.23 -28.56 -20.42
CA GLU B 364 -16.82 -28.34 -21.72
C GLU B 364 -17.92 -27.32 -21.57
N MET B 365 -18.22 -26.64 -22.67
CA MET B 365 -19.15 -25.54 -22.60
C MET B 365 -20.15 -25.56 -23.75
N SER B 366 -21.42 -25.42 -23.40
CA SER B 366 -22.47 -25.32 -24.41
C SER B 366 -22.31 -23.97 -25.07
N SER B 367 -23.15 -23.67 -26.06
CA SER B 367 -22.96 -22.44 -26.78
C SER B 367 -23.55 -21.28 -25.98
N SER B 368 -24.45 -21.58 -25.05
CA SER B 368 -24.91 -20.55 -24.16
C SER B 368 -23.93 -20.30 -23.00
N GLU B 369 -23.10 -21.29 -22.67
CA GLU B 369 -22.05 -21.09 -21.67
C GLU B 369 -20.91 -20.27 -22.26
N LEU B 370 -20.68 -20.45 -23.56
CA LEU B 370 -19.76 -19.62 -24.30
C LEU B 370 -20.29 -18.19 -24.42
N ALA B 371 -21.58 -18.04 -24.66
CA ALA B 371 -22.14 -16.69 -24.84
C ALA B 371 -21.97 -15.93 -23.54
N CYS B 372 -22.03 -16.67 -22.43
CA CYS B 372 -21.88 -16.09 -21.10
C CYS B 372 -20.47 -15.61 -20.79
N THR B 373 -19.46 -16.22 -21.38
CA THR B 373 -18.07 -15.79 -21.19
C THR B 373 -17.88 -14.36 -21.72
N ARG B 374 -18.79 -13.94 -22.58
CA ARG B 374 -18.66 -12.71 -23.30
C ARG B 374 -18.96 -11.52 -22.38
N VAL B 375 -19.70 -11.76 -21.30
CA VAL B 375 -20.11 -10.70 -20.40
C VAL B 375 -18.90 -9.92 -19.80
N ASN B 376 -17.90 -10.66 -19.34
CA ASN B 376 -16.69 -10.09 -18.77
C ASN B 376 -15.86 -9.41 -19.86
N TRP B 377 -15.81 -10.02 -21.05
CA TRP B 377 -15.17 -9.40 -22.19
C TRP B 377 -15.74 -8.03 -22.45
N ASN B 378 -17.07 -7.93 -22.56
CA ASN B 378 -17.73 -6.67 -22.85
C ASN B 378 -17.50 -5.60 -21.79
N ARG B 379 -17.55 -6.02 -20.53
CA ARG B 379 -17.18 -5.17 -19.42
C ARG B 379 -15.78 -4.59 -19.59
N VAL B 380 -14.80 -5.45 -19.88
CA VAL B 380 -13.41 -5.03 -19.98
C VAL B 380 -13.18 -4.15 -21.23
N ILE B 381 -13.87 -4.51 -22.31
CA ILE B 381 -13.80 -3.81 -23.57
C ILE B 381 -14.32 -2.36 -23.41
N LEU B 382 -15.42 -2.20 -22.70
CA LEU B 382 -16.17 -0.94 -22.65
C LEU B 382 -15.81 -0.10 -21.44
N GLU B 383 -15.41 -0.74 -20.35
CA GLU B 383 -15.07 0.02 -19.14
C GLU B 383 -14.05 -0.74 -18.30
N GLY B 384 -13.12 -1.41 -18.94
CA GLY B 384 -12.17 -2.24 -18.20
C GLY B 384 -11.33 -1.49 -17.18
N ARG B 385 -11.12 -0.19 -17.40
CA ARG B 385 -10.29 0.61 -16.48
C ARG B 385 -11.07 1.33 -15.36
N LYS B 386 -12.37 1.10 -15.28
CA LYS B 386 -13.20 1.76 -14.30
C LYS B 386 -12.87 1.29 -12.90
N PRO B 387 -12.56 2.25 -12.00
CA PRO B 387 -12.29 1.95 -10.60
C PRO B 387 -13.43 1.17 -9.97
N GLY B 388 -13.10 0.12 -9.24
CA GLY B 388 -14.14 -0.73 -8.68
C GLY B 388 -14.92 -1.65 -9.65
N LEU B 389 -14.48 -1.79 -10.90
CA LEU B 389 -15.11 -2.78 -11.80
C LEU B 389 -15.03 -4.19 -11.21
N THR B 390 -16.15 -4.91 -11.23
CA THR B 390 -16.14 -6.30 -10.78
C THR B 390 -16.55 -7.21 -11.93
N LEU B 391 -16.03 -8.42 -11.88
CA LEU B 391 -16.34 -9.46 -12.87
C LEU B 391 -17.13 -10.59 -12.18
N GLY B 392 -17.75 -11.44 -12.98
CA GLY B 392 -18.45 -12.59 -12.42
C GLY B 392 -18.07 -13.87 -13.13
N ILE B 393 -18.52 -15.01 -12.60
CA ILE B 393 -18.34 -16.26 -13.31
C ILE B 393 -19.48 -16.41 -14.32
N GLY B 394 -19.13 -16.34 -15.60
CA GLY B 394 -20.10 -16.36 -16.66
C GLY B 394 -21.05 -15.21 -16.54
N CYS B 395 -22.33 -15.55 -16.55
CA CYS B 395 -23.43 -14.60 -16.47
C CYS B 395 -23.83 -14.28 -15.01
N GLU B 396 -23.19 -14.90 -14.03
CA GLU B 396 -23.66 -14.71 -12.66
C GLU B 396 -23.27 -13.34 -12.15
N THR B 397 -23.90 -12.91 -11.05
CA THR B 397 -23.58 -11.62 -10.39
C THR B 397 -22.09 -11.25 -10.40
N ALA B 398 -21.77 -10.04 -10.86
CA ALA B 398 -20.40 -9.51 -10.80
C ALA B 398 -19.98 -9.30 -9.35
N GLN B 399 -18.90 -9.92 -8.91
CA GLN B 399 -18.52 -9.87 -7.50
C GLN B 399 -17.02 -9.90 -7.28
N PHE B 400 -16.26 -10.10 -8.34
CA PHE B 400 -14.81 -10.14 -8.19
C PHE B 400 -14.19 -8.87 -8.75
N PRO B 401 -13.57 -8.07 -7.87
CA PRO B 401 -12.90 -6.83 -8.30
C PRO B 401 -11.79 -7.17 -9.28
N LEU B 402 -11.81 -6.52 -10.44
CA LEU B 402 -10.85 -6.87 -11.49
C LEU B 402 -9.38 -6.91 -11.03
N PRO B 403 -8.93 -5.95 -10.20
CA PRO B 403 -7.50 -6.06 -9.78
C PRO B 403 -7.11 -7.35 -9.07
N GLN B 404 -8.00 -7.84 -8.22
CA GLN B 404 -7.77 -9.06 -7.44
C GLN B 404 -7.70 -10.31 -8.37
N VAL B 405 -8.57 -10.36 -9.38
CA VAL B 405 -8.57 -11.43 -10.37
C VAL B 405 -7.24 -11.44 -11.14
N GLY B 406 -6.82 -10.26 -11.62
CA GLY B 406 -5.56 -10.14 -12.38
C GLY B 406 -4.36 -10.62 -11.57
N LYS B 407 -4.29 -10.18 -10.32
CA LYS B 407 -3.24 -10.64 -9.42
C LYS B 407 -3.30 -12.14 -9.09
N ASP B 408 -4.51 -12.65 -8.93
CA ASP B 408 -4.75 -14.11 -8.81
C ASP B 408 -4.10 -14.82 -10.02
N LEU B 409 -4.47 -14.43 -11.24
CA LEU B 409 -3.87 -15.00 -12.45
C LEU B 409 -2.34 -14.91 -12.48
N PHE B 410 -1.79 -13.75 -12.08
CA PHE B 410 -0.35 -13.49 -12.18
C PHE B 410 0.49 -14.23 -11.17
N ARG B 411 -0.15 -14.70 -10.11
CA ARG B 411 0.52 -15.61 -9.20
C ARG B 411 0.89 -16.89 -9.93
N ASP B 412 -0.04 -17.39 -10.74
CA ASP B 412 0.22 -18.58 -11.56
C ASP B 412 1.20 -18.27 -12.70
N LEU B 413 0.95 -17.18 -13.46
CA LEU B 413 1.84 -16.82 -14.56
C LEU B 413 3.27 -16.66 -14.09
N LYS B 414 3.43 -16.13 -12.89
CA LYS B 414 4.78 -15.95 -12.36
C LYS B 414 5.51 -17.28 -12.19
N ARG B 415 4.76 -18.33 -11.82
CA ARG B 415 5.35 -19.66 -11.69
C ARG B 415 5.69 -20.26 -13.04
N VAL B 416 4.82 -20.05 -14.04
CA VAL B 416 5.16 -20.42 -15.41
C VAL B 416 6.41 -19.67 -15.89
N ALA B 417 6.50 -18.39 -15.54
CA ALA B 417 7.65 -17.57 -15.91
C ALA B 417 8.95 -18.08 -15.32
N GLN B 418 8.93 -18.50 -14.06
CA GLN B 418 10.14 -19.05 -13.46
C GLN B 418 10.64 -20.27 -14.23
N THR B 419 9.69 -21.12 -14.65
CA THR B 419 10.00 -22.30 -15.42
C THR B 419 10.62 -21.91 -16.76
N LEU B 420 9.98 -20.99 -17.50
CA LEU B 420 10.50 -20.57 -18.79
C LEU B 420 11.85 -19.91 -18.67
N ASP B 421 12.04 -19.13 -17.61
CA ASP B 421 13.33 -18.51 -17.39
C ASP B 421 14.40 -19.52 -17.00
N SER B 422 14.03 -20.56 -16.28
CA SER B 422 15.07 -21.53 -15.89
C SER B 422 15.60 -22.29 -17.11
N ILE B 423 14.73 -22.56 -18.09
CA ILE B 423 15.17 -23.31 -19.25
C ILE B 423 15.67 -22.43 -20.38
N ASN B 424 15.47 -21.12 -20.26
CA ASN B 424 15.93 -20.16 -21.27
C ASN B 424 17.16 -19.39 -20.81
N GLY B 425 17.36 -19.32 -19.50
CA GLY B 425 18.37 -18.45 -18.91
C GLY B 425 17.81 -17.04 -18.72
N GLY B 426 18.21 -16.39 -17.62
CA GLY B 426 17.79 -15.01 -17.41
C GLY B 426 16.51 -14.87 -16.61
N GLU B 427 15.87 -13.71 -16.72
CA GLU B 427 14.68 -13.39 -15.95
C GLU B 427 13.64 -12.59 -16.76
N ALA B 428 13.74 -12.66 -18.08
CA ALA B 428 12.87 -11.89 -18.95
C ALA B 428 11.38 -12.15 -18.74
N TYR B 429 10.98 -13.40 -18.49
CA TYR B 429 9.53 -13.69 -18.31
C TYR B 429 9.03 -13.23 -16.95
N GLN B 430 9.86 -13.37 -15.94
CA GLN B 430 9.53 -12.87 -14.61
C GLN B 430 9.43 -11.34 -14.55
N LYS B 431 10.33 -10.64 -15.27
CA LYS B 431 10.28 -9.21 -15.44
C LYS B 431 8.95 -8.77 -16.04
N VAL B 432 8.47 -9.51 -17.04
CA VAL B 432 7.21 -9.15 -17.72
C VAL B 432 6.00 -9.29 -16.77
N CYS B 433 6.01 -10.32 -15.90
CA CYS B 433 5.01 -10.46 -14.84
C CYS B 433 5.01 -9.32 -13.85
N ASP B 434 6.19 -8.91 -13.38
CA ASP B 434 6.29 -7.75 -12.48
C ASP B 434 5.73 -6.49 -13.12
N GLU B 435 6.07 -6.28 -14.39
CA GLU B 435 5.56 -5.15 -15.16
C GLU B 435 4.06 -5.17 -15.34
N LEU B 436 3.55 -6.26 -15.89
CA LEU B 436 2.12 -6.31 -16.21
C LEU B 436 1.25 -6.41 -14.99
N VAL B 437 1.73 -7.03 -13.91
CA VAL B 437 0.89 -7.09 -12.69
C VAL B 437 0.64 -5.67 -12.11
N ALA B 438 1.62 -4.76 -12.27
CA ALA B 438 1.44 -3.32 -11.91
C ALA B 438 0.23 -2.66 -12.60
N CYS B 439 -0.13 -3.12 -13.81
CA CYS B 439 -1.34 -2.60 -14.48
C CYS B 439 -2.64 -2.97 -13.78
N PHE B 440 -2.61 -4.01 -12.96
CA PHE B 440 -3.80 -4.35 -12.20
C PHE B 440 -3.94 -3.45 -11.01
N ASP B 441 -2.82 -3.11 -10.37
CA ASP B 441 -2.86 -2.01 -9.38
C ASP B 441 -3.16 -0.63 -9.95
N ASN B 442 -2.72 -0.37 -11.17
CA ASN B 442 -2.88 0.94 -11.74
C ASN B 442 -3.24 0.87 -13.21
N PRO B 443 -4.53 0.99 -13.50
CA PRO B 443 -4.97 0.89 -14.87
C PRO B 443 -4.42 2.00 -15.76
N ASP B 444 -3.86 3.05 -15.16
CA ASP B 444 -3.30 4.16 -15.94
C ASP B 444 -1.97 3.83 -16.58
N LEU B 445 -1.47 2.64 -16.26
CA LEU B 445 -0.27 2.12 -16.87
C LEU B 445 -0.60 1.31 -18.16
N THR B 446 -1.88 1.03 -18.41
CA THR B 446 -2.27 0.18 -19.55
C THR B 446 -2.12 0.97 -20.86
N PHE B 447 -2.03 0.26 -21.99
CA PHE B 447 -1.95 0.91 -23.31
C PHE B 447 -3.11 1.86 -23.56
N SER B 448 -4.30 1.49 -23.11
CA SER B 448 -5.50 2.24 -23.49
C SER B 448 -5.58 3.56 -22.70
N ALA B 449 -5.10 3.53 -21.47
CA ALA B 449 -5.05 4.76 -20.64
C ALA B 449 -4.04 5.72 -21.25
N ARG B 450 -2.86 5.20 -21.58
CA ARG B 450 -1.79 6.03 -22.16
C ARG B 450 -2.23 6.63 -23.48
N ILE B 451 -2.85 5.83 -24.34
CA ILE B 451 -3.27 6.30 -25.67
C ILE B 451 -4.52 7.19 -25.59
N LEU B 452 -5.38 7.00 -24.60
CA LEU B 452 -6.54 7.89 -24.49
C LEU B 452 -6.11 9.33 -24.14
N ARG B 453 -5.12 9.48 -23.26
CA ARG B 453 -4.62 10.82 -22.91
C ARG B 453 -4.11 11.53 -24.18
N SER B 454 -3.48 10.76 -25.04
CA SER B 454 -2.95 11.32 -26.26
C SER B 454 -4.08 11.61 -27.29
N MET B 455 -5.09 10.77 -27.35
CA MET B 455 -6.20 11.01 -28.27
C MET B 455 -7.17 12.12 -27.84
N ILE B 456 -7.37 12.32 -26.53
CA ILE B 456 -8.30 13.33 -26.07
C ILE B 456 -7.74 14.70 -26.45
N ASP B 457 -6.42 14.78 -26.40
CA ASP B 457 -5.72 15.99 -26.69
C ASP B 457 -5.56 16.31 -28.18
N THR B 458 -5.13 15.34 -29.00
CA THR B 458 -4.85 15.58 -30.42
C THR B 458 -5.72 14.78 -31.40
N GLY B 459 -6.62 13.95 -30.89
CA GLY B 459 -7.43 13.14 -31.74
C GLY B 459 -6.79 11.83 -32.18
N ILE B 460 -7.61 10.89 -32.65
CA ILE B 460 -7.11 9.70 -33.34
C ILE B 460 -6.23 10.14 -34.48
N GLY B 461 -6.73 11.13 -35.25
CA GLY B 461 -5.99 11.64 -36.39
C GLY B 461 -4.63 12.22 -36.06
N GLY B 462 -4.59 13.19 -35.15
CA GLY B 462 -3.33 13.81 -34.75
C GLY B 462 -2.35 12.83 -34.12
N THR B 463 -2.86 11.99 -33.23
CA THR B 463 -2.06 10.94 -32.61
C THR B 463 -1.52 9.95 -33.65
N GLY B 464 -2.37 9.43 -34.53
CA GLY B 464 -1.86 8.51 -35.57
C GLY B 464 -0.84 9.16 -36.50
N LYS B 465 -1.15 10.37 -36.97
CA LYS B 465 -0.20 11.02 -37.86
C LYS B 465 1.15 11.21 -37.18
N ALA B 466 1.13 11.73 -35.96
CA ALA B 466 2.38 12.02 -35.24
C ALA B 466 3.25 10.77 -35.06
N PHE B 467 2.63 9.67 -34.65
CA PHE B 467 3.32 8.37 -34.49
C PHE B 467 3.81 7.84 -35.83
N ALA B 468 2.94 7.89 -36.84
CA ALA B 468 3.31 7.39 -38.19
C ALA B 468 4.51 8.12 -38.76
N GLU B 469 4.53 9.44 -38.57
CA GLU B 469 5.65 10.26 -39.04
C GLU B 469 6.95 9.82 -38.38
N ALA B 470 6.97 9.74 -37.03
CA ALA B 470 8.18 9.34 -36.30
C ALA B 470 8.64 7.90 -36.58
N TYR B 471 7.72 6.95 -36.76
CA TYR B 471 8.12 5.58 -37.10
C TYR B 471 8.67 5.47 -38.52
N ARG B 472 8.12 6.28 -39.43
CA ARG B 472 8.60 6.32 -40.79
C ARG B 472 10.06 6.76 -40.81
N ASN B 473 10.37 7.83 -40.06
CA ASN B 473 11.70 8.35 -40.04
C ASN B 473 12.63 7.38 -39.36
N LEU B 474 12.16 6.78 -38.26
CA LEU B 474 12.94 5.78 -37.56
C LEU B 474 13.22 4.54 -38.42
N LEU B 475 12.20 3.98 -39.04
CA LEU B 475 12.38 2.74 -39.81
C LEU B 475 13.17 2.91 -41.12
N ARG B 476 13.01 4.05 -41.78
CA ARG B 476 13.77 4.35 -43.01
C ARG B 476 15.26 4.40 -42.75
N GLU B 477 15.65 4.87 -41.57
CA GLU B 477 17.05 4.98 -41.19
C GLU B 477 17.72 3.68 -40.70
N GLU B 478 16.93 2.71 -40.22
CA GLU B 478 17.57 1.50 -39.69
C GLU B 478 18.01 0.51 -40.78
N PRO B 479 19.25 0.02 -40.71
CA PRO B 479 19.64 -1.06 -41.62
C PRO B 479 18.89 -2.38 -41.37
N LEU B 480 18.68 -3.15 -42.44
CA LEU B 480 18.18 -4.50 -42.34
C LEU B 480 19.09 -5.38 -41.48
N GLU B 481 18.58 -6.47 -40.92
CA GLU B 481 19.40 -7.28 -40.01
C GLU B 481 19.41 -8.78 -40.29
N ILE B 482 18.34 -9.26 -40.89
CA ILE B 482 18.19 -10.68 -41.16
C ILE B 482 18.02 -10.82 -42.66
N LEU B 483 17.03 -10.12 -43.20
CA LEU B 483 16.87 -10.06 -44.63
C LEU B 483 17.85 -9.06 -45.24
N ARG B 484 18.30 -9.36 -46.45
CA ARG B 484 19.08 -8.40 -47.21
C ARG B 484 18.17 -7.90 -48.32
N GLU B 485 18.53 -6.77 -48.92
CA GLU B 485 17.80 -6.27 -50.06
C GLU B 485 17.65 -7.31 -51.18
N GLU B 486 18.66 -8.15 -51.37
CA GLU B 486 18.62 -9.22 -52.39
C GLU B 486 17.45 -10.17 -52.17
N ASP B 487 17.12 -10.41 -50.90
CA ASP B 487 16.05 -11.33 -50.51
C ASP B 487 14.69 -10.77 -50.85
N PHE B 488 14.51 -9.47 -50.68
CA PHE B 488 13.27 -8.82 -51.02
C PHE B 488 13.10 -8.78 -52.52
N VAL B 489 14.21 -8.49 -53.21
CA VAL B 489 14.27 -8.53 -54.68
C VAL B 489 14.01 -9.95 -55.20
N ALA B 490 14.76 -10.93 -54.70
CA ALA B 490 14.53 -12.35 -55.03
C ALA B 490 13.07 -12.79 -54.81
N GLU B 491 12.45 -12.29 -53.74
CA GLU B 491 11.08 -12.69 -53.37
C GLU B 491 10.03 -11.93 -54.18
N ARG B 492 10.30 -10.68 -54.50
CA ARG B 492 9.44 -9.96 -55.43
C ARG B 492 9.35 -10.72 -56.76
N GLU B 493 10.49 -11.17 -57.27
CA GLU B 493 10.52 -11.81 -58.57
C GLU B 493 9.82 -13.16 -58.48
N ALA B 494 10.23 -13.96 -57.50
CA ALA B 494 9.63 -15.29 -57.28
C ALA B 494 8.12 -15.21 -57.12
N SER B 495 7.62 -14.16 -56.47
CA SER B 495 6.17 -14.02 -56.22
C SER B 495 5.40 -13.60 -57.45
N GLU B 496 5.99 -12.70 -58.23
CA GLU B 496 5.35 -12.27 -59.49
C GLU B 496 5.31 -13.41 -60.51
N ARG B 497 6.39 -14.19 -60.58
CA ARG B 497 6.42 -15.43 -61.36
C ARG B 497 5.31 -16.38 -60.94
N ARG B 498 5.27 -16.74 -59.66
CA ARG B 498 4.20 -17.63 -59.18
C ARG B 498 2.80 -17.14 -59.58
N GLN B 499 2.56 -15.83 -59.49
CA GLN B 499 1.25 -15.26 -59.85
C GLN B 499 0.94 -15.43 -61.34
N GLN B 500 1.89 -15.08 -62.21
CA GLN B 500 1.66 -15.26 -63.65
C GLN B 500 1.66 -16.74 -64.07
N GLU B 501 2.50 -17.57 -63.45
CA GLU B 501 2.39 -19.02 -63.61
C GLU B 501 1.00 -19.53 -63.21
N MET B 502 0.34 -18.83 -62.30
CA MET B 502 -1.00 -19.22 -61.86
C MET B 502 -2.00 -18.73 -62.88
N GLU B 503 -1.74 -17.55 -63.44
CA GLU B 503 -2.66 -16.97 -64.38
C GLU B 503 -2.63 -17.73 -65.71
N ALA B 504 -1.52 -18.40 -66.00
CA ALA B 504 -1.39 -19.24 -67.19
C ALA B 504 -2.12 -20.57 -67.00
N ALA B 505 -1.80 -21.29 -65.92
CA ALA B 505 -2.41 -22.60 -65.64
C ALA B 505 -3.92 -22.70 -65.92
N GLU B 508 -9.95 -22.81 -67.89
CA GLU B 508 -11.32 -22.58 -67.44
C GLU B 508 -11.54 -21.08 -67.13
N PRO B 509 -12.64 -20.48 -67.64
CA PRO B 509 -12.87 -19.06 -67.31
C PRO B 509 -13.42 -18.93 -65.88
N PHE B 510 -13.51 -17.70 -65.36
CA PHE B 510 -13.83 -17.52 -63.94
C PHE B 510 -15.26 -17.87 -63.51
N ALA B 511 -16.25 -17.38 -64.24
CA ALA B 511 -17.64 -17.67 -63.89
C ALA B 511 -17.93 -19.18 -63.88
N VAL B 512 -17.20 -19.92 -64.73
CA VAL B 512 -17.38 -21.37 -64.82
C VAL B 512 -16.70 -22.07 -63.64
N TRP B 513 -15.47 -21.67 -63.34
CA TRP B 513 -14.73 -22.17 -62.19
C TRP B 513 -15.48 -21.89 -60.90
N LEU B 514 -16.16 -20.74 -60.85
CA LEU B 514 -16.90 -20.32 -59.66
C LEU B 514 -18.12 -21.19 -59.40
N GLU B 515 -18.71 -21.75 -60.45
CA GLU B 515 -19.86 -22.66 -60.32
C GLU B 515 -19.46 -23.90 -59.54
N LYS B 516 -18.17 -24.23 -59.53
CA LYS B 516 -17.68 -25.41 -58.85
C LYS B 516 -17.05 -25.13 -57.47
N HIS B 517 -17.10 -23.87 -57.02
CA HIS B 517 -16.44 -23.52 -55.76
C HIS B 517 -17.27 -22.58 -54.86
N ALA B 518 -18.25 -21.90 -55.43
CA ALA B 518 -19.13 -21.01 -54.65
C ALA B 518 -19.91 -21.76 -53.58
N MET C 1 -20.77 -31.73 -0.09
CA MET C 1 -20.23 -30.37 0.09
C MET C 1 -19.94 -30.05 1.56
N ILE C 2 -20.85 -30.46 2.45
CA ILE C 2 -20.67 -30.34 3.88
C ILE C 2 -19.44 -31.18 4.29
N PRO C 3 -18.52 -30.61 5.08
CA PRO C 3 -17.36 -31.40 5.51
C PRO C 3 -17.72 -32.57 6.46
N ASP C 4 -16.81 -33.53 6.59
CA ASP C 4 -16.96 -34.65 7.51
C ASP C 4 -16.65 -34.15 8.91
N VAL C 5 -17.67 -34.01 9.74
CA VAL C 5 -17.50 -33.51 11.08
C VAL C 5 -17.75 -34.62 12.10
N SER C 6 -17.69 -35.88 11.65
CA SER C 6 -18.09 -37.01 12.52
C SER C 6 -17.19 -37.16 13.76
N GLN C 7 -15.88 -37.02 13.56
CA GLN C 7 -14.92 -37.00 14.65
C GLN C 7 -15.32 -36.03 15.79
N ALA C 8 -15.56 -34.78 15.44
CA ALA C 8 -15.96 -33.76 16.43
C ALA C 8 -17.34 -34.02 17.05
N LEU C 9 -18.26 -34.56 16.27
CA LEU C 9 -19.60 -34.81 16.79
C LEU C 9 -19.56 -35.96 17.79
N ALA C 10 -18.74 -36.97 17.52
CA ALA C 10 -18.53 -38.03 18.50
C ALA C 10 -17.92 -37.43 19.79
N TRP C 11 -16.88 -36.61 19.63
CA TRP C 11 -16.32 -35.89 20.78
C TRP C 11 -17.42 -35.18 21.57
N LEU C 12 -18.23 -34.36 20.89
CA LEU C 12 -19.30 -33.63 21.56
C LEU C 12 -20.22 -34.58 22.34
N GLU C 13 -20.62 -35.68 21.70
CA GLU C 13 -21.52 -36.64 22.32
C GLU C 13 -20.92 -37.29 23.57
N LYS C 14 -19.59 -37.35 23.64
CA LYS C 14 -18.91 -37.82 24.84
C LYS C 14 -18.74 -36.71 25.87
N HIS C 15 -19.01 -35.46 25.46
CA HIS C 15 -18.82 -34.32 26.36
C HIS C 15 -20.03 -33.40 26.39
N PRO C 16 -21.22 -33.96 26.66
CA PRO C 16 -22.45 -33.16 26.59
C PRO C 16 -22.44 -31.91 27.46
N GLN C 17 -21.73 -31.93 28.58
CA GLN C 17 -21.73 -30.76 29.46
C GLN C 17 -20.85 -29.60 28.95
N ALA C 18 -19.99 -29.87 27.97
CA ALA C 18 -19.22 -28.82 27.29
C ALA C 18 -20.09 -27.68 26.75
N LEU C 19 -21.38 -27.98 26.50
CA LEU C 19 -22.29 -27.01 25.90
C LEU C 19 -23.22 -26.33 26.88
N LYS C 20 -23.03 -26.57 28.17
CA LYS C 20 -23.92 -25.98 29.16
C LYS C 20 -23.50 -24.56 29.46
N GLY C 21 -24.39 -23.60 29.24
CA GLY C 21 -24.09 -22.24 29.66
C GLY C 21 -23.73 -21.28 28.53
N ILE C 22 -24.20 -21.58 27.32
CA ILE C 22 -24.13 -20.69 26.18
C ILE C 22 -24.75 -19.35 26.54
N GLN C 23 -24.09 -18.24 26.19
CA GLN C 23 -24.61 -16.92 26.50
C GLN C 23 -25.09 -16.29 25.22
N ARG C 24 -26.12 -15.46 25.31
CA ARG C 24 -26.71 -14.89 24.10
C ARG C 24 -27.14 -13.48 24.36
N GLY C 25 -27.29 -12.72 23.28
CA GLY C 25 -27.94 -11.42 23.37
C GLY C 25 -28.57 -11.15 22.02
N LEU C 26 -29.56 -10.27 21.97
CA LEU C 26 -30.24 -9.95 20.73
C LEU C 26 -30.31 -8.47 20.52
N GLU C 27 -30.24 -8.04 19.26
CA GLU C 27 -30.52 -6.65 18.97
C GLU C 27 -31.52 -6.65 17.86
N ARG C 28 -32.53 -5.79 17.95
CA ARG C 28 -33.54 -5.72 16.93
C ARG C 28 -33.84 -4.26 16.63
N GLU C 29 -33.89 -3.91 15.35
CA GLU C 29 -34.17 -2.55 14.93
C GLU C 29 -35.54 -2.48 14.29
N THR C 30 -36.25 -1.37 14.53
CA THR C 30 -37.55 -1.15 13.91
C THR C 30 -37.81 0.34 13.72
N LEU C 31 -38.28 0.73 12.55
CA LEU C 31 -38.64 2.13 12.30
C LEU C 31 -39.96 2.45 13.00
N ARG C 32 -40.05 3.62 13.62
CA ARG C 32 -41.34 4.12 14.12
C ARG C 32 -42.10 4.66 12.92
N VAL C 33 -43.31 4.17 12.70
CA VAL C 33 -44.16 4.67 11.60
C VAL C 33 -45.55 5.13 12.06
N ASN C 34 -46.17 5.96 11.23
CA ASN C 34 -47.54 6.38 11.44
C ASN C 34 -48.47 5.34 10.83
N ALA C 35 -49.77 5.49 11.07
CA ALA C 35 -50.77 4.51 10.64
C ALA C 35 -50.77 4.32 9.13
N ASP C 36 -50.49 5.39 8.38
CA ASP C 36 -50.46 5.28 6.92
C ASP C 36 -49.12 4.79 6.38
N GLY C 37 -48.22 4.42 7.29
CA GLY C 37 -46.97 3.79 6.93
C GLY C 37 -45.82 4.73 6.61
N THR C 38 -46.09 6.02 6.64
CA THR C 38 -45.03 7.02 6.51
C THR C 38 -44.17 7.00 7.76
N LEU C 39 -42.95 7.49 7.61
CA LEU C 39 -41.99 7.54 8.71
C LEU C 39 -42.35 8.61 9.75
N ALA C 40 -42.42 8.21 11.01
CA ALA C 40 -42.68 9.17 12.10
C ALA C 40 -41.57 10.18 12.14
N THR C 41 -41.91 11.47 12.12
CA THR C 41 -40.90 12.53 12.19
C THR C 41 -40.88 13.16 13.57
N THR C 42 -41.40 12.45 14.57
CA THR C 42 -41.29 12.90 15.94
C THR C 42 -39.99 12.38 16.57
N GLY C 43 -39.65 12.85 17.76
CA GLY C 43 -38.42 12.46 18.40
C GLY C 43 -38.53 11.17 19.19
N HIS C 44 -37.38 10.63 19.56
CA HIS C 44 -37.31 9.44 20.41
C HIS C 44 -38.31 9.60 21.57
N PRO C 45 -39.36 8.75 21.60
CA PRO C 45 -40.40 8.86 22.63
C PRO C 45 -39.82 9.18 24.01
N GLU C 46 -40.35 10.22 24.66
CA GLU C 46 -39.83 10.70 25.94
C GLU C 46 -39.70 9.63 27.03
N ALA C 47 -40.61 8.67 27.03
CA ALA C 47 -40.62 7.58 28.02
C ALA C 47 -39.35 6.69 27.96
N LEU C 48 -38.61 6.81 26.87
CA LEU C 48 -37.44 5.96 26.64
C LEU C 48 -36.19 6.65 27.17
N GLY C 49 -36.33 7.93 27.49
CA GLY C 49 -35.24 8.72 28.05
C GLY C 49 -34.18 9.07 27.03
N SER C 50 -32.93 8.76 27.41
CA SER C 50 -31.75 9.11 26.60
C SER C 50 -31.27 7.95 25.72
N ALA C 51 -31.46 8.07 24.41
CA ALA C 51 -30.98 7.06 23.45
C ALA C 51 -29.48 6.81 23.63
N LEU C 52 -28.76 7.86 24.03
CA LEU C 52 -27.32 7.81 24.15
C LEU C 52 -26.84 6.89 25.26
N THR C 53 -27.55 6.90 26.37
CA THR C 53 -27.08 6.19 27.56
C THR C 53 -27.97 5.02 27.99
N HIS C 54 -29.25 5.03 27.59
CA HIS C 54 -30.21 3.98 28.00
C HIS C 54 -29.63 2.57 27.88
N LYS C 55 -29.75 1.78 28.95
CA LYS C 55 -29.25 0.40 29.00
C LYS C 55 -29.87 -0.59 28.00
N TRP C 56 -31.12 -0.34 27.58
CA TRP C 56 -31.86 -1.36 26.79
C TRP C 56 -32.49 -0.84 25.51
N ILE C 57 -32.85 0.43 25.47
CA ILE C 57 -33.51 0.94 24.29
C ILE C 57 -32.71 2.10 23.74
N THR C 58 -32.39 2.05 22.45
CA THR C 58 -31.65 3.15 21.84
C THR C 58 -32.18 3.42 20.45
N THR C 59 -31.38 4.11 19.65
CA THR C 59 -31.69 4.27 18.23
C THR C 59 -30.50 3.78 17.42
N ASP C 60 -30.73 3.46 16.15
CA ASP C 60 -29.62 3.12 15.27
C ASP C 60 -29.24 4.37 14.47
N PHE C 61 -29.37 4.28 13.16
CA PHE C 61 -28.98 5.37 12.27
C PHE C 61 -29.84 6.63 12.38
N ALA C 62 -31.16 6.46 12.26
CA ALA C 62 -32.14 7.54 12.18
C ALA C 62 -32.73 7.83 13.55
N GLU C 63 -33.30 9.03 13.72
CA GLU C 63 -33.95 9.37 14.99
C GLU C 63 -35.14 8.44 15.20
N ALA C 64 -35.77 8.02 14.10
CA ALA C 64 -36.95 7.18 14.16
C ALA C 64 -36.66 5.68 14.05
N LEU C 65 -35.39 5.29 14.14
CA LEU C 65 -35.04 3.88 14.03
C LEU C 65 -34.70 3.35 15.40
N LEU C 66 -35.69 2.74 16.07
CA LEU C 66 -35.47 2.17 17.39
C LEU C 66 -34.59 0.95 17.31
N GLU C 67 -33.84 0.71 18.37
CA GLU C 67 -33.11 -0.51 18.52
C GLU C 67 -33.22 -1.03 19.95
N PHE C 68 -33.63 -2.29 20.11
CA PHE C 68 -33.73 -2.88 21.44
C PHE C 68 -32.62 -3.87 21.58
N ILE C 69 -32.06 -3.91 22.77
CA ILE C 69 -30.89 -4.72 23.10
C ILE C 69 -31.16 -5.43 24.40
N THR C 70 -30.98 -6.76 24.41
CA THR C 70 -31.14 -7.53 25.63
C THR C 70 -29.80 -7.71 26.32
N PRO C 71 -29.78 -7.58 27.67
CA PRO C 71 -28.60 -7.88 28.47
C PRO C 71 -28.14 -9.33 28.26
N VAL C 72 -26.83 -9.60 28.30
CA VAL C 72 -26.37 -10.97 28.01
C VAL C 72 -27.09 -11.95 28.94
N ASP C 73 -27.28 -13.19 28.49
CA ASP C 73 -28.26 -14.06 29.13
C ASP C 73 -28.02 -15.52 28.77
N GLY C 74 -28.19 -16.42 29.73
CA GLY C 74 -28.03 -17.86 29.50
C GLY C 74 -29.33 -18.59 29.14
N ASP C 75 -30.46 -17.88 29.27
CA ASP C 75 -31.80 -18.45 29.05
C ASP C 75 -32.59 -17.85 27.87
N ILE C 76 -32.86 -18.72 26.89
CA ILE C 76 -33.49 -18.31 25.63
C ILE C 76 -34.83 -17.63 25.85
N GLU C 77 -35.67 -18.26 26.66
CA GLU C 77 -37.00 -17.76 26.95
C GLU C 77 -36.95 -16.44 27.72
N HIS C 78 -36.12 -16.41 28.77
CA HIS C 78 -35.89 -15.18 29.50
C HIS C 78 -35.50 -14.00 28.56
N MET C 79 -34.51 -14.24 27.69
CA MET C 79 -34.05 -13.23 26.72
C MET C 79 -35.16 -12.78 25.80
N LEU C 80 -35.90 -13.74 25.24
CA LEU C 80 -36.99 -13.40 24.33
C LEU C 80 -38.13 -12.65 25.01
N THR C 81 -38.41 -12.98 26.28
CA THR C 81 -39.47 -12.30 27.04
C THR C 81 -39.06 -10.86 27.34
N PHE C 82 -37.82 -10.72 27.82
CA PHE C 82 -37.19 -9.40 28.01
C PHE C 82 -37.34 -8.48 26.79
N MET C 83 -37.00 -9.01 25.62
CA MET C 83 -37.08 -8.25 24.38
C MET C 83 -38.53 -7.84 24.14
N ARG C 84 -39.44 -8.75 24.46
CA ARG C 84 -40.87 -8.48 24.32
C ARG C 84 -41.37 -7.45 25.32
N ASP C 85 -40.85 -7.43 26.54
CA ASP C 85 -41.22 -6.36 27.47
C ASP C 85 -40.80 -5.02 26.90
N LEU C 86 -39.58 -4.96 26.35
CA LEU C 86 -39.12 -3.72 25.73
C LEU C 86 -40.07 -3.28 24.65
N HIS C 87 -40.57 -4.22 23.86
CA HIS C 87 -41.48 -3.87 22.78
C HIS C 87 -42.86 -3.46 23.32
N ARG C 88 -43.35 -4.20 24.30
CA ARG C 88 -44.65 -3.90 24.94
C ARG C 88 -44.65 -2.48 25.48
N TYR C 89 -43.69 -2.18 26.34
CA TYR C 89 -43.62 -0.85 26.91
C TYR C 89 -43.53 0.25 25.86
N THR C 90 -42.76 0.02 24.80
CA THR C 90 -42.53 1.05 23.80
C THR C 90 -43.78 1.27 22.97
N ALA C 91 -44.48 0.18 22.67
CA ALA C 91 -45.73 0.23 21.88
C ALA C 91 -46.79 1.10 22.54
N ARG C 92 -46.78 1.11 23.88
CA ARG C 92 -47.73 1.86 24.72
C ARG C 92 -47.22 3.24 25.12
N ASN C 93 -46.19 3.72 24.44
CA ASN C 93 -45.55 4.97 24.86
C ASN C 93 -45.05 5.75 23.69
N MET C 94 -45.64 5.52 22.53
CA MET C 94 -45.23 6.21 21.32
C MET C 94 -46.42 6.79 20.57
N GLY C 95 -47.46 7.17 21.32
CA GLY C 95 -48.67 7.72 20.71
C GLY C 95 -49.34 6.73 19.79
N ASP C 96 -49.70 7.17 18.59
CA ASP C 96 -50.38 6.31 17.63
C ASP C 96 -49.39 5.60 16.72
N GLU C 97 -48.11 5.95 16.86
CA GLU C 97 -47.04 5.34 16.06
C GLU C 97 -46.95 3.83 16.26
N ARG C 98 -46.65 3.12 15.18
CA ARG C 98 -46.34 1.69 15.30
C ARG C 98 -44.97 1.32 14.68
N MET C 99 -44.49 0.12 15.00
CA MET C 99 -43.19 -0.35 14.58
C MET C 99 -43.23 -1.14 13.27
N TRP C 100 -42.46 -0.69 12.29
CA TRP C 100 -42.39 -1.38 11.01
C TRP C 100 -41.82 -2.79 11.22
N PRO C 101 -42.57 -3.82 10.79
CA PRO C 101 -42.21 -5.21 11.04
C PRO C 101 -41.44 -5.89 9.92
N LEU C 102 -40.99 -5.13 8.92
CA LEU C 102 -40.22 -5.70 7.80
C LEU C 102 -38.80 -5.15 7.80
N SER C 103 -37.87 -5.84 7.12
CA SER C 103 -36.51 -5.31 6.96
C SER C 103 -36.48 -4.07 6.06
N MET C 104 -37.11 -4.18 4.89
CA MET C 104 -37.13 -3.10 3.91
C MET C 104 -38.24 -2.11 4.22
N PRO C 105 -37.91 -0.82 4.27
CA PRO C 105 -38.93 0.20 4.51
C PRO C 105 -39.71 0.43 3.20
N SER C 106 -40.85 1.13 3.25
CA SER C 106 -41.52 1.41 1.98
C SER C 106 -42.05 2.84 1.72
N TYR C 107 -42.14 3.68 2.73
CA TYR C 107 -42.73 4.98 2.45
C TYR C 107 -41.70 6.09 2.54
N ILE C 108 -40.56 5.81 1.92
CA ILE C 108 -39.41 6.71 1.93
C ILE C 108 -38.84 6.77 0.51
N ALA C 109 -38.64 8.01 -0.01
CA ALA C 109 -38.19 8.25 -1.39
C ALA C 109 -36.79 7.67 -1.74
N ASP C 113 -35.36 12.44 2.76
CA ASP C 113 -34.72 13.36 3.71
C ASP C 113 -35.01 13.04 5.19
N ILE C 114 -34.29 12.05 5.72
CA ILE C 114 -34.54 11.44 7.03
C ILE C 114 -33.71 12.06 8.17
N GLU C 115 -34.34 12.34 9.32
CA GLU C 115 -33.57 12.85 10.44
C GLU C 115 -32.58 11.85 11.07
N LEU C 116 -31.33 12.26 11.17
CA LEU C 116 -30.30 11.42 11.80
C LEU C 116 -30.55 11.26 13.30
N ALA C 117 -30.06 10.18 13.90
CA ALA C 117 -30.23 9.99 15.34
C ALA C 117 -29.60 11.15 16.13
N GLN C 118 -30.37 11.70 17.07
CA GLN C 118 -29.95 12.86 17.86
C GLN C 118 -29.53 12.43 19.25
N TYR C 119 -28.36 12.86 19.69
CA TYR C 119 -27.89 12.43 21.00
C TYR C 119 -27.48 13.56 21.92
N GLY C 120 -28.13 14.71 21.78
CA GLY C 120 -27.80 15.88 22.62
C GLY C 120 -26.59 16.67 22.14
N THR C 121 -25.89 17.30 23.08
CA THR C 121 -24.80 18.23 22.73
C THR C 121 -23.42 17.82 23.22
N SER C 122 -23.32 16.76 24.01
CA SER C 122 -22.02 16.29 24.47
C SER C 122 -21.07 15.97 23.31
N ASN C 123 -19.83 15.64 23.61
CA ASN C 123 -18.87 15.38 22.53
C ASN C 123 -19.13 14.02 21.88
N THR C 124 -19.22 13.00 22.73
CA THR C 124 -19.61 11.65 22.33
C THR C 124 -20.94 11.62 21.56
N GLY C 125 -21.89 12.46 21.97
CA GLY C 125 -23.20 12.47 21.35
C GLY C 125 -23.22 13.20 20.03
N ARG C 126 -22.26 14.07 19.82
CA ARG C 126 -22.17 14.79 18.56
C ARG C 126 -21.34 13.98 17.57
N PHE C 127 -20.39 13.22 18.11
CA PHE C 127 -19.54 12.33 17.31
C PHE C 127 -20.36 11.17 16.74
N LYS C 128 -21.32 10.68 17.52
CA LYS C 128 -22.21 9.62 17.05
C LYS C 128 -23.14 10.07 15.93
N THR C 129 -23.71 11.26 16.07
CA THR C 129 -24.54 11.84 15.01
C THR C 129 -23.74 12.15 13.77
N LEU C 130 -22.49 12.57 13.99
CA LEU C 130 -21.59 12.96 12.91
C LEU C 130 -21.24 11.75 12.05
N TYR C 131 -20.94 10.64 12.71
CA TYR C 131 -20.74 9.35 12.07
C TYR C 131 -21.90 9.05 11.12
N ARG C 132 -23.11 9.30 11.60
CA ARG C 132 -24.32 8.99 10.83
C ARG C 132 -24.46 9.91 9.62
N GLU C 133 -24.08 11.17 9.82
CA GLU C 133 -23.97 12.16 8.74
C GLU C 133 -22.99 11.61 7.70
N GLY C 134 -21.85 11.11 8.17
CA GLY C 134 -20.87 10.44 7.30
C GLY C 134 -21.47 9.33 6.46
N LEU C 135 -22.05 8.33 7.13
CA LEU C 135 -22.77 7.23 6.46
C LEU C 135 -23.81 7.76 5.49
N LYS C 136 -24.61 8.73 5.93
CA LYS C 136 -25.61 9.32 5.05
C LYS C 136 -24.98 9.82 3.77
N ASN C 137 -23.93 10.63 3.88
CA ASN C 137 -23.26 11.20 2.72
C ASN C 137 -22.52 10.18 1.88
N ARG C 138 -22.02 9.12 2.50
CA ARG C 138 -21.28 8.10 1.76
C ARG C 138 -22.21 7.11 1.04
N TYR C 139 -23.32 6.75 1.70
CA TYR C 139 -24.11 5.62 1.21
C TYR C 139 -25.54 5.97 0.87
N GLY C 140 -26.04 7.08 1.40
CA GLY C 140 -27.45 7.45 1.26
C GLY C 140 -28.21 7.16 2.55
N ALA C 141 -29.16 8.01 2.89
CA ALA C 141 -29.89 7.84 4.16
C ALA C 141 -30.83 6.64 4.08
N LEU C 142 -31.30 6.36 2.87
CA LEU C 142 -32.32 5.34 2.62
C LEU C 142 -31.85 3.93 2.97
N MET C 143 -30.67 3.58 2.48
CA MET C 143 -30.07 2.30 2.73
C MET C 143 -29.87 2.06 4.23
N GLN C 144 -29.80 3.14 5.00
CA GLN C 144 -29.47 3.06 6.42
C GLN C 144 -30.73 2.86 7.26
N THR C 145 -31.90 3.00 6.63
CA THR C 145 -33.18 2.68 7.29
C THR C 145 -33.61 1.20 7.13
N ILE C 146 -32.86 0.41 6.35
CA ILE C 146 -33.04 -1.04 6.34
C ILE C 146 -32.75 -1.61 7.76
N SER C 147 -33.57 -2.57 8.19
CA SER C 147 -33.57 -3.09 9.56
C SER C 147 -33.13 -4.53 9.62
N GLY C 148 -32.58 -4.93 10.74
CA GLY C 148 -32.14 -6.31 10.86
C GLY C 148 -32.10 -6.72 12.30
N VAL C 149 -31.74 -7.98 12.51
CA VAL C 149 -31.57 -8.50 13.85
C VAL C 149 -30.15 -9.04 14.02
N HIS C 150 -29.49 -8.68 15.12
CA HIS C 150 -28.18 -9.25 15.43
C HIS C 150 -28.28 -10.22 16.56
N TYR C 151 -27.58 -11.33 16.38
CA TYR C 151 -27.60 -12.39 17.34
C TYR C 151 -26.18 -12.53 17.91
N ASN C 152 -26.07 -12.37 19.22
CA ASN C 152 -24.77 -12.39 19.87
C ASN C 152 -24.65 -13.69 20.63
N PHE C 153 -23.48 -14.33 20.56
CA PHE C 153 -23.37 -15.72 20.99
C PHE C 153 -21.98 -16.02 21.52
N SER C 154 -21.90 -16.70 22.67
CA SER C 154 -20.64 -17.20 23.16
C SER C 154 -20.81 -18.59 23.75
N LEU C 155 -19.83 -19.43 23.48
CA LEU C 155 -19.73 -20.74 24.08
C LEU C 155 -19.24 -20.58 25.51
N PRO C 156 -19.65 -21.50 26.40
CA PRO C 156 -19.20 -21.46 27.81
C PRO C 156 -17.74 -21.91 27.91
N MET C 157 -17.05 -21.51 28.99
CA MET C 157 -15.66 -21.88 29.21
C MET C 157 -15.51 -23.39 29.22
N ALA C 158 -16.55 -24.06 29.70
CA ALA C 158 -16.56 -25.52 29.73
C ALA C 158 -16.28 -26.13 28.36
N PHE C 159 -16.68 -25.44 27.29
CA PHE C 159 -16.47 -25.95 25.93
C PHE C 159 -14.99 -25.98 25.56
N TRP C 160 -14.29 -24.90 25.92
CA TRP C 160 -12.89 -24.73 25.62
C TRP C 160 -12.07 -25.64 26.55
N GLN C 161 -12.53 -25.77 27.79
CA GLN C 161 -11.88 -26.69 28.75
C GLN C 161 -11.96 -28.15 28.30
N ALA C 162 -13.10 -28.54 27.73
CA ALA C 162 -13.34 -29.92 27.34
C ALA C 162 -12.49 -30.45 26.17
N LYS C 163 -11.79 -29.54 25.47
CA LYS C 163 -10.87 -29.90 24.37
C LYS C 163 -9.42 -30.10 24.86
N ILE C 167 -5.53 -25.26 27.88
CA ILE C 167 -6.06 -23.93 28.18
C ILE C 167 -5.80 -23.52 29.64
N SER C 168 -4.72 -22.73 29.83
CA SER C 168 -4.38 -22.14 31.12
C SER C 168 -3.51 -20.91 30.88
N GLY C 169 -3.82 -19.82 31.57
CA GLY C 169 -2.99 -18.64 31.49
C GLY C 169 -3.17 -17.93 30.17
N ALA C 170 -2.05 -17.56 29.55
CA ALA C 170 -2.11 -16.77 28.32
C ALA C 170 -2.70 -17.57 27.15
N ASP C 171 -2.57 -18.90 27.22
CA ASP C 171 -3.14 -19.84 26.25
C ASP C 171 -4.64 -19.68 26.05
N ALA C 172 -5.36 -19.54 27.16
CA ALA C 172 -6.82 -19.46 27.12
C ALA C 172 -7.34 -18.45 26.11
N LYS C 173 -6.96 -17.18 26.23
CA LYS C 173 -7.46 -16.17 25.31
C LYS C 173 -7.10 -16.49 23.84
N GLU C 174 -6.03 -17.24 23.63
CA GLU C 174 -5.56 -17.55 22.27
C GLU C 174 -6.34 -18.69 21.62
N LYS C 175 -6.64 -19.72 22.42
CA LYS C 175 -7.43 -20.86 21.98
C LYS C 175 -8.90 -20.45 21.70
N ILE C 176 -9.44 -19.57 22.53
CA ILE C 176 -10.80 -19.07 22.33
C ILE C 176 -10.90 -18.19 21.06
N SER C 177 -9.90 -17.37 20.82
CA SER C 177 -9.83 -16.61 19.59
C SER C 177 -9.68 -17.52 18.37
N ALA C 178 -8.81 -18.53 18.45
CA ALA C 178 -8.67 -19.46 17.35
C ALA C 178 -10.01 -20.19 17.06
N GLY C 179 -10.77 -20.47 18.13
CA GLY C 179 -12.04 -21.17 18.02
C GLY C 179 -13.11 -20.32 17.34
N TYR C 180 -13.23 -19.06 17.76
CA TYR C 180 -14.14 -18.17 17.10
C TYR C 180 -13.78 -17.81 15.67
N PHE C 181 -12.49 -17.74 15.33
CA PHE C 181 -12.13 -17.41 13.95
C PHE C 181 -12.52 -18.58 13.07
N ARG C 182 -12.40 -19.78 13.62
CA ARG C 182 -12.88 -20.99 12.96
C ARG C 182 -14.40 -20.93 12.73
N VAL C 183 -15.14 -20.58 13.78
CA VAL C 183 -16.57 -20.35 13.66
C VAL C 183 -16.85 -19.41 12.50
N ILE C 184 -16.06 -18.34 12.39
CA ILE C 184 -16.27 -17.30 11.39
C ILE C 184 -15.97 -17.80 9.97
N ARG C 185 -14.92 -18.60 9.81
CA ARG C 185 -14.60 -19.14 8.50
C ARG C 185 -15.71 -20.08 8.01
N ASN C 186 -16.24 -20.89 8.94
CA ASN C 186 -17.28 -21.85 8.59
C ASN C 186 -18.56 -21.09 8.29
N TYR C 187 -18.81 -20.00 8.99
CA TYR C 187 -19.91 -19.13 8.70
C TYR C 187 -19.89 -18.53 7.30
N TYR C 188 -18.72 -18.07 6.85
CA TYR C 188 -18.57 -17.59 5.49
C TYR C 188 -18.84 -18.70 4.49
N ARG C 189 -18.44 -19.92 4.82
CA ARG C 189 -18.62 -21.02 3.90
C ARG C 189 -20.07 -21.49 3.80
N PHE C 190 -20.76 -21.56 4.94
CA PHE C 190 -22.03 -22.31 4.99
C PHE C 190 -23.20 -21.49 5.52
N GLY C 191 -22.98 -20.23 5.85
CA GLY C 191 -24.00 -19.44 6.50
C GLY C 191 -25.10 -18.91 5.59
N TRP C 192 -25.00 -19.21 4.29
CA TRP C 192 -26.06 -18.82 3.34
C TRP C 192 -27.38 -19.58 3.73
N VAL C 193 -27.23 -20.64 4.54
CA VAL C 193 -28.34 -21.39 5.09
C VAL C 193 -29.29 -20.46 5.88
N ILE C 194 -28.76 -19.44 6.51
CA ILE C 194 -29.57 -18.45 7.24
C ILE C 194 -30.53 -17.61 6.38
N PRO C 195 -30.03 -16.88 5.36
CA PRO C 195 -31.05 -16.23 4.48
C PRO C 195 -31.94 -17.22 3.70
N TYR C 196 -31.46 -18.43 3.40
CA TYR C 196 -32.32 -19.41 2.81
C TYR C 196 -33.59 -19.64 3.69
N LEU C 197 -33.37 -20.01 4.95
CA LEU C 197 -34.45 -20.28 5.89
C LEU C 197 -35.18 -19.04 6.33
N PHE C 198 -34.46 -17.96 6.61
CA PHE C 198 -35.08 -16.82 7.32
C PHE C 198 -34.98 -15.50 6.61
N GLY C 199 -34.41 -15.50 5.39
CA GLY C 199 -34.41 -14.29 4.57
C GLY C 199 -35.87 -13.92 4.40
N ALA C 200 -36.18 -12.63 4.53
CA ALA C 200 -37.54 -12.11 4.51
C ALA C 200 -37.61 -10.74 3.77
N SER C 201 -36.86 -10.61 2.69
CA SER C 201 -36.93 -9.38 1.90
C SER C 201 -36.73 -9.70 0.42
N PRO C 202 -37.67 -10.48 -0.19
CA PRO C 202 -37.56 -10.83 -1.62
C PRO C 202 -38.06 -9.71 -2.53
N ALA C 203 -38.56 -8.65 -1.93
CA ALA C 203 -39.07 -7.51 -2.68
C ALA C 203 -38.53 -6.21 -2.08
N ILE C 204 -38.35 -5.19 -2.93
CA ILE C 204 -37.98 -3.83 -2.48
C ILE C 204 -38.85 -2.82 -3.19
N SER C 205 -39.09 -1.70 -2.52
CA SER C 205 -39.81 -0.60 -3.13
C SER C 205 -38.91 0.07 -4.18
N SER C 206 -39.52 0.70 -5.18
CA SER C 206 -38.80 1.41 -6.25
C SER C 206 -37.68 2.33 -5.73
N SER C 207 -37.94 3.01 -4.60
CA SER C 207 -36.97 3.91 -3.96
C SER C 207 -35.56 3.34 -3.91
N PHE C 208 -35.44 2.02 -3.82
CA PHE C 208 -34.15 1.36 -3.93
C PHE C 208 -33.91 0.98 -5.41
N SER C 215 -29.98 -4.03 -13.77
CA SER C 215 -29.00 -5.13 -13.66
C SER C 215 -29.61 -6.51 -13.30
N LEU C 216 -30.30 -6.60 -12.15
CA LEU C 216 -30.99 -7.85 -11.76
C LEU C 216 -32.34 -8.02 -12.47
N PRO C 217 -32.65 -9.25 -12.95
CA PRO C 217 -33.92 -9.56 -13.64
C PRO C 217 -35.22 -9.31 -12.84
N PHE C 218 -35.33 -8.14 -12.21
CA PHE C 218 -36.51 -7.78 -11.42
C PHE C 218 -37.84 -7.94 -12.13
N GLU C 219 -38.86 -8.41 -11.40
CA GLU C 219 -40.24 -8.28 -11.82
C GLU C 219 -40.73 -6.97 -11.23
N LYS C 220 -41.59 -6.26 -11.97
CA LYS C 220 -42.10 -4.97 -11.52
C LYS C 220 -43.61 -5.06 -11.25
N THR C 221 -44.16 -4.09 -10.54
CA THR C 221 -45.54 -4.19 -10.05
C THR C 221 -46.24 -2.83 -9.88
N MET C 225 -43.45 -1.76 -6.81
CA MET C 225 -42.69 -2.78 -6.07
C MET C 225 -41.92 -3.77 -6.94
N TYR C 226 -40.64 -3.93 -6.60
CA TYR C 226 -39.74 -4.78 -7.36
C TYR C 226 -39.48 -6.07 -6.59
N TYR C 227 -39.42 -7.18 -7.30
CA TYR C 227 -39.11 -8.44 -6.65
C TYR C 227 -38.38 -9.41 -7.57
N LEU C 228 -37.79 -10.45 -6.99
CA LEU C 228 -37.23 -11.56 -7.76
C LEU C 228 -37.95 -12.81 -7.31
N PRO C 229 -38.37 -13.66 -8.26
CA PRO C 229 -39.29 -14.74 -7.89
C PRO C 229 -38.75 -15.67 -6.81
N TYR C 230 -37.44 -15.90 -6.78
CA TYR C 230 -36.84 -16.89 -5.90
C TYR C 230 -35.93 -16.31 -4.86
N ALA C 231 -35.95 -14.99 -4.74
CA ALA C 231 -35.03 -14.30 -3.84
C ALA C 231 -35.37 -14.62 -2.41
N THR C 232 -34.37 -14.54 -1.53
CA THR C 232 -34.59 -14.73 -0.10
C THR C 232 -34.42 -13.41 0.65
N SER C 233 -33.23 -12.83 0.54
CA SER C 233 -32.86 -11.65 1.33
C SER C 233 -32.14 -10.57 0.51
N LEU C 234 -32.90 -9.65 -0.07
CA LEU C 234 -32.30 -8.53 -0.80
C LEU C 234 -31.63 -7.54 0.15
N ARG C 235 -31.98 -7.58 1.42
CA ARG C 235 -31.29 -6.72 2.38
C ARG C 235 -29.80 -7.04 2.33
N LEU C 236 -29.46 -8.24 1.91
CA LEU C 236 -28.08 -8.70 1.87
C LEU C 236 -27.48 -8.62 0.48
N SER C 237 -28.27 -8.19 -0.51
CA SER C 237 -27.76 -8.01 -1.88
C SER C 237 -26.97 -6.70 -2.00
N ASP C 238 -26.58 -6.34 -3.23
CA ASP C 238 -25.86 -5.09 -3.49
C ASP C 238 -26.75 -3.86 -3.33
N LEU C 239 -28.04 -4.03 -3.54
CA LEU C 239 -28.98 -2.96 -3.32
C LEU C 239 -29.37 -2.82 -1.85
N GLY C 240 -28.85 -3.72 -0.99
CA GLY C 240 -29.24 -3.73 0.41
C GLY C 240 -28.22 -3.07 1.33
N TYR C 241 -28.19 -3.53 2.57
CA TYR C 241 -27.21 -3.07 3.55
C TYR C 241 -25.80 -3.67 3.28
N THR C 242 -24.96 -2.95 2.51
CA THR C 242 -23.58 -3.41 2.15
C THR C 242 -22.61 -2.28 1.74
N ASN C 243 -21.42 -2.71 1.22
CA ASN C 243 -20.42 -1.75 0.66
C ASN C 243 -19.03 -2.38 0.53
N GLN C 246 -15.54 -2.11 -0.49
CA GLN C 246 -14.99 -2.59 0.79
C GLN C 246 -14.41 -4.00 0.66
N SER C 247 -14.68 -4.67 -0.47
CA SER C 247 -14.07 -5.95 -0.77
C SER C 247 -12.55 -5.81 -1.08
N ASN C 248 -12.10 -4.58 -1.35
CA ASN C 248 -10.65 -4.30 -1.59
C ASN C 248 -9.75 -4.28 -0.31
N LEU C 249 -10.38 -4.47 0.86
CA LEU C 249 -9.71 -4.27 2.15
C LEU C 249 -8.81 -5.42 2.61
N GLY C 250 -9.03 -6.60 2.07
CA GLY C 250 -8.13 -7.73 2.35
C GLY C 250 -8.20 -8.27 3.77
N ILE C 251 -9.25 -7.90 4.51
CA ILE C 251 -9.51 -8.44 5.83
C ILE C 251 -9.65 -9.96 5.79
N THR C 252 -8.98 -10.66 6.68
CA THR C 252 -9.05 -12.12 6.75
C THR C 252 -9.35 -12.61 8.17
N PHE C 253 -9.64 -13.89 8.32
CA PHE C 253 -10.15 -14.43 9.59
C PHE C 253 -9.41 -15.71 9.99
N ASN C 254 -8.10 -15.64 9.79
CA ASN C 254 -7.25 -16.76 10.10
C ASN C 254 -6.66 -16.70 11.47
N ASP C 255 -6.58 -15.48 12.02
CA ASP C 255 -5.63 -15.19 13.09
C ASP C 255 -5.94 -13.83 13.70
N LEU C 256 -6.08 -13.77 15.02
CA LEU C 256 -6.41 -12.53 15.72
C LEU C 256 -5.58 -11.30 15.32
N TYR C 257 -4.26 -11.43 15.40
CA TYR C 257 -3.36 -10.34 15.05
C TYR C 257 -3.48 -9.87 13.59
N GLU C 258 -3.41 -10.81 12.65
CA GLU C 258 -3.66 -10.56 11.23
C GLU C 258 -5.02 -9.88 10.99
N TYR C 259 -6.07 -10.32 11.68
CA TYR C 259 -7.38 -9.69 11.53
C TYR C 259 -7.41 -8.20 11.94
N VAL C 260 -6.89 -7.91 13.13
CA VAL C 260 -6.86 -6.55 13.66
C VAL C 260 -5.94 -5.63 12.83
N ALA C 261 -4.80 -6.20 12.41
CA ALA C 261 -3.86 -5.48 11.56
C ALA C 261 -4.57 -5.02 10.30
N GLY C 262 -5.34 -5.91 9.65
CA GLY C 262 -6.08 -5.52 8.42
C GLY C 262 -7.19 -4.52 8.70
N LEU C 263 -7.85 -4.66 9.83
CA LEU C 263 -8.92 -3.75 10.17
C LEU C 263 -8.39 -2.37 10.58
N LYS C 264 -7.32 -2.37 11.40
CA LYS C 264 -6.63 -1.13 11.78
C LYS C 264 -6.07 -0.43 10.55
N GLN C 265 -5.60 -1.23 9.62
CA GLN C 265 -5.13 -0.72 8.35
C GLN C 265 -6.23 -0.07 7.50
N ALA C 266 -7.46 -0.59 7.61
CA ALA C 266 -8.59 -0.06 6.83
C ALA C 266 -9.05 1.30 7.37
N ILE C 267 -8.87 1.44 8.68
CA ILE C 267 -9.16 2.68 9.43
C ILE C 267 -8.24 3.84 9.02
N LYS C 268 -7.03 3.47 8.59
CA LYS C 268 -6.00 4.41 8.17
C LYS C 268 -5.89 4.47 6.66
N THR C 269 -6.80 3.83 5.92
CA THR C 269 -6.75 3.91 4.45
C THR C 269 -7.59 5.05 3.89
N PRO C 270 -6.93 6.07 3.30
CA PRO C 270 -7.73 7.16 2.72
C PRO C 270 -8.52 6.70 1.50
N SER C 271 -9.74 7.21 1.36
CA SER C 271 -10.53 6.93 0.18
C SER C 271 -10.58 8.18 -0.70
N GLU C 272 -10.27 8.01 -1.98
CA GLU C 272 -10.44 9.12 -2.92
C GLU C 272 -11.89 9.58 -3.05
N GLU C 273 -12.80 8.61 -3.18
CA GLU C 273 -14.22 8.89 -3.35
C GLU C 273 -14.79 9.63 -2.14
N TYR C 274 -14.35 9.29 -0.95
CA TYR C 274 -14.86 10.00 0.22
C TYR C 274 -14.15 11.33 0.44
N ALA C 275 -12.90 11.45 -0.01
CA ALA C 275 -12.24 12.75 -0.05
C ALA C 275 -13.04 13.70 -0.96
N LYS C 276 -13.59 13.18 -2.05
CA LYS C 276 -14.42 13.99 -2.94
C LYS C 276 -15.70 14.51 -2.29
N ILE C 277 -16.17 13.86 -1.23
CA ILE C 277 -17.34 14.35 -0.47
C ILE C 277 -16.92 15.60 0.33
N GLY C 278 -15.66 15.61 0.74
CA GLY C 278 -15.13 16.67 1.57
C GLY C 278 -15.42 16.44 3.03
N ILE C 279 -14.42 16.68 3.87
CA ILE C 279 -14.58 16.60 5.31
C ILE C 279 -15.61 17.63 5.84
N GLU C 280 -15.76 18.75 5.14
CA GLU C 280 -16.72 19.77 5.54
C GLU C 280 -17.23 20.54 4.32
N LYS C 281 -18.45 21.07 4.40
CA LYS C 281 -18.96 21.93 3.34
C LYS C 281 -19.83 23.03 3.94
N ASP C 282 -19.28 24.26 3.93
CA ASP C 282 -20.02 25.46 4.32
C ASP C 282 -20.50 25.44 5.79
N GLY C 283 -19.58 25.21 6.73
CA GLY C 283 -19.90 25.27 8.17
C GLY C 283 -20.45 24.00 8.80
N LYS C 284 -21.01 23.11 7.98
CA LYS C 284 -21.49 21.78 8.43
C LYS C 284 -20.43 20.72 8.18
N ARG C 285 -19.97 20.09 9.25
CA ARG C 285 -19.06 18.96 9.11
C ARG C 285 -19.84 17.78 8.49
N LEU C 286 -19.24 17.14 7.48
CA LEU C 286 -19.93 16.14 6.67
C LEU C 286 -19.58 14.68 7.00
N GLN C 287 -18.47 14.46 7.69
CA GLN C 287 -18.07 13.11 8.05
C GLN C 287 -16.91 13.19 9.00
N ILE C 288 -16.69 12.14 9.78
CA ILE C 288 -15.58 12.16 10.71
C ILE C 288 -14.20 12.29 10.03
N ASN C 289 -14.01 11.59 8.90
CA ASN C 289 -12.80 11.65 8.12
C ASN C 289 -13.16 11.10 6.76
N SER C 290 -12.19 10.95 5.88
CA SER C 290 -12.49 10.36 4.59
C SER C 290 -11.69 9.12 4.34
N ASN C 291 -11.34 8.42 5.40
CA ASN C 291 -10.77 7.10 5.23
C ASN C 291 -11.87 6.11 4.78
N VAL C 292 -11.46 4.93 4.33
CA VAL C 292 -12.42 3.88 3.92
C VAL C 292 -13.47 3.64 5.02
N LEU C 293 -13.01 3.41 6.25
CA LEU C 293 -13.89 3.32 7.41
C LEU C 293 -13.64 4.56 8.28
N GLN C 294 -14.67 5.36 8.58
CA GLN C 294 -14.54 6.42 9.59
C GLN C 294 -14.17 5.84 10.95
N ILE C 295 -14.92 4.82 11.36
CA ILE C 295 -14.63 4.05 12.55
C ILE C 295 -14.81 2.57 12.19
N GLU C 296 -14.44 1.69 13.09
CA GLU C 296 -14.44 0.24 12.83
C GLU C 296 -15.84 -0.36 12.59
N ASN C 297 -16.85 0.25 13.16
CA ASN C 297 -18.23 -0.20 12.98
C ASN C 297 -18.73 -0.15 11.53
N GLU C 298 -18.03 0.61 10.68
CA GLU C 298 -18.46 0.84 9.35
C GLU C 298 -18.11 -0.34 8.46
N LEU C 299 -17.25 -1.23 8.94
CA LEU C 299 -16.87 -2.38 8.14
C LEU C 299 -18.08 -3.34 8.12
N TYR C 300 -18.75 -3.42 6.97
CA TYR C 300 -19.90 -4.29 6.80
C TYR C 300 -19.48 -5.75 6.87
N ALA C 301 -20.27 -6.53 7.59
CA ALA C 301 -19.91 -7.93 7.79
C ALA C 301 -21.14 -8.76 8.07
N PRO C 302 -21.21 -9.95 7.47
CA PRO C 302 -22.24 -10.91 7.83
C PRO C 302 -22.08 -11.39 9.29
N ILE C 303 -20.84 -11.37 9.76
CA ILE C 303 -20.52 -11.87 11.08
C ILE C 303 -19.35 -11.07 11.64
N ARG C 304 -19.33 -10.85 12.94
CA ARG C 304 -18.35 -9.95 13.53
C ARG C 304 -17.74 -10.53 14.82
N PRO C 305 -16.40 -10.51 14.96
CA PRO C 305 -15.80 -10.91 16.25
C PRO C 305 -15.95 -9.75 17.24
N LYS C 306 -16.17 -10.06 18.50
CA LYS C 306 -16.51 -9.04 19.49
C LYS C 306 -15.84 -9.29 20.82
N ARG C 307 -15.66 -8.20 21.55
CA ARG C 307 -15.19 -8.24 22.93
C ARG C 307 -15.65 -6.92 23.50
N VAL C 308 -16.43 -6.97 24.58
CA VAL C 308 -16.90 -5.74 25.22
C VAL C 308 -15.75 -4.76 25.47
N THR C 309 -15.91 -3.52 25.02
CA THR C 309 -14.86 -2.52 25.11
C THR C 309 -14.94 -1.78 26.43
N ARG C 310 -13.78 -1.41 26.94
CA ARG C 310 -13.71 -0.51 28.08
C ARG C 310 -14.09 0.91 27.61
N SER C 311 -14.43 1.79 28.54
CA SER C 311 -14.90 3.15 28.21
C SER C 311 -14.03 3.81 27.12
N GLY C 312 -14.69 4.16 26.01
CA GLY C 312 -14.05 4.83 24.88
C GLY C 312 -13.09 3.98 24.05
N GLU C 313 -12.88 2.72 24.45
CA GLU C 313 -11.93 1.80 23.78
C GLU C 313 -12.47 1.44 22.39
N SER C 314 -11.58 1.23 21.43
CA SER C 314 -12.03 0.86 20.10
C SER C 314 -12.19 -0.64 20.04
N PRO C 315 -13.13 -1.12 19.20
CA PRO C 315 -13.36 -2.56 18.98
C PRO C 315 -12.09 -3.40 18.78
N SER C 316 -11.17 -2.91 17.96
CA SER C 316 -9.96 -3.69 17.66
C SER C 316 -8.94 -3.65 18.80
N ASP C 317 -8.84 -2.51 19.50
CA ASP C 317 -8.05 -2.47 20.73
C ASP C 317 -8.50 -3.53 21.73
N ALA C 318 -9.82 -3.66 21.90
CA ALA C 318 -10.38 -4.58 22.87
C ALA C 318 -10.05 -6.00 22.47
N LEU C 319 -10.05 -6.25 21.16
CA LEU C 319 -9.74 -7.58 20.63
C LEU C 319 -8.26 -7.93 20.82
N LEU C 320 -7.39 -6.96 20.54
CA LEU C 320 -5.96 -7.16 20.70
C LEU C 320 -5.62 -7.42 22.16
N ARG C 321 -6.28 -6.71 23.04
CA ARG C 321 -6.05 -6.85 24.48
C ARG C 321 -6.56 -8.18 25.05
N GLY C 322 -7.80 -8.56 24.75
CA GLY C 322 -8.39 -9.78 25.29
C GLY C 322 -8.67 -10.97 24.37
N GLY C 323 -8.57 -10.81 23.05
CA GLY C 323 -8.97 -11.89 22.17
C GLY C 323 -10.48 -11.83 21.92
N ILE C 324 -11.01 -12.74 21.10
CA ILE C 324 -12.45 -12.74 20.83
C ILE C 324 -13.26 -13.20 22.06
N GLU C 325 -14.25 -12.43 22.46
CA GLU C 325 -15.08 -12.79 23.60
C GLU C 325 -16.35 -13.56 23.19
N TYR C 326 -17.08 -13.00 22.22
CA TYR C 326 -18.22 -13.62 21.59
C TYR C 326 -18.26 -13.23 20.11
N ILE C 327 -19.22 -13.79 19.37
CA ILE C 327 -19.43 -13.40 17.97
C ILE C 327 -20.82 -12.79 17.79
N GLU C 328 -20.93 -11.88 16.83
CA GLU C 328 -22.19 -11.27 16.46
C GLU C 328 -22.58 -11.73 15.04
N VAL C 329 -23.68 -12.50 14.95
CA VAL C 329 -24.27 -12.89 13.66
C VAL C 329 -25.17 -11.75 13.22
N ARG C 330 -24.94 -11.24 12.01
CA ARG C 330 -25.57 -10.00 11.56
C ARG C 330 -26.54 -10.20 10.37
N SER C 331 -26.58 -11.40 9.84
CA SER C 331 -27.33 -11.71 8.63
C SER C 331 -28.85 -11.82 8.71
N LEU C 332 -29.46 -11.79 9.91
CA LEU C 332 -30.90 -12.02 10.02
C LEU C 332 -31.73 -10.84 9.59
N ASP C 333 -32.64 -11.09 8.63
CA ASP C 333 -33.65 -10.11 8.31
C ASP C 333 -34.61 -10.06 9.51
N ILE C 334 -35.42 -9.01 9.58
CA ILE C 334 -36.52 -9.02 10.55
C ILE C 334 -37.50 -10.14 10.17
N ASN C 335 -37.87 -10.96 11.16
CA ASN C 335 -38.93 -11.95 11.09
C ASN C 335 -40.27 -11.22 11.03
N PRO C 336 -40.92 -11.23 9.86
CA PRO C 336 -42.18 -10.47 9.76
C PRO C 336 -43.33 -11.17 10.52
N PHE C 337 -43.09 -12.42 10.94
CA PHE C 337 -44.10 -13.25 11.60
C PHE C 337 -44.01 -13.22 13.13
N SER C 338 -43.18 -12.33 13.68
CA SER C 338 -43.02 -12.22 15.13
C SER C 338 -43.16 -10.75 15.50
N PRO C 339 -43.99 -10.43 16.52
CA PRO C 339 -44.15 -9.02 16.86
C PRO C 339 -42.85 -8.39 17.36
N ILE C 340 -41.90 -9.23 17.78
CA ILE C 340 -40.58 -8.72 18.19
C ILE C 340 -39.45 -8.90 17.13
N GLY C 341 -39.81 -9.25 15.89
CA GLY C 341 -38.83 -9.40 14.82
C GLY C 341 -37.92 -10.63 14.83
N VAL C 342 -38.04 -11.47 15.84
CA VAL C 342 -37.17 -12.66 15.97
C VAL C 342 -37.86 -13.68 16.88
N ASP C 343 -37.64 -14.96 16.66
CA ASP C 343 -38.30 -15.93 17.52
C ASP C 343 -37.38 -17.08 17.93
N GLU C 344 -37.93 -17.92 18.80
CA GLU C 344 -37.19 -18.96 19.48
C GLU C 344 -36.69 -20.01 18.52
N GLN C 345 -37.42 -20.21 17.44
CA GLN C 345 -37.00 -21.17 16.44
C GLN C 345 -35.69 -20.72 15.74
N GLN C 346 -35.59 -19.42 15.46
CA GLN C 346 -34.39 -18.80 14.89
C GLN C 346 -33.22 -18.90 15.87
N VAL C 347 -33.41 -18.44 17.12
CA VAL C 347 -32.38 -18.45 18.13
C VAL C 347 -31.80 -19.85 18.31
N ARG C 348 -32.67 -20.86 18.39
CA ARG C 348 -32.20 -22.21 18.61
C ARG C 348 -31.48 -22.76 17.39
N PHE C 349 -31.95 -22.40 16.20
CA PHE C 349 -31.24 -22.87 15.01
C PHE C 349 -29.82 -22.27 14.98
N LEU C 350 -29.72 -21.00 15.35
CA LEU C 350 -28.42 -20.33 15.44
C LEU C 350 -27.44 -20.98 16.44
N ASP C 351 -27.93 -21.36 17.62
CA ASP C 351 -27.13 -22.12 18.58
C ASP C 351 -26.61 -23.34 17.90
N LEU C 352 -27.47 -24.12 17.30
CA LEU C 352 -27.02 -25.33 16.64
C LEU C 352 -26.00 -25.05 15.57
N PHE C 353 -26.30 -24.08 14.71
CA PHE C 353 -25.43 -23.81 13.58
C PHE C 353 -24.07 -23.20 14.04
N MET C 354 -24.08 -22.35 15.05
CA MET C 354 -22.84 -21.81 15.62
C MET C 354 -21.97 -22.92 16.26
N VAL C 355 -22.61 -23.81 16.99
CA VAL C 355 -21.90 -24.92 17.59
C VAL C 355 -21.27 -25.75 16.49
N TRP C 356 -22.03 -26.00 15.43
CA TRP C 356 -21.51 -26.76 14.30
C TRP C 356 -20.30 -26.08 13.65
N CYS C 357 -20.38 -24.76 13.53
CA CYS C 357 -19.31 -23.96 13.01
C CYS C 357 -18.05 -24.01 13.93
N ALA C 358 -18.25 -24.14 15.25
CA ALA C 358 -17.14 -24.36 16.19
C ALA C 358 -16.51 -25.72 16.09
N LEU C 359 -17.25 -26.70 15.56
CA LEU C 359 -16.81 -28.09 15.56
C LEU C 359 -16.12 -28.51 14.25
N ALA C 360 -16.55 -27.92 13.14
CA ALA C 360 -16.03 -28.31 11.83
C ALA C 360 -14.67 -27.70 11.56
N ASP C 361 -13.75 -28.48 10.98
CA ASP C 361 -12.47 -27.97 10.47
C ASP C 361 -12.67 -26.92 9.40
N ALA C 362 -12.04 -25.77 9.62
CA ALA C 362 -12.09 -24.69 8.67
C ALA C 362 -10.65 -24.29 8.34
N PRO C 363 -10.11 -24.81 7.21
CA PRO C 363 -8.79 -24.39 6.75
C PRO C 363 -8.74 -22.88 6.73
N GLU C 364 -7.54 -22.32 6.74
CA GLU C 364 -7.37 -20.88 6.60
C GLU C 364 -7.74 -20.44 5.19
N MET C 365 -8.21 -19.20 5.05
CA MET C 365 -8.66 -18.70 3.76
C MET C 365 -8.02 -17.36 3.40
N SER C 366 -7.42 -17.30 2.22
CA SER C 366 -6.84 -16.06 1.71
C SER C 366 -8.02 -15.20 1.36
N SER C 367 -7.82 -13.95 1.01
CA SER C 367 -9.02 -13.16 0.83
C SER C 367 -9.70 -13.41 -0.51
N SER C 368 -8.98 -14.04 -1.44
CA SER C 368 -9.61 -14.43 -2.69
C SER C 368 -10.46 -15.71 -2.48
N GLU C 369 -10.05 -16.59 -1.57
CA GLU C 369 -10.88 -17.70 -1.11
C GLU C 369 -12.15 -17.28 -0.37
N LEU C 370 -12.04 -16.23 0.45
CA LEU C 370 -13.20 -15.60 1.06
C LEU C 370 -14.20 -15.01 0.07
N ALA C 371 -13.70 -14.39 -0.98
CA ALA C 371 -14.55 -13.91 -2.08
C ALA C 371 -15.28 -15.09 -2.78
N CYS C 372 -14.59 -16.21 -2.91
CA CYS C 372 -15.20 -17.39 -3.49
C CYS C 372 -16.35 -17.95 -2.66
N THR C 373 -16.30 -17.81 -1.31
CA THR C 373 -17.39 -18.32 -0.49
C THR C 373 -18.68 -17.52 -0.72
N ARG C 374 -18.53 -16.31 -1.24
CA ARG C 374 -19.63 -15.41 -1.44
C ARG C 374 -20.47 -15.80 -2.67
N VAL C 375 -19.93 -16.67 -3.51
CA VAL C 375 -20.64 -17.08 -4.71
C VAL C 375 -21.94 -17.82 -4.32
N ASN C 376 -21.84 -18.76 -3.38
CA ASN C 376 -23.02 -19.44 -2.84
C ASN C 376 -23.97 -18.50 -2.14
N TRP C 377 -23.47 -17.52 -1.40
CA TRP C 377 -24.36 -16.56 -0.78
C TRP C 377 -25.18 -15.80 -1.79
N ASN C 378 -24.58 -15.37 -2.90
CA ASN C 378 -25.33 -14.57 -3.86
C ASN C 378 -26.38 -15.42 -4.62
N ARG C 379 -26.04 -16.68 -4.90
CA ARG C 379 -27.03 -17.61 -5.45
C ARG C 379 -28.25 -17.71 -4.53
N VAL C 380 -27.99 -17.88 -3.23
CA VAL C 380 -29.06 -17.99 -2.22
C VAL C 380 -29.83 -16.67 -2.04
N ILE C 381 -29.10 -15.57 -1.95
CA ILE C 381 -29.73 -14.27 -1.78
C ILE C 381 -30.71 -13.88 -2.89
N LEU C 382 -30.36 -14.20 -4.13
CA LEU C 382 -31.05 -13.67 -5.31
C LEU C 382 -32.00 -14.70 -5.86
N GLU C 383 -31.66 -15.97 -5.74
CA GLU C 383 -32.48 -17.01 -6.33
C GLU C 383 -32.45 -18.31 -5.52
N GLY C 384 -32.39 -18.18 -4.20
CA GLY C 384 -32.24 -19.32 -3.29
C GLY C 384 -33.33 -20.36 -3.36
N ARG C 385 -34.55 -19.92 -3.66
CA ARG C 385 -35.71 -20.83 -3.74
C ARG C 385 -35.96 -21.42 -5.14
N LYS C 386 -35.05 -21.19 -6.09
CA LYS C 386 -35.22 -21.69 -7.45
C LYS C 386 -35.08 -23.21 -7.47
N PRO C 387 -36.09 -23.89 -8.04
CA PRO C 387 -36.07 -25.34 -8.21
C PRO C 387 -34.86 -25.75 -9.05
N GLY C 388 -34.10 -26.73 -8.59
CA GLY C 388 -32.92 -27.15 -9.34
C GLY C 388 -31.65 -26.37 -8.99
N LEU C 389 -31.72 -25.33 -8.15
CA LEU C 389 -30.49 -24.56 -7.79
C LEU C 389 -29.35 -25.47 -7.28
N THR C 390 -28.17 -25.38 -7.87
CA THR C 390 -27.02 -26.11 -7.35
C THR C 390 -25.97 -25.11 -6.79
N LEU C 391 -25.16 -25.58 -5.86
CA LEU C 391 -24.17 -24.77 -5.18
C LEU C 391 -22.81 -25.41 -5.42
N GLY C 392 -21.73 -24.65 -5.25
CA GLY C 392 -20.41 -25.24 -5.45
C GLY C 392 -19.52 -25.07 -4.23
N ILE C 393 -18.36 -25.71 -4.24
CA ILE C 393 -17.36 -25.42 -3.24
C ILE C 393 -16.54 -24.22 -3.72
N GLY C 394 -16.64 -23.10 -3.00
CA GLY C 394 -16.05 -21.86 -3.45
C GLY C 394 -16.48 -21.46 -4.86
N CYS C 395 -15.50 -21.30 -5.74
CA CYS C 395 -15.73 -20.88 -7.11
C CYS C 395 -15.84 -22.08 -8.06
N GLU C 396 -15.66 -23.30 -7.56
CA GLU C 396 -15.72 -24.50 -8.38
C GLU C 396 -17.13 -24.68 -8.95
N THR C 397 -17.21 -25.37 -10.08
CA THR C 397 -18.49 -25.59 -10.78
C THR C 397 -19.62 -26.00 -9.85
N ALA C 398 -20.77 -25.32 -9.96
CA ALA C 398 -21.92 -25.67 -9.14
C ALA C 398 -22.37 -27.09 -9.50
N GLN C 399 -22.41 -27.97 -8.51
CA GLN C 399 -22.89 -29.32 -8.79
C GLN C 399 -23.65 -29.95 -7.64
N PHE C 400 -23.81 -29.24 -6.53
CA PHE C 400 -24.50 -29.80 -5.40
C PHE C 400 -25.88 -29.21 -5.24
N PRO C 401 -26.94 -30.02 -5.51
CA PRO C 401 -28.28 -29.52 -5.39
C PRO C 401 -28.47 -29.02 -3.96
N LEU C 402 -29.05 -27.84 -3.85
CA LEU C 402 -29.20 -27.19 -2.58
C LEU C 402 -29.93 -28.02 -1.52
N PRO C 403 -31.07 -28.66 -1.88
CA PRO C 403 -31.79 -29.45 -0.85
C PRO C 403 -30.95 -30.54 -0.19
N GLN C 404 -30.16 -31.28 -0.97
CA GLN C 404 -29.29 -32.30 -0.38
C GLN C 404 -28.17 -31.75 0.52
N VAL C 405 -27.72 -30.53 0.23
CA VAL C 405 -26.72 -29.89 1.05
C VAL C 405 -27.34 -29.54 2.39
N GLY C 406 -28.51 -28.92 2.36
CA GLY C 406 -29.24 -28.61 3.58
C GLY C 406 -29.50 -29.84 4.46
N LYS C 407 -29.92 -30.93 3.84
CA LYS C 407 -30.20 -32.16 4.55
C LYS C 407 -28.94 -32.79 5.15
N ASP C 408 -27.80 -32.67 4.46
CA ASP C 408 -26.53 -33.14 5.03
C ASP C 408 -26.14 -32.29 6.24
N LEU C 409 -26.27 -30.97 6.12
CA LEU C 409 -26.03 -30.10 7.24
C LEU C 409 -26.91 -30.52 8.41
N PHE C 410 -28.21 -30.64 8.17
CA PHE C 410 -29.17 -30.97 9.25
C PHE C 410 -29.03 -32.34 9.91
N ARG C 411 -28.47 -33.30 9.20
CA ARG C 411 -28.01 -34.51 9.86
C ARG C 411 -27.04 -34.24 11.00
N ASP C 412 -26.07 -33.35 10.77
CA ASP C 412 -25.12 -32.94 11.80
C ASP C 412 -25.79 -32.13 12.88
N LEU C 413 -26.55 -31.12 12.48
CA LEU C 413 -27.27 -30.28 13.44
C LEU C 413 -28.17 -31.09 14.34
N LYS C 414 -28.66 -32.21 13.82
CA LYS C 414 -29.54 -33.08 14.58
C LYS C 414 -28.78 -33.71 15.75
N ARG C 415 -27.60 -34.22 15.47
CA ARG C 415 -26.72 -34.73 16.53
C ARG C 415 -26.36 -33.66 17.57
N VAL C 416 -26.11 -32.43 17.13
CA VAL C 416 -25.89 -31.34 18.08
C VAL C 416 -27.14 -31.12 18.94
N ALA C 417 -28.31 -31.05 18.30
CA ALA C 417 -29.60 -30.87 19.01
C ALA C 417 -29.86 -31.91 20.12
N GLN C 418 -29.60 -33.18 19.83
CA GLN C 418 -29.71 -34.26 20.81
C GLN C 418 -28.87 -34.03 22.04
N THR C 419 -27.65 -33.53 21.83
CA THR C 419 -26.75 -33.26 22.92
C THR C 419 -27.28 -32.10 23.72
N LEU C 420 -27.69 -31.03 23.06
CA LEU C 420 -28.20 -29.86 23.77
C LEU C 420 -29.50 -30.18 24.53
N ASP C 421 -30.34 -31.03 23.93
CA ASP C 421 -31.59 -31.41 24.57
C ASP C 421 -31.34 -32.32 25.77
N SER C 422 -30.34 -33.21 25.68
CA SER C 422 -30.02 -34.10 26.78
C SER C 422 -29.51 -33.38 28.03
N ILE C 423 -28.94 -32.20 27.88
CA ILE C 423 -28.46 -31.48 29.06
C ILE C 423 -29.50 -30.51 29.57
N ASN C 424 -30.34 -30.00 28.68
CA ASN C 424 -31.32 -29.00 29.09
C ASN C 424 -32.60 -29.67 29.59
N GLY C 425 -32.84 -30.89 29.11
CA GLY C 425 -34.13 -31.60 29.28
C GLY C 425 -35.06 -31.17 28.14
N GLY C 426 -35.72 -32.13 27.49
CA GLY C 426 -36.72 -31.78 26.48
C GLY C 426 -36.34 -32.19 25.08
N GLU C 427 -37.04 -31.62 24.09
CA GLU C 427 -36.73 -31.89 22.69
C GLU C 427 -36.87 -30.65 21.84
N ALA C 428 -36.73 -29.48 22.47
CA ALA C 428 -36.92 -28.20 21.78
C ALA C 428 -35.97 -28.02 20.58
N TYR C 429 -34.71 -28.43 20.71
CA TYR C 429 -33.74 -28.28 19.62
C TYR C 429 -34.00 -29.25 18.51
N GLN C 430 -34.36 -30.47 18.88
CA GLN C 430 -34.66 -31.50 17.90
C GLN C 430 -35.93 -31.17 17.11
N LYS C 431 -36.86 -30.49 17.74
CA LYS C 431 -38.08 -30.09 17.07
C LYS C 431 -37.76 -29.07 16.00
N VAL C 432 -36.94 -28.08 16.38
CA VAL C 432 -36.45 -27.05 15.45
C VAL C 432 -35.81 -27.66 14.21
N CYS C 433 -34.96 -28.66 14.38
CA CYS C 433 -34.34 -29.34 13.24
C CYS C 433 -35.32 -29.98 12.28
N ASP C 434 -36.30 -30.73 12.84
CA ASP C 434 -37.36 -31.36 12.08
C ASP C 434 -38.23 -30.37 11.34
N GLU C 435 -38.57 -29.24 11.97
CA GLU C 435 -39.30 -28.17 11.28
C GLU C 435 -38.50 -27.59 10.11
N LEU C 436 -37.27 -27.15 10.36
CA LEU C 436 -36.47 -26.42 9.34
C LEU C 436 -35.92 -27.27 8.21
N VAL C 437 -35.57 -28.52 8.48
CA VAL C 437 -35.14 -29.40 7.38
C VAL C 437 -36.25 -29.60 6.32
N ALA C 438 -37.50 -29.36 6.71
CA ALA C 438 -38.64 -29.46 5.78
C ALA C 438 -38.57 -28.37 4.70
N CYS C 439 -37.96 -27.22 5.04
CA CYS C 439 -37.76 -26.10 4.10
C CYS C 439 -36.86 -26.42 2.94
N PHE C 440 -36.05 -27.45 3.06
CA PHE C 440 -35.20 -27.88 1.96
C PHE C 440 -35.95 -28.74 1.01
N ASP C 441 -36.95 -29.45 1.51
CA ASP C 441 -37.80 -30.24 0.62
C ASP C 441 -38.86 -29.39 -0.03
N ASN C 442 -39.27 -28.34 0.66
CA ASN C 442 -40.21 -27.40 0.09
C ASN C 442 -39.88 -25.97 0.49
N PRO C 443 -39.26 -25.25 -0.43
CA PRO C 443 -38.89 -23.87 -0.16
C PRO C 443 -40.07 -22.97 0.16
N ASP C 444 -41.29 -23.43 -0.10
CA ASP C 444 -42.48 -22.62 0.17
C ASP C 444 -42.74 -22.48 1.67
N LEU C 445 -42.02 -23.26 2.47
CA LEU C 445 -42.03 -23.12 3.93
C LEU C 445 -41.14 -22.00 4.52
N THR C 446 -40.28 -21.39 3.69
CA THR C 446 -39.24 -20.49 4.18
C THR C 446 -39.87 -19.14 4.35
N PHE C 447 -39.25 -18.25 5.12
CA PHE C 447 -39.85 -16.95 5.38
C PHE C 447 -40.13 -16.17 4.12
N SER C 448 -39.29 -16.32 3.11
CA SER C 448 -39.30 -15.40 1.96
C SER C 448 -40.37 -15.82 0.94
N ALA C 449 -40.57 -17.13 0.77
CA ALA C 449 -41.71 -17.66 -0.01
C ALA C 449 -42.99 -17.17 0.60
N ARG C 450 -43.10 -17.33 1.91
CA ARG C 450 -44.28 -16.88 2.65
C ARG C 450 -44.51 -15.39 2.58
N ILE C 451 -43.47 -14.60 2.75
CA ILE C 451 -43.68 -13.15 2.78
C ILE C 451 -43.86 -12.58 1.37
N LEU C 452 -43.30 -13.23 0.35
CA LEU C 452 -43.45 -12.72 -1.01
C LEU C 452 -44.90 -12.89 -1.48
N ARG C 453 -45.49 -14.03 -1.15
CA ARG C 453 -46.89 -14.32 -1.49
C ARG C 453 -47.72 -13.14 -1.01
N SER C 454 -47.45 -12.72 0.21
CA SER C 454 -48.18 -11.65 0.83
C SER C 454 -47.86 -10.24 0.26
N MET C 455 -46.64 -10.03 -0.24
CA MET C 455 -46.23 -8.72 -0.79
C MET C 455 -46.74 -8.55 -2.23
N ILE C 456 -46.72 -9.65 -2.98
CA ILE C 456 -47.40 -9.74 -4.26
C ILE C 456 -48.91 -9.53 -4.12
N ASP C 457 -49.50 -9.98 -3.02
CA ASP C 457 -50.94 -9.80 -2.79
C ASP C 457 -51.26 -8.32 -2.49
N THR C 458 -50.58 -7.73 -1.51
CA THR C 458 -50.97 -6.40 -1.01
C THR C 458 -49.82 -5.38 -0.97
N GLY C 459 -48.68 -5.73 -1.56
CA GLY C 459 -47.53 -4.82 -1.58
C GLY C 459 -46.73 -4.84 -0.30
N ILE C 460 -45.51 -4.31 -0.36
CA ILE C 460 -44.66 -4.18 0.80
C ILE C 460 -45.32 -3.29 1.83
N GLY C 461 -45.82 -2.15 1.34
CA GLY C 461 -46.51 -1.17 2.18
C GLY C 461 -47.72 -1.76 2.87
N GLY C 462 -48.63 -2.33 2.07
CA GLY C 462 -49.84 -2.96 2.58
C GLY C 462 -49.54 -4.02 3.63
N THR C 463 -48.70 -4.99 3.25
CA THR C 463 -48.25 -6.07 4.15
C THR C 463 -47.65 -5.53 5.46
N GLY C 464 -46.77 -4.56 5.36
CA GLY C 464 -46.12 -4.04 6.53
C GLY C 464 -47.05 -3.30 7.45
N LYS C 465 -47.98 -2.53 6.88
CA LYS C 465 -48.97 -1.80 7.68
C LYS C 465 -49.91 -2.74 8.46
N ALA C 466 -50.41 -3.78 7.78
CA ALA C 466 -51.25 -4.80 8.44
C ALA C 466 -50.58 -5.42 9.66
N PHE C 467 -49.38 -5.96 9.45
CA PHE C 467 -48.58 -6.55 10.52
C PHE C 467 -48.30 -5.53 11.62
N ALA C 468 -47.89 -4.33 11.22
CA ALA C 468 -47.62 -3.25 12.16
C ALA C 468 -48.83 -3.01 13.08
N GLU C 469 -50.03 -2.99 12.50
CA GLU C 469 -51.28 -2.72 13.24
C GLU C 469 -51.66 -3.86 14.20
N ALA C 470 -51.64 -5.09 13.68
CA ALA C 470 -51.89 -6.27 14.50
C ALA C 470 -50.97 -6.33 15.70
N TYR C 471 -49.67 -6.17 15.44
CA TYR C 471 -48.63 -6.29 16.46
C TYR C 471 -48.70 -5.18 17.50
N ARG C 472 -49.10 -3.98 17.07
CA ARG C 472 -49.31 -2.90 18.01
C ARG C 472 -50.49 -3.21 18.98
N ASN C 473 -51.64 -3.59 18.43
CA ASN C 473 -52.80 -3.91 19.25
C ASN C 473 -52.48 -5.08 20.17
N LEU C 474 -51.68 -6.02 19.67
CA LEU C 474 -51.29 -7.18 20.45
C LEU C 474 -50.37 -6.81 21.61
N LEU C 475 -49.34 -6.01 21.33
CA LEU C 475 -48.32 -5.71 22.32
C LEU C 475 -48.80 -4.66 23.33
N ARG C 476 -49.76 -3.84 22.91
CA ARG C 476 -50.32 -2.83 23.82
C ARG C 476 -51.19 -3.45 24.92
N GLU C 477 -51.72 -4.64 24.66
CA GLU C 477 -52.57 -5.35 25.62
C GLU C 477 -51.81 -6.37 26.47
N GLU C 478 -50.50 -6.51 26.27
CA GLU C 478 -49.80 -7.57 26.99
C GLU C 478 -49.12 -7.06 28.24
N PRO C 479 -49.43 -7.67 29.38
CA PRO C 479 -48.73 -7.25 30.58
C PRO C 479 -47.23 -7.51 30.45
N LEU C 480 -46.41 -6.63 31.04
CA LEU C 480 -44.99 -6.86 31.24
C LEU C 480 -44.75 -8.10 32.11
N GLU C 481 -43.60 -8.77 31.95
CA GLU C 481 -43.35 -10.03 32.64
C GLU C 481 -42.06 -10.06 33.45
N ILE C 482 -41.06 -9.31 33.01
CA ILE C 482 -39.81 -9.26 33.75
C ILE C 482 -39.59 -7.86 34.27
N LEU C 483 -39.71 -6.87 33.40
CA LEU C 483 -39.59 -5.49 33.83
C LEU C 483 -40.92 -4.93 34.30
N ARG C 484 -40.89 -4.13 35.35
CA ARG C 484 -42.05 -3.39 35.80
C ARG C 484 -41.99 -1.98 35.21
N GLU C 485 -43.15 -1.32 35.12
CA GLU C 485 -43.23 0.05 34.60
C GLU C 485 -42.36 1.01 35.40
N GLU C 486 -42.02 0.60 36.62
CA GLU C 486 -41.12 1.37 37.48
C GLU C 486 -39.65 1.18 37.07
N ASP C 487 -39.35 0.07 36.41
CA ASP C 487 -37.99 -0.19 35.91
C ASP C 487 -37.66 0.67 34.70
N PHE C 488 -38.68 0.90 33.87
CA PHE C 488 -38.53 1.74 32.69
C PHE C 488 -38.45 3.21 33.09
N VAL C 489 -39.20 3.58 34.12
CA VAL C 489 -39.21 4.95 34.61
C VAL C 489 -37.90 5.25 35.35
N ALA C 490 -37.42 4.30 36.15
CA ALA C 490 -36.14 4.42 36.85
C ALA C 490 -35.01 4.64 35.87
N GLU C 491 -35.07 3.94 34.73
CA GLU C 491 -34.03 3.99 33.70
C GLU C 491 -34.16 5.20 32.80
N ARG C 492 -35.39 5.67 32.56
CA ARG C 492 -35.61 6.95 31.87
C ARG C 492 -34.92 8.07 32.65
N GLU C 493 -35.01 8.02 33.97
CA GLU C 493 -34.37 8.98 34.84
C GLU C 493 -32.85 8.79 34.85
N ALA C 494 -32.40 7.57 35.14
CA ALA C 494 -30.96 7.30 35.23
C ALA C 494 -30.23 7.55 33.91
N SER C 495 -30.91 7.31 32.80
CA SER C 495 -30.32 7.49 31.47
C SER C 495 -30.21 8.96 31.11
N GLU C 496 -31.31 9.71 31.27
CA GLU C 496 -31.30 11.13 30.97
C GLU C 496 -30.30 11.87 31.87
N ARG C 497 -30.10 11.35 33.09
CA ARG C 497 -29.11 11.91 34.00
C ARG C 497 -27.69 11.69 33.53
N ARG C 498 -27.35 10.45 33.17
CA ARG C 498 -26.02 10.12 32.63
C ARG C 498 -25.62 10.98 31.43
N GLN C 499 -26.62 11.45 30.68
CA GLN C 499 -26.41 12.31 29.53
C GLN C 499 -26.04 13.74 29.94
N GLN C 500 -26.74 14.27 30.95
CA GLN C 500 -26.39 15.57 31.52
C GLN C 500 -25.02 15.48 32.22
N GLU C 501 -24.80 14.41 32.99
CA GLU C 501 -23.51 14.19 33.62
C GLU C 501 -22.38 14.33 32.59
N MET C 502 -22.64 13.87 31.36
CA MET C 502 -21.68 13.93 30.25
C MET C 502 -21.57 15.33 29.63
N GLU C 503 -22.72 15.96 29.40
CA GLU C 503 -22.79 17.25 28.70
C GLU C 503 -22.13 18.38 29.47
N ALA C 504 -22.10 18.25 30.79
CA ALA C 504 -21.43 19.23 31.65
C ALA C 504 -19.94 18.94 31.69
N ALA C 505 -19.59 17.66 31.86
CA ALA C 505 -18.20 17.24 32.04
C ALA C 505 -17.25 17.52 30.87
N ASP C 506 -17.75 18.23 29.85
CA ASP C 506 -16.98 18.42 28.62
C ASP C 506 -15.87 19.48 28.72
N THR C 507 -14.65 19.04 29.04
CA THR C 507 -13.47 19.91 29.10
C THR C 507 -13.32 20.80 27.85
N GLU C 508 -12.76 20.25 26.78
CA GLU C 508 -12.58 20.97 25.50
C GLU C 508 -13.87 21.01 24.67
N PRO C 509 -13.96 21.92 23.67
CA PRO C 509 -15.15 22.01 22.79
C PRO C 509 -15.08 21.01 21.62
N PHE C 510 -16.19 20.82 20.90
CA PHE C 510 -16.26 19.72 19.92
C PHE C 510 -15.12 19.71 18.89
N ALA C 511 -14.98 20.81 18.15
CA ALA C 511 -13.95 20.92 17.11
C ALA C 511 -12.54 20.48 17.56
N VAL C 512 -12.25 20.69 18.84
CA VAL C 512 -10.94 20.35 19.41
C VAL C 512 -10.86 18.88 19.82
N TRP C 513 -11.96 18.39 20.40
CA TRP C 513 -12.06 17.00 20.85
C TRP C 513 -12.01 16.09 19.63
N LEU C 514 -12.65 16.54 18.55
CA LEU C 514 -12.67 15.84 17.27
C LEU C 514 -11.24 15.62 16.75
N GLU C 515 -10.48 16.72 16.60
CA GLU C 515 -9.07 16.62 16.24
C GLU C 515 -8.37 15.49 17.00
N LYS C 516 -8.43 15.52 18.33
CA LYS C 516 -7.81 14.45 19.15
C LYS C 516 -8.65 13.17 19.14
N MET D 1 20.76 1.43 6.30
CA MET D 1 21.15 1.69 7.71
C MET D 1 21.46 0.37 8.41
N ILE D 2 20.54 -0.58 8.27
CA ILE D 2 20.76 -1.97 8.63
C ILE D 2 21.91 -2.52 7.78
N PRO D 3 22.97 -3.04 8.43
CA PRO D 3 24.07 -3.62 7.69
C PRO D 3 23.68 -4.93 6.97
N ASP D 4 24.51 -5.30 5.99
CA ASP D 4 24.37 -6.52 5.22
C ASP D 4 24.83 -7.70 6.06
N VAL D 5 23.94 -8.64 6.29
CA VAL D 5 24.25 -9.76 7.19
C VAL D 5 24.07 -11.08 6.40
N SER D 6 24.02 -10.92 5.08
CA SER D 6 23.90 -12.02 4.12
C SER D 6 24.79 -13.20 4.39
N GLN D 7 26.07 -12.92 4.60
CA GLN D 7 27.02 -13.99 4.76
C GLN D 7 26.82 -14.72 6.11
N ALA D 8 26.67 -13.96 7.20
CA ALA D 8 26.43 -14.57 8.50
C ALA D 8 25.13 -15.37 8.50
N LEU D 9 24.12 -14.89 7.79
CA LEU D 9 22.84 -15.59 7.72
C LEU D 9 22.89 -16.84 6.87
N ALA D 10 23.72 -16.83 5.83
CA ALA D 10 23.88 -18.01 4.97
C ALA D 10 24.59 -19.08 5.78
N TRP D 11 25.53 -18.63 6.62
CA TRP D 11 26.22 -19.53 7.55
C TRP D 11 25.23 -20.17 8.50
N LEU D 12 24.31 -19.38 9.04
CA LEU D 12 23.38 -19.88 10.03
C LEU D 12 22.39 -20.86 9.42
N GLU D 13 21.92 -20.56 8.21
CA GLU D 13 20.98 -21.45 7.53
C GLU D 13 21.60 -22.85 7.24
N LYS D 14 22.93 -22.91 7.07
CA LYS D 14 23.64 -24.18 6.92
C LYS D 14 24.08 -24.81 8.26
N HIS D 15 23.83 -24.13 9.38
CA HIS D 15 24.14 -24.67 10.71
C HIS D 15 23.02 -24.40 11.72
N PRO D 16 21.80 -24.91 11.45
CA PRO D 16 20.63 -24.55 12.26
C PRO D 16 20.76 -24.97 13.71
N GLN D 17 21.64 -25.94 13.96
CA GLN D 17 21.72 -26.59 15.25
C GLN D 17 22.65 -25.84 16.20
N ALA D 18 23.37 -24.88 15.63
CA ALA D 18 24.20 -23.97 16.40
C ALA D 18 23.36 -23.12 17.35
N LEU D 19 22.05 -23.06 17.11
CA LEU D 19 21.16 -22.26 17.94
C LEU D 19 20.37 -23.05 18.97
N LYS D 20 20.52 -24.38 19.00
CA LYS D 20 19.70 -25.20 19.89
C LYS D 20 20.21 -25.10 21.32
N GLY D 21 19.32 -24.79 22.26
CA GLY D 21 19.71 -24.60 23.67
C GLY D 21 19.87 -23.17 24.16
N ILE D 22 19.15 -22.23 23.55
CA ILE D 22 19.08 -20.86 24.05
C ILE D 22 18.52 -20.85 25.49
N GLN D 23 19.23 -20.16 26.39
CA GLN D 23 18.77 -20.02 27.78
C GLN D 23 18.23 -18.61 28.04
N ARG D 24 17.22 -18.49 28.90
CA ARG D 24 16.55 -17.23 29.18
C ARG D 24 16.14 -17.07 30.63
N GLY D 25 15.89 -15.84 31.04
CA GLY D 25 15.30 -15.55 32.33
C GLY D 25 14.62 -14.19 32.25
N LEU D 26 13.54 -14.02 33.00
CA LEU D 26 12.87 -12.75 33.09
C LEU D 26 12.91 -12.10 34.49
N GLU D 27 12.99 -10.77 34.55
CA GLU D 27 12.74 -10.06 35.80
C GLU D 27 11.65 -9.06 35.49
N ARG D 28 10.67 -8.93 36.36
CA ARG D 28 9.60 -7.96 36.15
C ARG D 28 9.33 -7.24 37.48
N GLU D 29 9.32 -5.90 37.45
CA GLU D 29 9.05 -5.09 38.64
C GLU D 29 7.63 -4.58 38.67
N THR D 30 7.03 -4.49 39.86
CA THR D 30 5.73 -3.89 39.96
C THR D 30 5.48 -3.24 41.32
N LEU D 31 4.92 -2.04 41.33
CA LEU D 31 4.54 -1.37 42.60
C LEU D 31 3.29 -1.98 43.23
N ARG D 32 3.32 -2.22 44.54
CA ARG D 32 2.13 -2.59 45.28
C ARG D 32 1.35 -1.32 45.51
N VAL D 33 0.09 -1.29 45.06
CA VAL D 33 -0.74 -0.11 45.26
C VAL D 33 -2.05 -0.51 45.91
N ASN D 34 -2.70 0.44 46.58
CA ASN D 34 -4.04 0.18 47.09
C ASN D 34 -5.07 0.30 45.98
N ALA D 35 -6.32 -0.05 46.29
CA ALA D 35 -7.39 0.01 45.28
C ALA D 35 -7.62 1.43 44.74
N ASP D 36 -7.36 2.44 45.56
CA ASP D 36 -7.43 3.81 45.05
C ASP D 36 -6.17 4.25 44.26
N GLY D 37 -5.26 3.31 43.99
CA GLY D 37 -4.08 3.63 43.21
C GLY D 37 -2.89 4.19 43.96
N THR D 38 -3.04 4.55 45.24
CA THR D 38 -1.91 5.02 46.03
C THR D 38 -0.93 3.91 46.41
N LEU D 39 0.31 4.29 46.62
CA LEU D 39 1.38 3.36 46.91
C LEU D 39 1.14 2.68 48.27
N ALA D 40 1.17 1.35 48.30
CA ALA D 40 1.03 0.66 49.58
C ALA D 40 2.19 1.07 50.49
N THR D 41 1.90 1.22 51.80
CA THR D 41 2.93 1.63 52.77
C THR D 41 3.22 0.53 53.78
N THR D 42 2.60 -0.62 53.57
CA THR D 42 2.88 -1.83 54.31
C THR D 42 4.25 -2.41 53.89
N GLY D 43 4.77 -3.34 54.70
CA GLY D 43 6.02 -4.00 54.33
C GLY D 43 5.81 -5.11 53.30
N HIS D 44 6.92 -5.61 52.78
CA HIS D 44 6.93 -6.73 51.87
C HIS D 44 6.02 -7.80 52.44
N PRO D 45 5.00 -8.22 51.66
CA PRO D 45 4.00 -9.19 52.14
C PRO D 45 4.64 -10.44 52.78
N GLU D 46 4.16 -10.76 53.96
CA GLU D 46 4.60 -11.88 54.78
C GLU D 46 4.74 -13.20 54.07
N ALA D 47 3.74 -13.56 53.27
CA ALA D 47 3.76 -14.84 52.58
C ALA D 47 4.99 -14.97 51.67
N LEU D 48 5.61 -13.84 51.31
CA LEU D 48 6.77 -13.88 50.42
C LEU D 48 8.11 -14.06 51.14
N GLY D 49 8.11 -14.03 52.46
CA GLY D 49 9.33 -14.33 53.20
C GLY D 49 10.35 -13.19 53.12
N SER D 50 11.61 -13.56 52.91
CA SER D 50 12.69 -12.58 52.93
C SER D 50 13.09 -12.07 51.53
N ALA D 51 12.77 -10.82 51.22
CA ALA D 51 13.22 -10.20 49.95
C ALA D 51 14.74 -10.32 49.75
N LEU D 52 15.47 -10.26 50.85
CA LEU D 52 16.92 -10.33 50.74
C LEU D 52 17.41 -11.64 50.11
N THR D 53 16.76 -12.75 50.46
CA THR D 53 17.34 -14.07 50.15
C THR D 53 16.42 -14.91 49.27
N HIS D 54 15.16 -14.53 49.14
CA HIS D 54 14.22 -15.35 48.36
C HIS D 54 14.73 -15.61 46.94
N LYS D 55 14.51 -16.82 46.47
CA LYS D 55 14.95 -17.24 45.15
C LYS D 55 14.22 -16.58 43.96
N TRP D 56 12.94 -16.23 44.12
CA TRP D 56 12.11 -15.89 42.98
C TRP D 56 11.46 -14.53 43.13
N ILE D 57 11.27 -14.08 44.37
CA ILE D 57 10.51 -12.85 44.62
C ILE D 57 11.30 -11.95 45.60
N THR D 58 11.45 -10.69 45.24
CA THR D 58 12.30 -9.78 45.97
C THR D 58 11.72 -8.38 45.85
N THR D 59 12.54 -7.38 46.18
CA THR D 59 12.13 -6.00 45.99
C THR D 59 13.20 -5.35 45.14
N ASP D 60 12.85 -4.27 44.45
CA ASP D 60 13.87 -3.46 43.78
C ASP D 60 14.29 -2.28 44.69
N PHE D 61 14.07 -1.03 44.27
CA PHE D 61 14.50 0.13 45.05
C PHE D 61 13.68 0.40 46.31
N ALA D 62 12.36 0.31 46.17
CA ALA D 62 11.42 0.62 47.23
C ALA D 62 10.84 -0.64 47.87
N GLU D 63 10.37 -0.53 49.12
CA GLU D 63 9.81 -1.65 49.86
C GLU D 63 8.53 -2.12 49.18
N ALA D 64 7.86 -1.19 48.48
CA ALA D 64 6.64 -1.53 47.73
C ALA D 64 6.88 -1.88 46.24
N LEU D 65 8.15 -1.89 45.82
CA LEU D 65 8.48 -2.28 44.47
C LEU D 65 8.90 -3.75 44.43
N LEU D 66 7.90 -4.60 44.22
CA LEU D 66 8.09 -6.05 44.02
C LEU D 66 8.90 -6.34 42.79
N GLU D 67 9.69 -7.41 42.89
CA GLU D 67 10.36 -7.89 41.70
C GLU D 67 10.32 -9.42 41.61
N PHE D 68 9.98 -9.92 40.42
CA PHE D 68 9.84 -11.36 40.17
C PHE D 68 10.90 -11.80 39.22
N ILE D 69 11.51 -12.96 39.50
CA ILE D 69 12.67 -13.41 38.76
C ILE D 69 12.58 -14.89 38.48
N THR D 70 12.68 -15.27 37.20
CA THR D 70 12.58 -16.68 36.87
C THR D 70 13.96 -17.33 36.86
N PRO D 71 14.04 -18.57 37.34
CA PRO D 71 15.30 -19.32 37.27
C PRO D 71 15.67 -19.54 35.80
N VAL D 72 16.94 -19.56 35.44
CA VAL D 72 17.31 -19.68 34.03
C VAL D 72 16.67 -20.94 33.44
N ASP D 73 16.23 -20.84 32.19
CA ASP D 73 15.35 -21.83 31.58
C ASP D 73 15.57 -21.90 30.05
N GLY D 74 15.38 -23.10 29.47
CA GLY D 74 15.49 -23.31 28.04
C GLY D 74 14.15 -23.24 27.32
N ASP D 75 13.05 -23.21 28.05
CA ASP D 75 11.74 -23.34 27.43
C ASP D 75 10.87 -22.13 27.71
N ILE D 76 10.37 -21.50 26.64
CA ILE D 76 9.70 -20.21 26.76
C ILE D 76 8.39 -20.32 27.53
N GLU D 77 7.54 -21.26 27.14
CA GLU D 77 6.25 -21.50 27.81
C GLU D 77 6.45 -21.77 29.32
N HIS D 78 7.46 -22.56 29.64
CA HIS D 78 7.71 -22.94 31.02
C HIS D 78 8.15 -21.70 31.87
N MET D 79 9.01 -20.85 31.29
CA MET D 79 9.45 -19.63 31.95
C MET D 79 8.30 -18.68 32.20
N LEU D 80 7.40 -18.56 31.23
CA LEU D 80 6.27 -17.65 31.39
C LEU D 80 5.23 -18.18 32.37
N THR D 81 5.05 -19.49 32.41
CA THR D 81 4.17 -20.12 33.43
C THR D 81 4.73 -19.92 34.86
N PHE D 82 6.00 -20.21 35.03
CA PHE D 82 6.70 -19.90 36.27
C PHE D 82 6.48 -18.44 36.72
N MET D 83 6.76 -17.49 35.82
CA MET D 83 6.50 -16.08 36.09
C MET D 83 5.06 -15.88 36.52
N ARG D 84 4.15 -16.54 35.81
CA ARG D 84 2.71 -16.38 36.11
C ARG D 84 2.34 -16.96 37.49
N ASP D 85 2.97 -18.08 37.90
CA ASP D 85 2.73 -18.62 39.25
C ASP D 85 3.14 -17.60 40.32
N LEU D 86 4.29 -16.97 40.12
CA LEU D 86 4.75 -15.97 41.07
C LEU D 86 3.69 -14.88 41.23
N HIS D 87 3.07 -14.48 40.13
CA HIS D 87 2.07 -13.40 40.17
C HIS D 87 0.78 -13.88 40.80
N ARG D 88 0.37 -15.11 40.45
CA ARG D 88 -0.84 -15.75 41.03
C ARG D 88 -0.71 -15.77 42.53
N TYR D 89 0.36 -16.40 43.00
CA TYR D 89 0.55 -16.56 44.42
C TYR D 89 0.54 -15.21 45.14
N THR D 90 1.24 -14.24 44.58
CA THR D 90 1.41 -12.95 45.21
C THR D 90 0.10 -12.22 45.19
N ALA D 91 -0.63 -12.29 44.08
CA ALA D 91 -1.86 -11.50 43.98
C ALA D 91 -2.88 -11.91 45.07
N ARG D 92 -2.79 -13.14 45.57
CA ARG D 92 -3.75 -13.62 46.56
C ARG D 92 -3.18 -13.59 47.98
N ASN D 93 -2.05 -12.92 48.15
CA ASN D 93 -1.33 -12.92 49.42
C ASN D 93 -0.82 -11.55 49.82
N MET D 94 -1.59 -10.52 49.47
CA MET D 94 -1.23 -9.12 49.67
C MET D 94 -2.44 -8.27 50.06
N GLY D 95 -3.42 -8.91 50.69
CA GLY D 95 -4.57 -8.19 51.19
C GLY D 95 -5.32 -7.64 50.01
N ASP D 96 -5.78 -6.39 50.11
CA ASP D 96 -6.55 -5.73 49.07
C ASP D 96 -5.64 -4.91 48.15
N GLU D 97 -4.33 -5.12 48.29
CA GLU D 97 -3.35 -4.44 47.44
C GLU D 97 -3.33 -5.13 46.10
N ARG D 98 -2.94 -4.40 45.06
CA ARG D 98 -2.78 -5.02 43.74
C ARG D 98 -1.48 -4.54 43.09
N MET D 99 -1.14 -5.12 41.94
CA MET D 99 0.07 -4.75 41.23
C MET D 99 -0.17 -3.66 40.18
N TRP D 100 0.58 -2.56 40.26
CA TRP D 100 0.49 -1.53 39.22
C TRP D 100 0.96 -2.11 37.89
N PRO D 101 0.11 -2.01 36.86
CA PRO D 101 0.36 -2.65 35.57
C PRO D 101 1.14 -1.84 34.54
N LEU D 102 1.60 -0.65 34.91
CA LEU D 102 2.29 0.26 33.98
C LEU D 102 3.68 0.58 34.49
N SER D 103 4.57 1.01 33.59
CA SER D 103 5.93 1.41 33.96
C SER D 103 5.96 2.68 34.82
N MET D 104 5.17 3.67 34.45
CA MET D 104 5.17 4.92 35.18
C MET D 104 4.09 4.86 36.23
N PRO D 105 4.43 5.29 37.45
CA PRO D 105 3.49 5.35 38.55
C PRO D 105 2.69 6.66 38.45
N SER D 106 1.44 6.66 38.90
CA SER D 106 0.77 7.92 39.17
C SER D 106 0.48 8.04 40.66
N TYR D 107 -0.22 9.09 41.09
CA TYR D 107 -0.57 9.23 42.51
C TYR D 107 0.63 9.11 43.40
N ILE D 108 1.80 9.55 42.93
CA ILE D 108 2.97 9.64 43.79
C ILE D 108 3.53 11.03 43.62
N ALA D 109 3.43 11.85 44.67
CA ALA D 109 4.00 13.21 44.69
C ALA D 109 5.54 13.21 44.54
N GLU D 110 6.09 14.23 43.87
CA GLU D 110 7.54 14.44 43.90
C GLU D 110 7.93 14.90 45.33
N GLY D 111 9.00 14.30 45.86
CA GLY D 111 9.33 14.48 47.28
C GLY D 111 8.25 13.84 48.17
N GLN D 112 7.72 12.69 47.72
CA GLN D 112 6.85 11.86 48.58
C GLN D 112 7.81 11.02 49.35
N ASP D 113 7.45 10.66 50.57
CA ASP D 113 8.41 9.93 51.35
C ASP D 113 8.22 8.44 51.12
N ILE D 114 9.00 7.91 50.19
CA ILE D 114 8.84 6.54 49.70
C ILE D 114 9.73 5.61 50.49
N GLU D 115 9.16 4.66 51.20
CA GLU D 115 10.02 3.74 51.96
C GLU D 115 11.02 2.95 51.10
N LEU D 116 12.32 2.99 51.45
CA LEU D 116 13.34 2.21 50.73
C LEU D 116 13.17 0.75 51.06
N ALA D 117 13.65 -0.13 50.19
CA ALA D 117 13.58 -1.56 50.45
C ALA D 117 14.37 -1.88 51.70
N GLN D 118 13.76 -2.70 52.56
CA GLN D 118 14.23 -3.04 53.91
C GLN D 118 14.70 -4.48 53.87
N TYR D 119 15.98 -4.70 54.18
CA TYR D 119 16.59 -6.01 54.10
C TYR D 119 17.13 -6.57 55.42
N GLY D 120 16.66 -6.04 56.55
CA GLY D 120 17.12 -6.55 57.81
C GLY D 120 18.42 -5.93 58.31
N THR D 121 19.05 -6.60 59.27
CA THR D 121 20.12 -6.02 60.03
C THR D 121 21.50 -6.56 59.65
N SER D 122 21.56 -7.49 58.69
CA SER D 122 22.87 -8.06 58.30
C SER D 122 23.72 -7.05 57.53
N ASN D 123 25.01 -7.30 57.42
CA ASN D 123 25.86 -6.43 56.62
C ASN D 123 25.37 -6.24 55.18
N THR D 124 25.04 -7.38 54.55
CA THR D 124 24.50 -7.44 53.20
C THR D 124 23.18 -6.68 53.06
N GLY D 125 22.27 -6.90 53.99
CA GLY D 125 21.01 -6.23 53.96
C GLY D 125 21.19 -4.75 54.16
N ARG D 126 22.04 -4.38 55.12
CA ARG D 126 22.30 -2.94 55.37
C ARG D 126 22.96 -2.22 54.18
N PHE D 127 23.90 -2.91 53.54
CA PHE D 127 24.57 -2.47 52.32
C PHE D 127 23.59 -2.20 51.14
N LYS D 128 22.63 -3.11 50.95
CA LYS D 128 21.66 -2.97 49.92
C LYS D 128 20.73 -1.80 50.16
N THR D 129 20.26 -1.62 51.39
CA THR D 129 19.42 -0.45 51.70
C THR D 129 20.21 0.87 51.57
N LEU D 130 21.52 0.82 51.84
CA LEU D 130 22.38 2.00 51.84
C LEU D 130 22.60 2.49 50.41
N TYR D 131 22.87 1.53 49.53
CA TYR D 131 23.01 1.76 48.12
C TYR D 131 21.74 2.46 47.66
N ARG D 132 20.57 2.00 48.10
CA ARG D 132 19.30 2.65 47.73
C ARG D 132 19.13 4.04 48.34
N GLU D 133 19.55 4.24 49.57
CA GLU D 133 19.73 5.57 50.14
C GLU D 133 20.67 6.43 49.25
N GLY D 134 21.83 5.93 48.89
CA GLY D 134 22.69 6.63 47.92
C GLY D 134 21.93 7.10 46.67
N LEU D 135 21.26 6.15 46.01
CA LEU D 135 20.43 6.44 44.87
C LEU D 135 19.37 7.48 45.15
N LYS D 136 18.67 7.36 46.26
CA LYS D 136 17.63 8.34 46.53
C LYS D 136 18.20 9.75 46.62
N ASN D 137 19.35 9.88 47.30
CA ASN D 137 19.99 11.19 47.51
C ASN D 137 20.66 11.68 46.24
N ARG D 138 21.11 10.78 45.37
CA ARG D 138 21.72 11.19 44.10
C ARG D 138 20.69 11.55 43.02
N TYR D 139 19.64 10.73 42.86
CA TYR D 139 18.71 10.89 41.75
C TYR D 139 17.26 11.13 42.17
N GLY D 140 16.96 11.03 43.45
CA GLY D 140 15.58 11.20 43.92
C GLY D 140 14.83 9.87 43.87
N ALA D 141 13.96 9.65 44.84
CA ALA D 141 13.26 8.39 44.99
C ALA D 141 12.26 8.14 43.89
N LEU D 142 11.57 9.18 43.49
CA LEU D 142 10.43 9.10 42.58
C LEU D 142 10.78 8.38 41.25
N MET D 143 11.90 8.76 40.67
CA MET D 143 12.31 8.20 39.42
C MET D 143 12.57 6.69 39.59
N GLN D 144 12.97 6.31 40.80
CA GLN D 144 13.34 4.93 41.07
C GLN D 144 12.10 4.03 41.21
N THR D 145 10.91 4.62 41.12
CA THR D 145 9.70 3.82 41.27
C THR D 145 9.11 3.45 39.91
N ILE D 146 9.84 3.86 38.87
CA ILE D 146 9.55 3.43 37.53
C ILE D 146 9.95 1.94 37.41
N SER D 147 9.08 1.13 36.80
CA SER D 147 9.34 -0.30 36.70
C SER D 147 9.53 -0.75 35.24
N GLY D 148 10.24 -1.85 35.09
CA GLY D 148 10.48 -2.40 33.76
C GLY D 148 10.63 -3.91 33.84
N VAL D 149 10.95 -4.48 32.68
CA VAL D 149 11.17 -5.90 32.57
C VAL D 149 12.59 -6.08 32.02
N HIS D 150 13.37 -6.99 32.61
CA HIS D 150 14.65 -7.35 32.01
C HIS D 150 14.59 -8.76 31.41
N TYR D 151 15.21 -8.91 30.26
CA TYR D 151 15.27 -10.16 29.56
C TYR D 151 16.71 -10.64 29.51
N ASN D 152 16.96 -11.82 30.08
CA ASN D 152 18.32 -12.34 30.18
C ASN D 152 18.48 -13.43 29.17
N PHE D 153 19.60 -13.47 28.46
CA PHE D 153 19.66 -14.30 27.27
C PHE D 153 21.06 -14.81 27.03
N SER D 154 21.19 -16.11 26.76
CA SER D 154 22.45 -16.66 26.28
C SER D 154 22.29 -17.64 25.13
N LEU D 155 23.20 -17.55 24.17
CA LEU D 155 23.32 -18.56 23.15
C LEU D 155 23.96 -19.83 23.72
N PRO D 156 23.65 -21.01 23.15
CA PRO D 156 24.33 -22.23 23.64
C PRO D 156 25.81 -22.16 23.31
N MET D 157 26.62 -22.96 24.02
CA MET D 157 28.03 -23.11 23.64
C MET D 157 28.14 -23.68 22.22
N ALA D 158 27.19 -24.56 21.87
CA ALA D 158 26.97 -25.08 20.51
C ALA D 158 27.09 -24.06 19.36
N PHE D 159 26.84 -22.78 19.68
CA PHE D 159 26.85 -21.67 18.71
C PHE D 159 28.24 -21.11 18.49
N TRP D 160 29.00 -20.99 19.57
CA TRP D 160 30.39 -20.55 19.48
C TRP D 160 31.27 -21.67 18.91
N GLN D 161 30.91 -22.92 19.25
CA GLN D 161 31.65 -24.11 18.79
C GLN D 161 31.45 -24.38 17.29
N ALA D 162 30.59 -23.58 16.65
CA ALA D 162 30.37 -23.72 15.22
C ALA D 162 31.02 -22.59 14.43
N LYS D 163 31.36 -21.49 15.09
CA LYS D 163 31.96 -20.37 14.36
C LYS D 163 33.38 -20.00 14.80
N ALA D 172 38.72 -19.33 23.79
CA ALA D 172 37.43 -20.02 23.88
C ALA D 172 36.43 -19.11 24.57
N LYS D 173 36.66 -18.91 25.86
CA LYS D 173 35.91 -17.96 26.65
C LYS D 173 36.15 -16.53 26.17
N GLU D 174 37.31 -16.28 25.55
CA GLU D 174 37.65 -14.94 25.07
C GLU D 174 36.84 -14.59 23.82
N LYS D 175 36.44 -15.63 23.09
CA LYS D 175 35.74 -15.50 21.82
C LYS D 175 34.24 -15.37 22.12
N ILE D 176 33.79 -15.99 23.22
CA ILE D 176 32.41 -15.83 23.70
C ILE D 176 32.18 -14.41 24.21
N SER D 177 33.13 -13.90 24.98
CA SER D 177 33.14 -12.51 25.38
C SER D 177 33.12 -11.52 24.21
N ALA D 178 34.01 -11.70 23.24
CA ALA D 178 34.04 -10.84 22.06
C ALA D 178 32.69 -10.86 21.32
N GLY D 179 32.04 -12.02 21.33
CA GLY D 179 30.77 -12.24 20.67
C GLY D 179 29.63 -11.50 21.33
N TYR D 180 29.59 -11.50 22.68
CA TYR D 180 28.62 -10.71 23.43
C TYR D 180 28.88 -9.22 23.38
N PHE D 181 30.14 -8.82 23.22
CA PHE D 181 30.44 -7.40 23.05
C PHE D 181 29.95 -6.91 21.70
N ARG D 182 29.97 -7.81 20.73
CA ARG D 182 29.41 -7.53 19.43
C ARG D 182 27.89 -7.36 19.52
N VAL D 183 27.23 -8.25 20.25
CA VAL D 183 25.81 -8.14 20.57
C VAL D 183 25.50 -6.78 21.22
N ILE D 184 26.29 -6.39 22.20
CA ILE D 184 26.06 -5.11 22.88
C ILE D 184 26.21 -3.92 21.92
N ARG D 185 27.25 -3.93 21.11
CA ARG D 185 27.45 -2.83 20.15
C ARG D 185 26.26 -2.67 19.18
N ASN D 186 25.76 -3.79 18.66
CA ASN D 186 24.61 -3.77 17.75
C ASN D 186 23.34 -3.41 18.45
N TYR D 187 23.25 -3.79 19.72
CA TYR D 187 22.12 -3.41 20.54
C TYR D 187 22.03 -1.89 20.79
N TYR D 188 23.17 -1.23 21.01
CA TYR D 188 23.23 0.23 21.09
C TYR D 188 22.81 0.86 19.77
N ARG D 189 23.27 0.26 18.68
CA ARG D 189 22.94 0.79 17.34
C ARG D 189 21.46 0.64 17.00
N PHE D 190 20.85 -0.53 17.29
CA PHE D 190 19.56 -0.85 16.68
C PHE D 190 18.46 -1.19 17.64
N GLY D 191 18.76 -1.07 18.92
CA GLY D 191 17.86 -1.56 19.96
C GLY D 191 16.63 -0.71 20.18
N TRP D 192 16.62 0.49 19.58
CA TRP D 192 15.45 1.39 19.64
C TRP D 192 14.19 0.71 19.02
N VAL D 193 14.36 -0.38 18.29
CA VAL D 193 13.24 -1.13 17.73
C VAL D 193 12.37 -1.67 18.87
N ILE D 194 12.96 -1.85 20.03
CA ILE D 194 12.24 -2.35 21.19
C ILE D 194 11.23 -1.33 21.76
N PRO D 195 11.69 -0.12 22.18
CA PRO D 195 10.65 0.85 22.59
C PRO D 195 9.62 1.16 21.49
N TYR D 196 10.04 1.12 20.23
CA TYR D 196 9.13 1.37 19.15
C TYR D 196 8.00 0.35 19.20
N LEU D 197 8.32 -0.94 19.19
CA LEU D 197 7.29 -1.96 19.16
C LEU D 197 6.61 -2.09 20.51
N PHE D 198 7.38 -2.02 21.60
CA PHE D 198 6.83 -2.39 22.90
C PHE D 198 6.85 -1.29 23.98
N GLY D 199 7.30 -0.09 23.64
CA GLY D 199 7.32 0.98 24.63
C GLY D 199 5.88 1.21 25.07
N ALA D 200 5.66 1.51 26.34
CA ALA D 200 4.30 1.67 26.82
C ALA D 200 4.25 2.68 27.94
N SER D 201 4.95 3.78 27.75
CA SER D 201 4.90 4.92 28.67
C SER D 201 4.90 6.27 27.91
N PRO D 202 3.88 6.50 27.05
CA PRO D 202 3.80 7.72 26.24
C PRO D 202 3.30 8.93 27.03
N ALA D 203 2.85 8.69 28.25
CA ALA D 203 2.25 9.70 29.10
C ALA D 203 2.94 9.65 30.47
N ILE D 204 2.80 10.72 31.24
CA ILE D 204 3.59 10.84 32.46
C ILE D 204 2.80 11.69 33.43
N SER D 205 2.82 11.32 34.71
CA SER D 205 2.15 12.10 35.77
C SER D 205 2.86 13.45 35.92
N SER D 206 2.14 14.48 36.34
CA SER D 206 2.78 15.81 36.57
C SER D 206 3.95 15.73 37.55
N SER D 207 3.82 14.82 38.51
CA SER D 207 4.83 14.57 39.54
C SER D 207 6.25 14.54 39.01
N PHE D 208 6.43 13.99 37.81
CA PHE D 208 7.75 13.87 37.19
C PHE D 208 8.26 15.14 36.47
N LEU D 209 7.56 16.26 36.63
CA LEU D 209 8.01 17.52 36.01
C LEU D 209 7.90 18.71 36.97
N THR D 214 11.38 21.53 31.29
CA THR D 214 11.58 20.77 30.06
C THR D 214 11.14 21.56 28.85
N SER D 215 11.82 21.33 27.73
CA SER D 215 11.48 22.00 26.48
C SER D 215 10.62 21.11 25.55
N LEU D 216 10.23 19.94 26.06
CA LEU D 216 9.41 18.99 25.29
C LEU D 216 7.99 19.48 25.10
N PRO D 217 7.48 19.39 23.88
CA PRO D 217 6.15 19.89 23.53
C PRO D 217 4.99 19.08 24.10
N PHE D 218 4.94 18.97 25.42
CA PHE D 218 3.93 18.18 26.12
C PHE D 218 2.49 18.66 25.89
N GLU D 219 1.56 17.71 25.72
CA GLU D 219 0.15 18.03 25.82
C GLU D 219 -0.28 17.77 27.25
N LYS D 220 -1.19 18.59 27.76
CA LYS D 220 -1.79 18.35 29.06
C LYS D 220 -3.25 18.01 28.76
N THR D 221 -3.79 16.99 29.42
CA THR D 221 -5.23 16.72 29.32
C THR D 221 -5.96 17.50 30.41
N GLU D 222 -7.23 17.82 30.18
CA GLU D 222 -8.07 18.40 31.24
C GLU D 222 -7.84 17.61 32.54
N SER D 223 -7.97 16.29 32.49
CA SER D 223 -7.68 15.46 33.66
C SER D 223 -6.37 15.89 34.35
N GLY D 224 -5.42 16.39 33.56
CA GLY D 224 -4.15 16.88 34.12
C GLY D 224 -2.91 16.05 33.78
N MET D 225 -3.07 15.10 32.86
CA MET D 225 -1.99 14.17 32.44
C MET D 225 -1.15 14.74 31.30
N TYR D 226 0.17 14.60 31.42
CA TYR D 226 1.11 15.04 30.37
C TYR D 226 1.43 13.90 29.44
N TYR D 227 1.59 14.21 28.15
CA TYR D 227 1.93 13.18 27.18
C TYR D 227 2.51 13.80 25.93
N LEU D 228 3.32 13.01 25.24
CA LEU D 228 3.75 13.38 23.91
C LEU D 228 2.96 12.54 22.92
N PRO D 229 2.40 13.16 21.88
CA PRO D 229 1.43 12.50 21.00
C PRO D 229 2.00 11.25 20.31
N TYR D 230 3.31 11.26 20.04
CA TYR D 230 3.96 10.20 19.30
C TYR D 230 4.98 9.39 20.09
N ALA D 231 5.03 9.61 21.39
CA ALA D 231 6.05 9.01 22.21
C ALA D 231 5.76 7.54 22.38
N THR D 232 6.84 6.80 22.63
CA THR D 232 6.77 5.38 22.89
C THR D 232 7.12 5.08 24.35
N SER D 233 8.30 5.50 24.78
CA SER D 233 8.78 5.11 26.11
C SER D 233 9.45 6.24 26.86
N LEU D 234 8.66 7.04 27.56
CA LEU D 234 9.19 8.11 28.39
C LEU D 234 9.96 7.58 29.60
N ARG D 235 9.71 6.34 30.00
CA ARG D 235 10.58 5.66 30.99
C ARG D 235 12.07 5.71 30.60
N LEU D 236 12.34 5.62 29.32
CA LEU D 236 13.68 5.61 28.83
C LEU D 236 14.17 7.02 28.49
N SER D 237 13.33 8.02 28.68
CA SER D 237 13.72 9.39 28.30
C SER D 237 14.50 10.03 29.44
N ASP D 238 15.04 11.22 29.22
CA ASP D 238 15.76 11.93 30.29
C ASP D 238 14.90 12.27 31.49
N LEU D 239 13.58 12.26 31.34
CA LEU D 239 12.67 12.39 32.49
C LEU D 239 12.38 11.06 33.20
N GLY D 240 12.85 9.96 32.62
CA GLY D 240 12.52 8.65 33.15
C GLY D 240 13.69 8.01 33.86
N TYR D 241 13.76 6.69 33.77
CA TYR D 241 14.85 5.93 34.36
C TYR D 241 16.16 6.06 33.56
N THR D 242 16.84 7.20 33.73
CA THR D 242 18.05 7.49 32.92
C THR D 242 19.13 8.29 33.64
N ASN D 243 20.34 8.25 33.05
CA ASN D 243 21.58 8.93 33.55
C ASN D 243 21.61 9.39 35.02
N GLN D 246 26.60 10.66 32.78
CA GLN D 246 27.33 9.39 32.96
C GLN D 246 28.03 8.92 31.67
N SER D 247 27.66 9.52 30.55
CA SER D 247 28.31 9.22 29.26
C SER D 247 29.81 9.63 29.27
N ASN D 248 30.13 10.62 30.10
CA ASN D 248 31.50 11.08 30.16
C ASN D 248 32.41 10.24 31.05
N LEU D 249 32.02 8.98 31.27
CA LEU D 249 32.84 8.00 31.98
C LEU D 249 33.68 7.25 30.97
N GLY D 250 33.28 7.35 29.71
CA GLY D 250 34.10 6.81 28.64
C GLY D 250 34.14 5.30 28.61
N ILE D 251 33.03 4.67 29.01
CA ILE D 251 32.95 3.22 29.00
C ILE D 251 32.66 2.75 27.59
N THR D 252 33.35 1.69 27.17
CA THR D 252 33.26 1.18 25.82
C THR D 252 33.09 -0.34 25.87
N PHE D 253 32.67 -0.94 24.76
CA PHE D 253 32.35 -2.35 24.72
C PHE D 253 33.03 -3.00 23.55
N ASN D 254 34.33 -2.75 23.41
CA ASN D 254 35.09 -3.36 22.33
C ASN D 254 35.86 -4.55 22.86
N ASP D 255 36.28 -4.43 24.13
CA ASP D 255 37.20 -5.38 24.69
C ASP D 255 36.86 -5.58 26.17
N LEU D 256 36.84 -6.84 26.61
CA LEU D 256 36.47 -7.17 27.98
C LEU D 256 37.29 -6.46 29.06
N TYR D 257 38.61 -6.38 28.86
CA TYR D 257 39.51 -5.82 29.88
C TYR D 257 39.49 -4.30 29.81
N GLU D 258 39.42 -3.78 28.60
CA GLU D 258 39.15 -2.36 28.42
C GLU D 258 37.80 -1.96 29.07
N TYR D 259 36.78 -2.82 28.99
CA TYR D 259 35.47 -2.54 29.61
C TYR D 259 35.53 -2.48 31.14
N VAL D 260 36.12 -3.52 31.73
CA VAL D 260 36.26 -3.59 33.18
C VAL D 260 37.19 -2.51 33.73
N ALA D 261 38.29 -2.29 33.02
CA ALA D 261 39.18 -1.16 33.33
C ALA D 261 38.38 0.14 33.43
N GLY D 262 37.62 0.47 32.36
CA GLY D 262 36.81 1.69 32.38
C GLY D 262 35.82 1.69 33.54
N LEU D 263 35.21 0.53 33.77
CA LEU D 263 34.21 0.39 34.82
C LEU D 263 34.83 0.55 36.20
N LYS D 264 35.87 -0.24 36.49
CA LYS D 264 36.70 -0.07 37.71
C LYS D 264 37.20 1.37 37.91
N GLN D 265 37.71 2.02 36.87
CA GLN D 265 38.05 3.44 36.97
C GLN D 265 36.87 4.31 37.43
N ALA D 266 35.68 4.12 36.86
CA ALA D 266 34.51 4.95 37.21
C ALA D 266 34.10 4.85 38.67
N ILE D 267 34.29 3.65 39.24
CA ILE D 267 34.03 3.38 40.64
C ILE D 267 34.97 4.17 41.58
N LYS D 268 36.19 4.42 41.10
CA LYS D 268 37.19 5.21 41.82
C LYS D 268 37.18 6.73 41.50
N THR D 269 36.31 7.16 40.58
CA THR D 269 36.26 8.56 40.16
C THR D 269 35.41 9.40 41.11
N PRO D 270 36.05 10.30 41.89
CA PRO D 270 35.28 11.12 42.84
C PRO D 270 34.27 12.01 42.13
N SER D 271 33.19 12.36 42.81
CA SER D 271 32.23 13.26 42.22
C SER D 271 32.12 14.44 43.15
N GLU D 272 32.22 15.65 42.61
CA GLU D 272 32.08 16.80 43.48
C GLU D 272 30.62 17.14 43.72
N GLU D 273 29.75 16.72 42.82
CA GLU D 273 28.33 16.87 43.06
C GLU D 273 27.83 16.01 44.24
N TYR D 274 28.45 14.84 44.41
CA TYR D 274 27.98 13.84 45.38
C TYR D 274 28.75 13.98 46.68
N ALA D 275 29.99 14.46 46.59
CA ALA D 275 30.72 14.88 47.78
C ALA D 275 29.94 15.96 48.55
N LYS D 276 29.10 16.72 47.83
CA LYS D 276 28.25 17.75 48.43
C LYS D 276 27.10 17.18 49.26
N ILE D 277 26.64 15.97 48.93
CA ILE D 277 25.62 15.25 49.71
C ILE D 277 26.22 14.90 51.06
N GLY D 278 27.51 14.57 51.03
CA GLY D 278 28.25 14.13 52.21
C GLY D 278 28.26 12.62 52.28
N ILE D 279 29.14 12.06 53.09
CA ILE D 279 29.11 10.61 53.32
C ILE D 279 28.13 10.23 54.45
N GLU D 280 28.16 11.01 55.53
CA GLU D 280 27.25 10.85 56.67
C GLU D 280 26.63 12.20 57.08
N LYS D 281 25.48 12.17 57.73
CA LYS D 281 24.93 13.38 58.30
C LYS D 281 24.16 13.01 59.58
N ASP D 282 24.72 13.42 60.73
CA ASP D 282 24.24 12.97 62.04
C ASP D 282 24.51 11.48 62.23
N GLY D 283 25.69 11.03 61.77
CA GLY D 283 26.12 9.64 61.87
C GLY D 283 25.47 8.68 60.87
N LYS D 284 24.35 9.11 60.29
CA LYS D 284 23.64 8.31 59.28
C LYS D 284 24.31 8.42 57.89
N ARG D 285 24.85 7.31 57.36
CA ARG D 285 25.41 7.29 56.00
C ARG D 285 24.35 7.59 54.95
N LEU D 286 24.75 8.29 53.91
CA LEU D 286 23.83 8.82 52.96
C LEU D 286 24.05 8.16 51.61
N GLN D 287 25.16 7.45 51.48
CA GLN D 287 25.53 6.74 50.27
C GLN D 287 26.70 5.86 50.68
N ILE D 288 27.13 5.00 49.76
CA ILE D 288 28.21 4.07 50.00
C ILE D 288 29.53 4.83 49.92
N ASN D 289 29.60 5.77 48.99
CA ASN D 289 30.78 6.61 48.81
C ASN D 289 30.35 7.79 47.97
N SER D 290 31.29 8.66 47.59
CA SER D 290 30.91 9.81 46.77
C SER D 290 31.50 9.74 45.37
N ASN D 291 31.91 8.54 44.94
CA ASN D 291 32.36 8.33 43.57
C ASN D 291 31.21 8.41 42.56
N VAL D 292 31.51 8.46 41.27
CA VAL D 292 30.45 8.63 40.28
C VAL D 292 29.47 7.43 40.30
N LEU D 293 30.02 6.23 40.50
CA LEU D 293 29.25 5.02 40.68
C LEU D 293 29.56 4.49 42.09
N GLN D 294 28.53 4.30 42.92
CA GLN D 294 28.76 3.66 44.24
C GLN D 294 29.24 2.21 44.03
N ILE D 295 28.60 1.53 43.08
CA ILE D 295 29.00 0.17 42.73
C ILE D 295 28.71 0.02 41.25
N GLU D 296 29.18 -1.06 40.66
CA GLU D 296 29.01 -1.28 39.21
C GLU D 296 27.56 -1.18 38.74
N ASN D 297 26.63 -1.63 39.55
CA ASN D 297 25.28 -1.69 39.09
C ASN D 297 24.61 -0.33 38.96
N GLU D 298 25.35 0.72 39.30
CA GLU D 298 24.83 2.09 39.18
C GLU D 298 25.01 2.70 37.79
N LEU D 299 25.86 2.10 36.97
CA LEU D 299 26.01 2.54 35.61
C LEU D 299 24.76 2.22 34.79
N TYR D 300 24.00 3.24 34.40
CA TYR D 300 22.82 3.03 33.55
C TYR D 300 23.17 2.40 32.20
N ALA D 301 22.30 1.53 31.70
CA ALA D 301 22.56 0.91 30.42
C ALA D 301 21.32 0.23 29.89
N PRO D 302 21.16 0.29 28.56
CA PRO D 302 20.09 -0.43 27.88
C PRO D 302 20.34 -1.94 27.84
N ILE D 303 21.58 -2.38 27.98
CA ILE D 303 21.90 -3.79 27.89
C ILE D 303 23.17 -3.97 28.74
N ARG D 304 23.35 -5.14 29.36
CA ARG D 304 24.46 -5.32 30.32
C ARG D 304 25.10 -6.69 30.11
N PRO D 305 26.45 -6.76 30.09
CA PRO D 305 27.13 -8.08 30.06
C PRO D 305 27.10 -8.68 31.46
N LYS D 306 26.81 -9.98 31.58
CA LYS D 306 26.68 -10.59 32.90
C LYS D 306 27.41 -11.92 33.00
N ARG D 307 27.89 -12.20 34.21
CA ARG D 307 28.21 -13.59 34.61
C ARG D 307 27.71 -13.71 36.04
N VAL D 308 27.05 -14.82 36.37
CA VAL D 308 26.63 -15.04 37.75
C VAL D 308 27.78 -14.93 38.76
N THR D 309 27.61 -14.10 39.78
CA THR D 309 28.68 -13.88 40.73
C THR D 309 28.77 -14.97 41.85
N ARG D 310 29.99 -15.32 42.21
CA ARG D 310 30.26 -16.11 43.41
C ARG D 310 30.29 -15.20 44.64
N SER D 311 30.46 -15.84 45.80
CA SER D 311 30.53 -15.13 47.08
C SER D 311 31.59 -14.03 47.09
N GLY D 312 31.15 -12.82 47.41
CA GLY D 312 32.03 -11.64 47.52
C GLY D 312 32.66 -11.20 46.20
N GLU D 313 32.01 -11.56 45.11
CA GLU D 313 32.50 -11.20 43.79
C GLU D 313 31.67 -9.99 43.32
N SER D 314 32.32 -8.96 42.80
CA SER D 314 31.57 -7.92 42.10
C SER D 314 31.28 -8.42 40.68
N PRO D 315 30.25 -7.82 40.03
CA PRO D 315 29.92 -8.09 38.62
C PRO D 315 31.16 -8.19 37.74
N SER D 316 32.06 -7.24 37.87
CA SER D 316 33.23 -7.22 36.99
C SER D 316 34.29 -8.25 37.38
N ASP D 317 34.38 -8.57 38.68
CA ASP D 317 35.20 -9.68 39.15
C ASP D 317 34.78 -10.99 38.45
N ALA D 318 33.47 -11.25 38.44
CA ALA D 318 32.91 -12.44 37.78
C ALA D 318 33.21 -12.47 36.27
N LEU D 319 33.25 -11.29 35.66
CA LEU D 319 33.53 -11.17 34.23
C LEU D 319 35.00 -11.40 33.94
N LEU D 320 35.86 -10.83 34.77
CA LEU D 320 37.32 -11.11 34.67
C LEU D 320 37.63 -12.60 34.89
N ARG D 321 36.90 -13.25 35.80
CA ARG D 321 37.14 -14.65 36.07
C ARG D 321 36.75 -15.53 34.90
N GLY D 322 35.46 -15.51 34.53
CA GLY D 322 34.94 -16.43 33.51
C GLY D 322 34.50 -15.86 32.17
N GLY D 323 34.70 -14.55 31.96
CA GLY D 323 34.23 -13.89 30.72
C GLY D 323 32.74 -13.57 30.76
N ILE D 324 32.18 -13.08 29.65
CA ILE D 324 30.73 -12.84 29.60
C ILE D 324 29.99 -14.15 29.48
N GLU D 325 28.99 -14.33 30.32
CA GLU D 325 28.21 -15.55 30.30
C GLU D 325 26.90 -15.38 29.52
N TYR D 326 26.24 -14.25 29.73
CA TYR D 326 24.95 -13.97 29.11
C TYR D 326 24.74 -12.46 29.09
N ILE D 327 23.72 -11.98 28.38
CA ILE D 327 23.44 -10.56 28.39
C ILE D 327 22.07 -10.30 28.98
N GLU D 328 21.93 -9.10 29.55
CA GLU D 328 20.66 -8.64 30.09
C GLU D 328 20.18 -7.42 29.30
N VAL D 329 19.03 -7.54 28.64
CA VAL D 329 18.39 -6.47 27.91
C VAL D 329 17.48 -5.73 28.88
N ARG D 330 17.66 -4.43 29.06
CA ARG D 330 16.98 -3.70 30.14
C ARG D 330 15.91 -2.73 29.64
N SER D 331 15.70 -2.72 28.32
CA SER D 331 14.92 -1.68 27.70
C SER D 331 13.39 -1.82 27.75
N LEU D 332 12.88 -2.99 28.10
CA LEU D 332 11.43 -3.26 28.11
C LEU D 332 10.65 -2.55 29.19
N ASP D 333 9.64 -1.77 28.77
CA ASP D 333 8.61 -1.24 29.64
C ASP D 333 7.75 -2.43 30.06
N ILE D 334 6.96 -2.24 31.08
CA ILE D 334 5.92 -3.16 31.43
C ILE D 334 4.89 -3.20 30.31
N ASN D 335 4.60 -4.41 29.86
CA ASN D 335 3.48 -4.65 28.92
C ASN D 335 2.17 -4.52 29.67
N PRO D 336 1.43 -3.43 29.42
CA PRO D 336 0.21 -3.17 30.18
C PRO D 336 -0.88 -4.17 29.87
N PHE D 337 -0.73 -4.94 28.80
CA PHE D 337 -1.77 -5.82 28.34
C PHE D 337 -1.56 -7.25 28.77
N SER D 338 -0.50 -7.51 29.53
CA SER D 338 -0.26 -8.83 30.08
C SER D 338 -0.30 -8.71 31.60
N PRO D 339 -1.02 -9.64 32.28
CA PRO D 339 -1.07 -9.58 33.73
C PRO D 339 0.30 -9.77 34.37
N ILE D 340 1.22 -10.43 33.67
CA ILE D 340 2.57 -10.57 34.16
C ILE D 340 3.59 -9.55 33.57
N GLY D 341 3.10 -8.56 32.83
CA GLY D 341 3.95 -7.48 32.26
C GLY D 341 4.88 -7.83 31.11
N VAL D 342 4.71 -9.02 30.53
CA VAL D 342 5.53 -9.47 29.41
C VAL D 342 4.86 -10.67 28.76
N ASP D 343 5.04 -10.88 27.45
CA ASP D 343 4.38 -11.98 26.79
C ASP D 343 5.29 -12.72 25.84
N GLU D 344 4.77 -13.81 25.28
CA GLU D 344 5.55 -14.69 24.41
C GLU D 344 6.01 -14.00 23.13
N GLN D 345 5.16 -13.14 22.60
CA GLN D 345 5.53 -12.37 21.40
C GLN D 345 6.79 -11.52 21.63
N GLN D 346 6.88 -10.86 22.79
CA GLN D 346 8.07 -10.08 23.16
C GLN D 346 9.29 -10.94 23.34
N VAL D 347 9.14 -12.04 24.09
CA VAL D 347 10.27 -12.98 24.32
C VAL D 347 10.81 -13.55 23.01
N ARG D 348 9.91 -13.97 22.10
CA ARG D 348 10.34 -14.48 20.80
C ARG D 348 10.98 -13.41 19.92
N PHE D 349 10.40 -12.22 19.88
CA PHE D 349 11.09 -11.16 19.16
C PHE D 349 12.53 -10.95 19.64
N LEU D 350 12.73 -10.86 20.95
CA LEU D 350 14.06 -10.66 21.52
C LEU D 350 15.03 -11.79 21.23
N ASP D 351 14.54 -13.05 21.21
CA ASP D 351 15.35 -14.17 20.70
C ASP D 351 15.93 -13.85 19.30
N LEU D 352 15.03 -13.53 18.36
CA LEU D 352 15.35 -13.24 16.97
C LEU D 352 16.34 -12.09 16.91
N PHE D 353 16.01 -11.02 17.64
CA PHE D 353 16.80 -9.81 17.63
C PHE D 353 18.18 -10.01 18.25
N MET D 354 18.26 -10.75 19.36
CA MET D 354 19.55 -10.99 20.01
C MET D 354 20.45 -11.89 19.15
N VAL D 355 19.86 -12.89 18.49
CA VAL D 355 20.64 -13.72 17.55
C VAL D 355 21.16 -12.87 16.39
N TRP D 356 20.29 -12.02 15.83
CA TRP D 356 20.75 -11.12 14.80
C TRP D 356 21.88 -10.19 15.27
N CYS D 357 21.77 -9.59 16.44
CA CYS D 357 22.89 -8.83 17.00
C CYS D 357 24.18 -9.64 17.12
N ALA D 358 24.07 -10.97 17.29
CA ALA D 358 25.24 -11.84 17.40
C ALA D 358 25.82 -12.15 16.03
N LEU D 359 24.99 -11.99 15.00
CA LEU D 359 25.39 -12.34 13.63
C LEU D 359 25.96 -11.13 12.93
N ALA D 360 25.36 -9.97 13.12
CA ALA D 360 25.74 -8.80 12.34
C ALA D 360 27.11 -8.31 12.77
N ASP D 361 28.00 -7.97 11.82
CA ASP D 361 29.26 -7.37 12.19
C ASP D 361 29.04 -6.04 12.86
N ALA D 362 29.84 -5.79 13.91
CA ALA D 362 29.75 -4.55 14.62
C ALA D 362 31.13 -3.96 14.78
N PRO D 363 31.46 -2.95 13.97
CA PRO D 363 32.74 -2.28 14.17
C PRO D 363 32.88 -1.77 15.61
N GLU D 364 34.11 -1.68 16.09
CA GLU D 364 34.37 -1.14 17.41
C GLU D 364 33.88 0.27 17.48
N MET D 365 33.48 0.71 18.67
CA MET D 365 32.96 2.07 18.84
C MET D 365 33.60 2.74 20.02
N SER D 366 33.95 4.00 19.83
CA SER D 366 34.50 4.78 20.91
C SER D 366 33.38 5.23 21.85
N SER D 367 33.77 5.75 22.99
CA SER D 367 32.86 6.33 23.96
C SER D 367 31.85 7.26 23.32
N SER D 368 32.30 8.08 22.38
CA SER D 368 31.49 9.17 21.84
C SER D 368 30.65 8.70 20.63
N GLU D 369 31.13 7.69 19.93
CA GLU D 369 30.30 6.97 18.99
C GLU D 369 29.17 6.24 19.71
N LEU D 370 29.39 5.73 20.91
CA LEU D 370 28.33 5.07 21.67
C LEU D 370 27.29 6.07 22.12
N ALA D 371 27.73 7.26 22.49
CA ALA D 371 26.79 8.31 22.89
C ALA D 371 25.95 8.75 21.68
N CYS D 372 26.56 8.74 20.50
CA CYS D 372 25.87 9.11 19.27
C CYS D 372 24.72 8.15 18.90
N THR D 373 24.81 6.88 19.31
CA THR D 373 23.72 5.91 19.06
C THR D 373 22.44 6.27 19.81
N ARG D 374 22.54 7.09 20.84
CA ARG D 374 21.38 7.59 21.58
C ARG D 374 20.46 8.52 20.80
N VAL D 375 20.99 9.18 19.76
CA VAL D 375 20.17 10.07 18.95
C VAL D 375 18.93 9.36 18.35
N ASN D 376 19.10 8.18 17.74
CA ASN D 376 17.98 7.39 17.26
C ASN D 376 17.08 6.90 18.37
N TRP D 377 17.65 6.50 19.52
CA TRP D 377 16.84 6.10 20.66
C TRP D 377 15.94 7.23 21.07
N ASN D 378 16.51 8.42 21.25
CA ASN D 378 15.70 9.59 21.67
C ASN D 378 14.59 9.98 20.71
N ARG D 379 14.85 9.92 19.40
CA ARG D 379 13.77 10.10 18.43
C ARG D 379 12.65 9.08 18.63
N VAL D 380 13.00 7.80 18.72
CA VAL D 380 12.00 6.77 18.90
C VAL D 380 11.26 6.96 20.24
N ILE D 381 12.02 7.17 21.29
CA ILE D 381 11.46 7.39 22.62
C ILE D 381 10.45 8.51 22.60
N LEU D 382 10.86 9.67 22.08
CA LEU D 382 10.03 10.88 22.15
C LEU D 382 9.00 11.01 21.04
N GLU D 383 9.22 10.36 19.91
CA GLU D 383 8.32 10.57 18.81
C GLU D 383 8.38 9.44 17.80
N GLY D 384 8.56 8.21 18.27
CA GLY D 384 8.75 7.11 17.36
C GLY D 384 7.55 6.80 16.48
N ARG D 385 6.35 7.15 16.92
CA ARG D 385 5.14 6.88 16.10
C ARG D 385 4.74 8.02 15.17
N LYS D 386 5.65 8.99 15.00
CA LYS D 386 5.40 10.14 14.16
C LYS D 386 5.44 9.79 12.67
N PRO D 387 4.36 10.12 11.93
CA PRO D 387 4.33 9.77 10.48
C PRO D 387 5.49 10.45 9.72
N GLY D 388 6.19 9.68 8.92
CA GLY D 388 7.37 10.21 8.24
C GLY D 388 8.68 10.35 9.05
N LEU D 389 8.74 9.82 10.29
CA LEU D 389 9.96 9.92 11.10
C LEU D 389 11.13 9.27 10.36
N THR D 390 12.25 9.99 10.30
CA THR D 390 13.46 9.45 9.70
C THR D 390 14.54 9.24 10.78
N LEU D 391 15.47 8.34 10.50
CA LEU D 391 16.53 8.04 11.48
C LEU D 391 17.88 8.24 10.80
N GLY D 392 18.92 8.43 11.59
CA GLY D 392 20.26 8.64 11.02
C GLY D 392 21.28 7.61 11.45
N ILE D 393 22.52 7.77 11.03
CA ILE D 393 23.56 6.91 11.57
C ILE D 393 24.33 7.72 12.60
N GLY D 394 24.36 7.24 13.84
CA GLY D 394 25.03 7.95 14.94
C GLY D 394 24.39 9.32 15.12
N CYS D 395 25.23 10.35 15.06
CA CYS D 395 24.81 11.74 15.19
C CYS D 395 24.46 12.38 13.84
N GLU D 396 24.82 11.74 12.75
CA GLU D 396 24.53 12.30 11.43
C GLU D 396 23.04 12.52 11.14
N THR D 397 22.78 13.43 10.20
CA THR D 397 21.43 13.83 9.78
C THR D 397 20.51 12.63 9.58
N ALA D 398 19.26 12.76 10.04
CA ALA D 398 18.22 11.78 9.75
C ALA D 398 17.93 11.71 8.23
N GLN D 399 17.82 10.49 7.72
CA GLN D 399 17.75 10.24 6.31
C GLN D 399 16.75 9.11 6.03
N PHE D 400 16.77 8.09 6.90
CA PHE D 400 16.11 6.80 6.64
C PHE D 400 14.75 6.70 7.27
N PRO D 401 13.72 6.56 6.43
CA PRO D 401 12.36 6.44 6.96
C PRO D 401 12.30 5.26 7.94
N LEU D 402 11.75 5.49 9.13
CA LEU D 402 11.68 4.44 10.14
C LEU D 402 11.06 3.10 9.69
N PRO D 403 9.92 3.14 8.97
CA PRO D 403 9.29 1.92 8.38
C PRO D 403 10.17 1.07 7.47
N GLN D 404 10.98 1.71 6.65
CA GLN D 404 11.82 1.01 5.70
C GLN D 404 12.95 0.29 6.46
N VAL D 405 13.45 0.94 7.50
CA VAL D 405 14.50 0.38 8.35
C VAL D 405 14.02 -0.87 9.08
N GLY D 406 12.85 -0.77 9.70
CA GLY D 406 12.21 -1.91 10.34
C GLY D 406 11.95 -3.06 9.39
N LYS D 407 11.45 -2.78 8.19
CA LYS D 407 11.28 -3.86 7.20
C LYS D 407 12.59 -4.55 6.77
N ASP D 408 13.69 -3.81 6.62
CA ASP D 408 14.98 -4.45 6.29
C ASP D 408 15.42 -5.36 7.42
N LEU D 409 15.32 -4.85 8.66
CA LEU D 409 15.69 -5.66 9.83
C LEU D 409 14.88 -6.95 9.82
N PHE D 410 13.56 -6.82 9.66
CA PHE D 410 12.68 -7.98 9.71
C PHE D 410 12.87 -8.95 8.54
N ARG D 411 13.43 -8.48 7.43
CA ARG D 411 13.83 -9.43 6.40
C ARG D 411 14.83 -10.44 6.95
N ASP D 412 15.83 -9.97 7.71
CA ASP D 412 16.83 -10.84 8.28
C ASP D 412 16.22 -11.66 9.42
N LEU D 413 15.46 -11.00 10.31
CA LEU D 413 14.84 -11.70 11.47
C LEU D 413 13.95 -12.86 11.01
N LYS D 414 13.32 -12.72 9.85
CA LYS D 414 12.45 -13.76 9.27
C LYS D 414 13.31 -15.00 8.90
N ARG D 415 14.53 -14.74 8.46
CA ARG D 415 15.46 -15.82 8.13
C ARG D 415 16.01 -16.50 9.37
N VAL D 416 16.27 -15.73 10.44
CA VAL D 416 16.56 -16.31 11.75
C VAL D 416 15.36 -17.13 12.25
N ALA D 417 14.17 -16.57 12.12
CA ALA D 417 12.93 -17.19 12.55
C ALA D 417 12.73 -18.56 11.91
N GLN D 418 12.96 -18.62 10.60
CA GLN D 418 12.85 -19.88 9.86
C GLN D 418 13.82 -20.89 10.41
N THR D 419 15.02 -20.47 10.74
CA THR D 419 16.01 -21.37 11.32
C THR D 419 15.66 -21.87 12.71
N LEU D 420 15.03 -21.03 13.54
CA LEU D 420 14.65 -21.42 14.91
C LEU D 420 13.40 -22.30 14.90
N ASP D 421 12.49 -22.02 13.98
CA ASP D 421 11.28 -22.81 13.84
C ASP D 421 11.61 -24.21 13.33
N SER D 422 12.60 -24.32 12.48
CA SER D 422 12.94 -25.61 11.92
C SER D 422 13.53 -26.54 12.99
N ILE D 423 14.24 -25.98 13.97
CA ILE D 423 14.78 -26.81 15.05
C ILE D 423 13.85 -26.94 16.25
N ASN D 424 12.74 -26.21 16.25
CA ASN D 424 11.83 -26.24 17.39
C ASN D 424 10.52 -26.90 16.99
N GLY D 425 10.27 -26.94 15.69
CA GLY D 425 8.99 -27.39 15.15
C GLY D 425 8.06 -26.20 15.10
N GLY D 426 7.08 -26.23 14.21
CA GLY D 426 6.05 -25.18 14.14
C GLY D 426 6.51 -23.90 13.44
N GLU D 427 5.70 -22.85 13.53
CA GLU D 427 6.07 -21.60 12.88
C GLU D 427 5.93 -20.37 13.77
N ALA D 428 6.16 -20.56 15.06
CA ALA D 428 5.89 -19.52 16.06
C ALA D 428 6.76 -18.28 15.89
N TYR D 429 8.05 -18.46 15.60
CA TYR D 429 8.93 -17.33 15.36
C TYR D 429 8.59 -16.59 14.09
N GLN D 430 8.36 -17.29 12.99
CA GLN D 430 7.87 -16.64 11.76
C GLN D 430 6.55 -15.89 11.92
N LYS D 431 5.62 -16.43 12.71
CA LYS D 431 4.36 -15.73 12.98
C LYS D 431 4.58 -14.37 13.71
N VAL D 432 5.57 -14.33 14.62
CA VAL D 432 5.93 -13.11 15.35
C VAL D 432 6.52 -12.07 14.40
N CYS D 433 7.39 -12.50 13.50
CA CYS D 433 7.95 -11.57 12.52
C CYS D 433 6.82 -10.92 11.76
N ASP D 434 5.89 -11.73 11.28
CA ASP D 434 4.73 -11.24 10.52
C ASP D 434 3.86 -10.28 11.28
N GLU D 435 3.69 -10.52 12.57
CA GLU D 435 2.83 -9.69 13.40
C GLU D 435 3.43 -8.33 13.61
N LEU D 436 4.74 -8.31 13.85
CA LEU D 436 5.41 -7.11 14.31
C LEU D 436 5.87 -6.24 13.15
N VAL D 437 6.14 -6.85 11.99
CA VAL D 437 6.52 -6.06 10.82
C VAL D 437 5.32 -5.19 10.45
N ALA D 438 4.12 -5.68 10.72
CA ALA D 438 2.90 -4.90 10.59
C ALA D 438 2.91 -3.61 11.41
N CYS D 439 3.65 -3.59 12.51
CA CYS D 439 3.72 -2.36 13.31
C CYS D 439 4.54 -1.23 12.63
N PHE D 440 5.41 -1.62 11.70
CA PHE D 440 6.12 -0.63 10.91
C PHE D 440 5.22 0.02 9.85
N ASP D 441 4.25 -0.73 9.31
CA ASP D 441 3.28 -0.13 8.40
C ASP D 441 2.20 0.65 9.13
N ASN D 442 1.97 0.35 10.39
CA ASN D 442 0.98 1.10 11.14
C ASN D 442 1.39 1.21 12.60
N PRO D 443 1.91 2.38 12.99
CA PRO D 443 2.31 2.51 14.38
C PRO D 443 1.15 2.47 15.38
N ASP D 444 -0.08 2.53 14.89
CA ASP D 444 -1.25 2.41 15.79
C ASP D 444 -1.46 0.99 16.35
N LEU D 445 -0.77 0.03 15.77
CA LEU D 445 -0.68 -1.31 16.31
C LEU D 445 0.24 -1.47 17.56
N THR D 446 1.10 -0.50 17.84
CA THR D 446 2.17 -0.69 18.84
C THR D 446 1.57 -0.56 20.25
N PHE D 447 2.29 -1.02 21.26
CA PHE D 447 1.80 -0.92 22.63
C PHE D 447 1.50 0.52 23.00
N SER D 448 2.32 1.46 22.55
CA SER D 448 2.23 2.85 23.02
C SER D 448 1.04 3.59 22.40
N ALA D 449 0.71 3.25 21.16
CA ALA D 449 -0.47 3.83 20.50
C ALA D 449 -1.70 3.35 21.21
N ARG D 450 -1.72 2.05 21.47
CA ARG D 450 -2.80 1.44 22.20
C ARG D 450 -3.00 1.97 23.62
N ILE D 451 -1.93 2.07 24.40
CA ILE D 451 -2.16 2.45 25.79
C ILE D 451 -2.44 3.96 25.90
N LEU D 452 -1.95 4.72 24.93
CA LEU D 452 -2.19 6.17 24.93
C LEU D 452 -3.67 6.44 24.70
N ARG D 453 -4.27 5.71 23.76
CA ARG D 453 -5.72 5.86 23.54
C ARG D 453 -6.44 5.68 24.83
N SER D 454 -6.05 4.65 25.55
CA SER D 454 -6.73 4.31 26.78
C SER D 454 -6.50 5.35 27.83
N MET D 455 -5.28 5.87 27.92
CA MET D 455 -4.93 6.92 28.90
C MET D 455 -5.55 8.28 28.59
N ILE D 456 -5.63 8.64 27.32
CA ILE D 456 -6.35 9.85 26.95
C ILE D 456 -7.85 9.78 27.33
N ASP D 457 -8.48 8.61 27.18
CA ASP D 457 -9.88 8.46 27.62
C ASP D 457 -10.07 8.41 29.13
N THR D 458 -9.20 7.70 29.84
CA THR D 458 -9.42 7.49 31.28
C THR D 458 -8.27 7.92 32.21
N GLY D 459 -7.16 8.38 31.67
CA GLY D 459 -6.02 8.81 32.49
C GLY D 459 -5.04 7.68 32.80
N ILE D 460 -3.85 8.02 33.29
CA ILE D 460 -2.90 6.99 33.70
C ILE D 460 -3.49 6.24 34.87
N GLY D 461 -3.99 6.99 35.86
CA GLY D 461 -4.50 6.41 37.09
C GLY D 461 -5.68 5.51 36.82
N GLY D 462 -6.65 6.05 36.07
CA GLY D 462 -7.85 5.33 35.70
C GLY D 462 -7.50 4.09 34.93
N THR D 463 -6.62 4.23 33.94
CA THR D 463 -6.20 3.08 33.14
C THR D 463 -5.46 2.05 33.99
N GLY D 464 -4.46 2.48 34.74
CA GLY D 464 -3.73 1.56 35.59
C GLY D 464 -4.60 0.84 36.61
N LYS D 465 -5.55 1.55 37.21
CA LYS D 465 -6.42 0.95 38.24
C LYS D 465 -7.32 -0.13 37.67
N ALA D 466 -7.96 0.17 36.54
CA ALA D 466 -8.81 -0.77 35.84
C ALA D 466 -8.05 -2.00 35.38
N PHE D 467 -6.82 -1.82 34.87
CA PHE D 467 -6.02 -2.99 34.50
C PHE D 467 -5.62 -3.77 35.75
N ALA D 468 -5.25 -3.07 36.80
CA ALA D 468 -4.76 -3.71 38.03
C ALA D 468 -5.88 -4.48 38.74
N GLU D 469 -7.08 -3.90 38.74
CA GLU D 469 -8.28 -4.58 39.26
C GLU D 469 -8.61 -5.85 38.47
N ALA D 470 -8.67 -5.73 37.14
CA ALA D 470 -8.96 -6.89 36.30
C ALA D 470 -7.93 -8.00 36.46
N TYR D 471 -6.65 -7.61 36.56
CA TYR D 471 -5.56 -8.59 36.64
C TYR D 471 -5.53 -9.25 38.00
N ARG D 472 -5.89 -8.49 39.03
CA ARG D 472 -6.02 -9.05 40.38
C ARG D 472 -7.08 -10.17 40.42
N ASN D 473 -8.31 -9.84 39.98
CA ASN D 473 -9.40 -10.84 39.93
C ASN D 473 -9.07 -12.03 39.04
N LEU D 474 -8.39 -11.78 37.93
CA LEU D 474 -7.98 -12.86 37.07
C LEU D 474 -6.93 -13.75 37.73
N LEU D 475 -5.86 -13.16 38.27
CA LEU D 475 -4.75 -13.97 38.76
C LEU D 475 -5.08 -14.64 40.10
N ARG D 476 -6.08 -14.11 40.80
CA ARG D 476 -6.45 -14.72 42.06
C ARG D 476 -7.29 -16.00 41.90
N GLU D 477 -7.94 -16.14 40.74
CA GLU D 477 -8.72 -17.32 40.40
C GLU D 477 -7.95 -18.39 39.63
N GLU D 478 -6.80 -18.07 39.02
CA GLU D 478 -6.06 -19.11 38.27
C GLU D 478 -5.26 -20.06 39.17
N PRO D 479 -5.41 -21.36 38.97
CA PRO D 479 -4.60 -22.28 39.76
C PRO D 479 -3.11 -22.27 39.41
N LEU D 480 -2.27 -22.40 40.42
CA LEU D 480 -0.85 -22.62 40.21
C LEU D 480 -0.62 -23.82 39.27
N GLU D 481 0.41 -23.73 38.43
CA GLU D 481 0.72 -24.81 37.51
C GLU D 481 2.05 -25.52 37.75
N ILE D 482 3.14 -24.79 38.03
CA ILE D 482 4.46 -25.43 38.24
C ILE D 482 4.86 -25.45 39.73
N LEU D 483 4.66 -24.33 40.41
CA LEU D 483 4.89 -24.21 41.84
C LEU D 483 3.59 -24.35 42.61
N ARG D 484 3.59 -25.11 43.69
CA ARG D 484 2.37 -25.27 44.47
C ARG D 484 2.48 -24.41 45.72
N GLU D 485 1.34 -24.18 46.37
CA GLU D 485 1.32 -23.38 47.57
C GLU D 485 2.45 -23.82 48.48
N GLU D 486 2.71 -25.12 48.51
CA GLU D 486 3.71 -25.69 49.38
C GLU D 486 5.17 -25.34 49.00
N ASP D 487 5.40 -25.07 47.72
CA ASP D 487 6.72 -24.60 47.28
C ASP D 487 6.97 -23.17 47.75
N PHE D 488 5.93 -22.35 47.78
CA PHE D 488 6.04 -21.01 48.27
C PHE D 488 6.26 -20.97 49.78
N VAL D 489 5.48 -21.76 50.54
CA VAL D 489 5.66 -21.89 51.99
C VAL D 489 7.07 -22.36 52.31
N ALA D 490 7.54 -23.40 51.62
CA ALA D 490 8.91 -23.86 51.85
C ALA D 490 9.94 -22.76 51.53
N GLU D 491 9.74 -22.02 50.43
CA GLU D 491 10.71 -21.01 50.05
C GLU D 491 10.59 -19.80 50.99
N ARG D 492 9.38 -19.46 51.41
CA ARG D 492 9.20 -18.47 52.45
C ARG D 492 10.08 -18.78 53.68
N GLU D 493 9.89 -19.98 54.24
CA GLU D 493 10.59 -20.39 55.45
C GLU D 493 12.10 -20.49 55.23
N ALA D 494 12.51 -21.06 54.11
CA ALA D 494 13.93 -21.13 53.81
C ALA D 494 14.59 -19.75 53.71
N SER D 495 13.87 -18.79 53.11
CA SER D 495 14.45 -17.49 52.83
C SER D 495 14.52 -16.71 54.17
N GLU D 496 13.50 -16.85 55.00
CA GLU D 496 13.53 -16.28 56.35
C GLU D 496 14.70 -16.84 57.19
N ARG D 497 14.94 -18.14 57.06
CA ARG D 497 16.01 -18.77 57.75
C ARG D 497 17.36 -18.28 57.24
N ARG D 498 17.55 -18.21 55.93
CA ARG D 498 18.82 -17.68 55.38
C ARG D 498 19.15 -16.26 55.88
N GLN D 499 18.14 -15.39 55.97
CA GLN D 499 18.35 -14.03 56.45
C GLN D 499 18.72 -14.02 57.93
N GLN D 500 17.96 -14.73 58.78
CA GLN D 500 18.28 -14.89 60.21
C GLN D 500 19.70 -15.41 60.42
N GLU D 501 20.13 -16.33 59.60
CA GLU D 501 21.47 -16.86 59.71
C GLU D 501 22.53 -15.79 59.38
N MET D 502 22.29 -14.98 58.34
CA MET D 502 23.21 -13.87 58.03
C MET D 502 23.17 -12.82 59.15
N GLU D 503 22.00 -12.59 59.73
CA GLU D 503 21.88 -11.63 60.81
C GLU D 503 22.64 -12.06 62.10
N ALA D 504 22.63 -13.38 62.37
CA ALA D 504 23.26 -13.96 63.56
C ALA D 504 24.76 -14.23 63.37
N ALA D 505 25.23 -14.29 62.12
CA ALA D 505 26.64 -14.45 61.85
C ALA D 505 27.51 -13.43 62.65
N ASP D 506 28.76 -13.80 62.93
CA ASP D 506 29.67 -12.87 63.54
C ASP D 506 30.36 -12.23 62.38
N THR D 507 29.85 -11.09 61.96
CA THR D 507 30.41 -10.46 60.80
C THR D 507 31.40 -9.34 61.18
N GLU D 508 32.27 -9.04 60.22
CA GLU D 508 33.18 -7.93 60.33
C GLU D 508 32.48 -6.61 60.69
N PRO D 509 33.23 -5.69 61.30
CA PRO D 509 32.84 -4.29 61.41
C PRO D 509 32.41 -3.74 60.04
N PHE D 510 31.30 -2.99 60.01
CA PHE D 510 30.69 -2.57 58.76
C PHE D 510 31.62 -1.80 57.85
N ALA D 511 32.41 -0.86 58.37
CA ALA D 511 33.33 -0.06 57.54
C ALA D 511 34.44 -0.89 56.90
N VAL D 512 34.93 -1.86 57.65
CA VAL D 512 36.00 -2.72 57.18
C VAL D 512 35.44 -3.61 56.09
N TRP D 513 34.21 -4.04 56.33
CA TRP D 513 33.52 -4.93 55.43
C TRP D 513 33.15 -4.22 54.12
N LEU D 514 32.88 -2.92 54.20
CA LEU D 514 32.64 -2.08 53.03
C LEU D 514 33.88 -2.03 52.17
N GLU D 515 35.01 -1.61 52.74
CA GLU D 515 36.28 -1.52 52.03
C GLU D 515 36.62 -2.83 51.32
N LYS D 516 36.17 -3.97 51.86
CA LYS D 516 36.52 -5.25 51.24
C LYS D 516 35.42 -5.87 50.37
N HIS D 517 34.44 -5.05 49.99
CA HIS D 517 33.40 -5.42 49.02
C HIS D 517 33.84 -4.97 47.60
N ALA D 518 33.47 -5.73 46.57
CA ALA D 518 33.78 -5.36 45.16
C ALA D 518 35.26 -5.54 44.72
#